data_4YBQ
#
_entry.id   4YBQ
#
_cell.length_a   76.773
_cell.length_b   151.541
_cell.length_c   106.396
_cell.angle_alpha   90.00
_cell.angle_beta   97.25
_cell.angle_gamma   90.00
#
_symmetry.space_group_name_H-M   'P 1 21 1'
#
loop_
_entity.id
_entity.type
_entity.pdbx_description
1 polymer 'Solute carrier family 2, facilitated glucose transporter member 5'
2 polymer 'antibody Fv fragment light chain'
3 polymer 'antibody Fv fragment heavy chain'
#
loop_
_entity_poly.entity_id
_entity_poly.type
_entity_poly.pdbx_seq_one_letter_code
_entity_poly.pdbx_strand_id
1 'polypeptide(L)'
;MEKEDQEKTGKLTLVLALATFLAAFGSSFQYGYNVAAVNSPSEFMQQFYYDTYYDRNKENIESFTLTLLWSLTVSMFPFG
GFIGSLMVGFLVNNLGRKGALLFNNIFSILPAILMGCSKIAKSFEIIIASRLLVGICAGISSNVVPMYLGELAPKNLRGA
LGVVPQLFITVGILVAQLFGLRSVLASEEGWPILLGLTGVPAGLQLLLLPFFPESPRYLLIQKKNESAAEKALQTLRGWK
DVDMEMEEIRKEDEAEKAAGFISVWKLFRMQSLRWQLISTIVLMAGQQLSGVNAIYYYADQIYLSAGVKSNDVQYVTAGT
GAVNVFMTMVTVFVVELWGRRNLLLIGFSTCLTACIVLTVALALQNTISWMPYVSIVCVIVYVIGHAVGPSPIPALFITE
IFLQSSRPSAYMIGGSVHWLSNFIVGLIFPFIQVGLGPYSFIIFAIICLLTTIYIFMVVPETKGRTFVEINQIFAKKNKV
SDVYPEKEEKELNDLPPATREQENLYFQ
;
A,B
2 'polypeptide(L)'
;ELDIVLTQSPLSLPVSLGDQASISCRSSQSIVHSNGNTYLEWYLQKPGQSPKLLIYKVSNRFSGVPDRFSGSGSGTDFTL
KISRVEAEDLGVYYCFQGSHVPYTFGGGTKLEIKTSENLYFQ
;
C,E
3 'polypeptide(L)'
;LEVNLVESGGGLVQPGGSRKLSCAASGFTFSSFGMHWVRQAPEKGLEWVAHISSGSRTIDYADTVKGRFTISRDNPKNTL
FLQMTSLRSEDTAIYYCARGNGYYDALDYWGQGTSVTVSSAKTTPPSVTSENLYFQ
;
D,F
#
# COMPACT_ATOMS: atom_id res chain seq x y z
N GLU A 7 20.17 -27.73 28.44
CA GLU A 7 19.55 -27.76 27.12
C GLU A 7 18.40 -26.78 27.04
N LYS A 8 18.15 -26.28 25.82
CA LYS A 8 17.06 -25.36 25.59
C LYS A 8 15.73 -26.04 25.32
N THR A 9 14.72 -25.69 26.13
CA THR A 9 13.43 -26.36 26.08
C THR A 9 12.67 -25.98 24.81
N GLY A 10 12.16 -27.00 24.11
CA GLY A 10 11.42 -26.76 22.89
C GLY A 10 9.99 -26.37 23.19
N LYS A 11 9.34 -25.77 22.20
CA LYS A 11 7.97 -25.30 22.36
C LYS A 11 7.07 -25.82 21.24
N LEU A 12 5.76 -25.74 21.45
CA LEU A 12 4.81 -26.16 20.42
C LEU A 12 4.55 -25.03 19.43
N THR A 13 4.90 -25.28 18.18
CA THR A 13 4.70 -24.29 17.12
C THR A 13 3.49 -24.65 16.28
N LEU A 14 3.14 -23.78 15.35
CA LEU A 14 2.01 -24.01 14.47
C LEU A 14 2.32 -25.11 13.47
N VAL A 15 3.55 -25.11 12.98
CA VAL A 15 3.99 -26.10 12.01
C VAL A 15 3.98 -27.50 12.62
N LEU A 16 4.49 -27.61 13.85
CA LEU A 16 4.54 -28.89 14.55
C LEU A 16 3.15 -29.37 14.95
N ALA A 17 2.32 -28.45 15.42
CA ALA A 17 0.97 -28.79 15.83
C ALA A 17 0.12 -29.21 14.62
N LEU A 18 0.36 -28.58 13.48
CA LEU A 18 -0.38 -28.91 12.26
C LEU A 18 0.12 -30.20 11.65
N ALA A 19 1.41 -30.45 11.75
CA ALA A 19 1.99 -31.70 11.28
C ALA A 19 1.46 -32.87 12.12
N THR A 20 1.51 -32.67 13.43
CA THR A 20 0.98 -33.64 14.38
C THR A 20 -0.48 -33.92 14.10
N PHE A 21 -1.25 -32.85 13.95
CA PHE A 21 -2.68 -33.00 13.69
C PHE A 21 -2.94 -33.75 12.41
N LEU A 22 -2.25 -33.39 11.33
CA LEU A 22 -2.48 -34.04 10.04
C LEU A 22 -2.16 -35.53 10.12
N ALA A 23 -0.97 -35.85 10.61
CA ALA A 23 -0.54 -37.24 10.74
C ALA A 23 -1.51 -38.05 11.59
N ALA A 24 -1.74 -37.57 12.81
CA ALA A 24 -2.61 -38.28 13.76
C ALA A 24 -4.05 -38.39 13.25
N PHE A 25 -4.59 -37.31 12.71
CA PHE A 25 -5.94 -37.30 12.15
C PHE A 25 -6.03 -38.33 11.04
N GLY A 26 -5.31 -38.12 9.93
CA GLY A 26 -5.47 -39.04 8.83
C GLY A 26 -5.19 -40.47 9.23
N SER A 27 -3.96 -40.75 9.68
CA SER A 27 -3.58 -42.13 9.93
C SER A 27 -4.26 -42.74 11.15
N SER A 28 -4.12 -42.10 12.30
CA SER A 28 -4.59 -42.68 13.55
C SER A 28 -6.09 -42.49 13.77
N PHE A 29 -6.69 -41.43 13.21
CA PHE A 29 -8.14 -41.28 13.32
C PHE A 29 -8.85 -42.15 12.27
N GLN A 30 -8.23 -42.37 11.11
CA GLN A 30 -8.81 -43.35 10.21
C GLN A 30 -8.63 -44.76 10.76
N TYR A 31 -7.59 -44.96 11.55
CA TYR A 31 -7.42 -46.22 12.26
C TYR A 31 -8.45 -46.41 13.37
N GLY A 32 -8.59 -45.42 14.24
CA GLY A 32 -9.57 -45.50 15.32
C GLY A 32 -11.00 -45.63 14.84
N TYR A 33 -11.36 -44.83 13.84
CA TYR A 33 -12.67 -44.89 13.21
C TYR A 33 -12.85 -46.26 12.55
N ASN A 34 -11.77 -46.77 11.95
CA ASN A 34 -11.81 -48.03 11.19
C ASN A 34 -12.06 -49.24 12.09
N VAL A 35 -11.39 -49.30 13.23
CA VAL A 35 -11.55 -50.46 14.10
C VAL A 35 -13.01 -50.68 14.50
N ALA A 36 -13.77 -49.60 14.66
CA ALA A 36 -15.20 -49.76 14.91
C ALA A 36 -15.88 -50.40 13.69
N ALA A 37 -15.46 -49.98 12.50
CA ALA A 37 -16.01 -50.49 11.25
C ALA A 37 -15.62 -51.95 11.00
N VAL A 38 -14.44 -52.34 11.48
CA VAL A 38 -13.94 -53.70 11.30
C VAL A 38 -14.83 -54.72 12.01
N ILE A 61 -24.30 -77.13 10.61
CA ILE A 61 -23.30 -76.76 9.61
C ILE A 61 -23.28 -75.26 9.33
N GLU A 62 -24.44 -74.68 9.03
CA GLU A 62 -24.50 -73.26 8.74
C GLU A 62 -24.06 -72.47 9.96
N SER A 63 -24.46 -72.91 11.15
CA SER A 63 -24.06 -72.22 12.37
C SER A 63 -22.54 -72.27 12.48
N PHE A 64 -22.00 -73.47 12.25
CA PHE A 64 -20.57 -73.74 12.32
C PHE A 64 -19.81 -73.00 11.24
N THR A 65 -20.44 -72.90 10.07
CA THR A 65 -19.89 -72.15 8.96
C THR A 65 -19.83 -70.70 9.34
N LEU A 66 -20.86 -70.23 10.03
CA LEU A 66 -20.87 -68.86 10.49
C LEU A 66 -19.75 -68.60 11.49
N THR A 67 -19.56 -69.48 12.47
CA THR A 67 -18.47 -69.19 13.39
C THR A 67 -17.08 -69.22 12.75
N LEU A 68 -16.84 -70.17 11.86
CA LEU A 68 -15.53 -70.18 11.18
C LEU A 68 -15.30 -69.02 10.22
N LEU A 69 -16.37 -68.68 9.48
CA LEU A 69 -16.36 -67.56 8.55
C LEU A 69 -16.16 -66.21 9.21
N TRP A 70 -16.99 -65.97 10.21
CA TRP A 70 -16.96 -64.75 11.00
C TRP A 70 -15.59 -64.63 11.65
N SER A 71 -15.10 -65.76 12.18
CA SER A 71 -13.80 -65.78 12.84
C SER A 71 -12.68 -65.47 11.86
N LEU A 72 -12.77 -66.02 10.66
CA LEU A 72 -11.77 -65.79 9.63
C LEU A 72 -11.73 -64.32 9.23
N THR A 73 -12.91 -63.74 9.00
CA THR A 73 -12.99 -62.34 8.59
C THR A 73 -12.47 -61.41 9.67
N VAL A 74 -12.84 -61.66 10.92
CA VAL A 74 -12.32 -60.82 11.99
C VAL A 74 -10.86 -61.11 12.27
N SER A 75 -10.36 -62.26 11.80
CA SER A 75 -8.95 -62.59 11.95
C SER A 75 -8.07 -61.98 10.85
N MET A 76 -8.70 -61.63 9.73
CA MET A 76 -7.95 -61.04 8.62
C MET A 76 -7.37 -59.68 8.99
N PHE A 77 -8.10 -58.96 9.84
CA PHE A 77 -7.67 -57.62 10.24
C PHE A 77 -6.38 -57.61 11.09
N PRO A 78 -6.33 -58.40 12.19
CA PRO A 78 -5.08 -58.37 12.96
C PRO A 78 -3.91 -59.01 12.22
N PHE A 79 -4.20 -59.96 11.34
CA PHE A 79 -3.16 -60.56 10.51
C PHE A 79 -2.65 -59.51 9.54
N GLY A 80 -3.57 -58.67 9.07
CA GLY A 80 -3.21 -57.55 8.22
C GLY A 80 -2.31 -56.58 8.97
N GLY A 81 -2.67 -56.30 10.22
CA GLY A 81 -1.87 -55.43 11.06
C GLY A 81 -0.49 -56.02 11.32
N PHE A 82 -0.43 -57.34 11.39
CA PHE A 82 0.81 -58.07 11.56
C PHE A 82 1.72 -57.87 10.34
N ILE A 83 1.16 -58.13 9.16
CA ILE A 83 1.90 -57.94 7.91
C ILE A 83 2.38 -56.49 7.77
N GLY A 84 1.47 -55.55 8.04
CA GLY A 84 1.78 -54.14 7.99
C GLY A 84 2.91 -53.77 8.92
N SER A 85 2.89 -54.36 10.12
CA SER A 85 3.94 -54.14 11.11
C SER A 85 5.27 -54.69 10.61
N LEU A 86 5.20 -55.79 9.86
CA LEU A 86 6.41 -56.39 9.32
C LEU A 86 7.03 -55.52 8.24
N MET A 87 6.19 -54.82 7.47
CA MET A 87 6.69 -54.03 6.35
C MET A 87 6.95 -52.59 6.75
N VAL A 88 6.84 -52.29 8.05
CA VAL A 88 7.12 -50.95 8.57
C VAL A 88 8.56 -50.50 8.29
N GLY A 89 9.54 -51.30 8.68
CA GLY A 89 10.93 -50.95 8.52
C GLY A 89 11.35 -50.62 7.10
N PHE A 90 10.85 -51.39 6.14
CA PHE A 90 11.10 -51.16 4.72
C PHE A 90 10.65 -49.75 4.30
N LEU A 91 9.35 -49.50 4.44
CA LEU A 91 8.75 -48.23 4.07
C LEU A 91 9.38 -47.06 4.81
N VAL A 92 9.58 -47.20 6.11
CA VAL A 92 10.14 -46.13 6.93
C VAL A 92 11.56 -45.82 6.49
N ASN A 93 12.38 -46.84 6.30
CA ASN A 93 13.79 -46.64 6.01
C ASN A 93 14.04 -46.32 4.54
N ASN A 94 12.99 -46.33 3.74
CA ASN A 94 13.13 -45.92 2.34
C ASN A 94 12.44 -44.59 2.08
N LEU A 95 11.12 -44.59 2.23
CA LEU A 95 10.30 -43.42 1.99
C LEU A 95 10.38 -42.38 3.11
N GLY A 96 10.70 -42.84 4.31
CA GLY A 96 10.70 -41.96 5.47
C GLY A 96 9.44 -42.18 6.27
N ARG A 97 9.30 -41.46 7.38
CA ARG A 97 8.12 -41.56 8.22
C ARG A 97 6.89 -40.99 7.51
N LYS A 98 7.04 -39.81 6.93
CA LYS A 98 5.98 -39.19 6.14
C LYS A 98 5.58 -40.06 4.95
N GLY A 99 6.58 -40.54 4.20
CA GLY A 99 6.33 -41.39 3.05
C GLY A 99 5.58 -42.65 3.47
N ALA A 100 5.96 -43.18 4.63
CA ALA A 100 5.29 -44.34 5.19
C ALA A 100 3.84 -43.99 5.49
N LEU A 101 3.60 -42.79 5.98
CA LEU A 101 2.24 -42.35 6.29
C LEU A 101 1.40 -42.22 5.02
N LEU A 102 2.06 -41.88 3.91
CA LEU A 102 1.37 -41.74 2.63
C LEU A 102 1.05 -43.11 2.02
N PHE A 103 1.94 -44.08 2.20
CA PHE A 103 1.63 -45.45 1.81
C PHE A 103 0.55 -46.03 2.70
N ASN A 104 0.55 -45.61 3.96
CA ASN A 104 -0.52 -45.95 4.87
C ASN A 104 -1.81 -45.36 4.33
N ASN A 105 -1.69 -44.24 3.63
CA ASN A 105 -2.85 -43.59 3.03
C ASN A 105 -3.35 -44.30 1.79
N ILE A 106 -2.47 -44.90 0.99
CA ILE A 106 -2.98 -45.66 -0.15
C ILE A 106 -3.58 -46.99 0.32
N PHE A 107 -2.97 -47.58 1.35
CA PHE A 107 -3.51 -48.79 1.96
C PHE A 107 -4.84 -48.50 2.65
N SER A 108 -5.06 -47.26 3.04
CA SER A 108 -6.34 -46.83 3.62
C SER A 108 -7.40 -46.52 2.56
N ILE A 109 -6.98 -45.84 1.49
CA ILE A 109 -7.88 -45.40 0.44
C ILE A 109 -8.38 -46.57 -0.41
N LEU A 110 -7.49 -47.51 -0.72
CA LEU A 110 -7.82 -48.64 -1.59
C LEU A 110 -9.05 -49.45 -1.14
N PRO A 111 -9.19 -49.75 0.17
CA PRO A 111 -10.42 -50.44 0.57
C PRO A 111 -11.69 -49.63 0.33
N ALA A 112 -11.62 -48.31 0.46
CA ALA A 112 -12.78 -47.43 0.20
C ALA A 112 -13.19 -47.44 -1.27
N ILE A 113 -12.19 -47.43 -2.15
CA ILE A 113 -12.43 -47.53 -3.59
C ILE A 113 -12.96 -48.92 -3.92
N LEU A 114 -12.47 -49.92 -3.19
CA LEU A 114 -12.97 -51.29 -3.30
C LEU A 114 -14.40 -51.37 -2.78
N MET A 115 -14.78 -50.42 -1.91
CA MET A 115 -16.15 -50.30 -1.46
C MET A 115 -17.04 -49.63 -2.52
N GLY A 116 -16.50 -48.67 -3.26
CA GLY A 116 -17.20 -48.11 -4.41
C GLY A 116 -17.41 -49.15 -5.49
N CYS A 117 -16.38 -49.95 -5.72
CA CYS A 117 -16.46 -51.07 -6.65
C CYS A 117 -17.43 -52.08 -6.08
N SER A 118 -17.47 -52.17 -4.75
CA SER A 118 -18.39 -53.07 -4.07
C SER A 118 -19.80 -52.62 -4.40
N LYS A 119 -19.98 -51.30 -4.50
CA LYS A 119 -21.27 -50.77 -4.91
C LYS A 119 -21.53 -51.23 -6.34
N ILE A 120 -20.48 -51.22 -7.16
CA ILE A 120 -20.63 -51.74 -8.52
C ILE A 120 -20.74 -53.27 -8.52
N ALA A 121 -19.75 -53.95 -7.94
CA ALA A 121 -19.78 -55.40 -7.80
C ALA A 121 -19.13 -55.87 -6.50
N LYS A 122 -19.77 -56.78 -5.78
CA LYS A 122 -19.29 -57.16 -4.45
C LYS A 122 -19.24 -58.68 -4.26
N SER A 123 -18.14 -59.17 -3.70
CA SER A 123 -17.99 -60.57 -3.35
C SER A 123 -17.39 -60.66 -1.95
N PHE A 124 -17.57 -61.82 -1.32
CA PHE A 124 -17.08 -62.03 0.04
C PHE A 124 -15.55 -62.05 0.10
N GLU A 125 -14.93 -62.47 -0.99
CA GLU A 125 -13.48 -62.49 -1.08
C GLU A 125 -12.94 -61.06 -1.10
N ILE A 126 -13.67 -60.17 -1.75
CA ILE A 126 -13.29 -58.77 -1.79
C ILE A 126 -13.41 -58.18 -0.40
N ILE A 127 -14.39 -58.67 0.36
CA ILE A 127 -14.56 -58.26 1.76
C ILE A 127 -13.34 -58.66 2.57
N ILE A 128 -12.89 -59.90 2.35
CA ILE A 128 -11.69 -60.42 3.00
C ILE A 128 -10.44 -59.59 2.68
N ALA A 129 -10.24 -59.33 1.39
CA ALA A 129 -9.10 -58.54 0.92
C ALA A 129 -9.15 -57.12 1.46
N SER A 130 -10.36 -56.57 1.56
CA SER A 130 -10.57 -55.22 2.08
C SER A 130 -10.17 -55.17 3.55
N ARG A 131 -10.60 -56.17 4.32
CA ARG A 131 -10.25 -56.20 5.74
C ARG A 131 -8.76 -56.47 5.94
N LEU A 132 -8.14 -57.11 4.95
CA LEU A 132 -6.71 -57.35 4.99
C LEU A 132 -5.93 -56.05 4.77
N LEU A 133 -6.29 -55.32 3.72
CA LEU A 133 -5.67 -54.02 3.43
C LEU A 133 -5.90 -53.03 4.57
N VAL A 134 -7.11 -53.05 5.12
CA VAL A 134 -7.45 -52.21 6.27
C VAL A 134 -6.59 -52.58 7.46
N GLY A 135 -6.33 -53.89 7.63
CA GLY A 135 -5.47 -54.35 8.69
C GLY A 135 -4.05 -53.83 8.51
N ILE A 136 -3.51 -53.97 7.30
CA ILE A 136 -2.19 -53.46 6.99
C ILE A 136 -2.08 -51.98 7.32
N CYS A 137 -3.08 -51.22 6.87
CA CYS A 137 -3.17 -49.79 7.19
C CYS A 137 -3.14 -49.55 8.70
N ALA A 138 -3.89 -50.38 9.43
CA ALA A 138 -3.97 -50.27 10.88
C ALA A 138 -2.60 -50.43 11.53
N GLY A 139 -1.91 -51.52 11.18
CA GLY A 139 -0.61 -51.79 11.72
C GLY A 139 0.41 -50.71 11.40
N ILE A 140 0.53 -50.39 10.11
CA ILE A 140 1.47 -49.38 9.66
C ILE A 140 1.23 -48.04 10.34
N SER A 141 -0.04 -47.62 10.41
CA SER A 141 -0.39 -46.36 11.07
C SER A 141 0.04 -46.40 12.54
N SER A 142 -0.46 -47.40 13.25
CA SER A 142 -0.21 -47.55 14.68
C SER A 142 1.27 -47.54 15.02
N ASN A 143 2.09 -48.11 14.14
CA ASN A 143 3.53 -48.12 14.39
C ASN A 143 4.24 -46.83 13.98
N VAL A 144 3.89 -46.28 12.82
CA VAL A 144 4.63 -45.17 12.23
C VAL A 144 4.28 -43.81 12.86
N VAL A 145 3.01 -43.57 13.14
CA VAL A 145 2.61 -42.26 13.66
C VAL A 145 3.36 -41.88 14.94
N PRO A 146 3.43 -42.78 15.95
CA PRO A 146 4.20 -42.38 17.14
C PRO A 146 5.69 -42.25 16.85
N MET A 147 6.16 -42.95 15.83
CA MET A 147 7.55 -42.89 15.41
C MET A 147 7.83 -41.54 14.76
N TYR A 148 6.93 -41.14 13.86
CA TYR A 148 7.05 -39.87 13.17
C TYR A 148 6.97 -38.69 14.14
N LEU A 149 5.91 -38.67 14.96
CA LEU A 149 5.73 -37.60 15.94
C LEU A 149 6.81 -37.63 17.00
N GLY A 150 7.38 -38.82 17.23
CA GLY A 150 8.43 -38.98 18.20
C GLY A 150 9.74 -38.39 17.72
N GLU A 151 10.05 -38.61 16.44
CA GLU A 151 11.29 -38.07 15.88
C GLU A 151 11.12 -36.60 15.49
N LEU A 152 9.88 -36.18 15.33
CA LEU A 152 9.56 -34.81 14.96
C LEU A 152 9.67 -33.89 16.17
N ALA A 153 8.85 -34.16 17.17
CA ALA A 153 8.76 -33.33 18.36
C ALA A 153 10.01 -33.38 19.24
N PRO A 154 10.23 -32.33 20.05
CA PRO A 154 11.24 -32.36 21.12
C PRO A 154 10.78 -33.33 22.22
N LYS A 155 11.69 -33.73 23.11
CA LYS A 155 11.41 -34.82 24.06
C LYS A 155 10.10 -34.69 24.87
N ASN A 156 9.84 -33.51 25.41
CA ASN A 156 8.59 -33.27 26.12
C ASN A 156 7.39 -33.48 25.20
N LEU A 157 7.43 -32.78 24.07
CA LEU A 157 6.37 -32.93 23.09
C LEU A 157 6.49 -34.32 22.46
N ARG A 158 7.67 -34.94 22.56
CA ARG A 158 7.79 -36.30 22.08
C ARG A 158 6.86 -37.19 22.88
N GLY A 159 6.81 -36.96 24.19
CA GLY A 159 5.88 -37.65 25.07
C GLY A 159 4.41 -37.33 24.84
N ALA A 160 4.12 -36.04 24.69
CA ALA A 160 2.74 -35.60 24.53
C ALA A 160 2.21 -36.01 23.16
N LEU A 161 2.86 -35.53 22.12
CA LEU A 161 2.48 -35.86 20.75
C LEU A 161 2.70 -37.34 20.52
N GLY A 162 3.42 -38.00 21.44
CA GLY A 162 3.55 -39.44 21.41
C GLY A 162 2.23 -40.06 21.83
N VAL A 163 1.54 -39.40 22.76
CA VAL A 163 0.23 -39.90 23.20
C VAL A 163 -0.89 -39.54 22.22
N VAL A 164 -0.75 -38.38 21.58
CA VAL A 164 -1.78 -37.84 20.65
C VAL A 164 -2.39 -38.82 19.62
N PRO A 165 -1.59 -39.69 18.98
CA PRO A 165 -2.22 -40.63 18.04
C PRO A 165 -3.29 -41.53 18.69
N GLN A 166 -3.04 -41.98 19.91
CA GLN A 166 -4.03 -42.81 20.59
C GLN A 166 -5.24 -41.96 20.95
N LEU A 167 -5.02 -40.67 21.17
CA LEU A 167 -6.11 -39.76 21.42
C LEU A 167 -7.01 -39.71 20.20
N PHE A 168 -6.41 -39.64 19.02
CA PHE A 168 -7.19 -39.64 17.79
C PHE A 168 -7.84 -41.00 17.53
N ILE A 169 -7.24 -42.06 18.07
CA ILE A 169 -7.84 -43.39 17.99
C ILE A 169 -9.11 -43.47 18.84
N THR A 170 -9.07 -42.87 20.03
CA THR A 170 -10.21 -42.85 20.95
C THR A 170 -11.31 -41.95 20.38
N VAL A 171 -10.88 -40.80 19.87
CA VAL A 171 -11.77 -39.86 19.18
C VAL A 171 -12.45 -40.69 18.13
N GLY A 172 -11.68 -41.14 17.15
CA GLY A 172 -12.20 -41.95 16.07
C GLY A 172 -13.20 -43.01 16.48
N ILE A 173 -12.86 -43.95 17.36
CA ILE A 173 -13.89 -44.88 17.87
C ILE A 173 -15.17 -44.20 18.36
N LEU A 174 -15.00 -43.07 19.06
CA LEU A 174 -16.12 -42.34 19.64
C LEU A 174 -17.06 -41.80 18.57
N VAL A 175 -16.50 -40.96 17.70
CA VAL A 175 -17.19 -40.41 16.55
C VAL A 175 -17.76 -41.50 15.66
N ALA A 176 -17.08 -42.65 15.62
CA ALA A 176 -17.50 -43.78 14.82
C ALA A 176 -18.84 -44.30 15.30
N GLN A 177 -18.91 -44.62 16.59
CA GLN A 177 -20.14 -45.20 17.12
C GLN A 177 -21.24 -44.15 17.28
N LEU A 178 -20.86 -42.96 17.71
CA LEU A 178 -21.78 -41.83 17.82
C LEU A 178 -22.45 -41.46 16.49
N PHE A 179 -21.63 -41.28 15.46
CA PHE A 179 -22.13 -40.96 14.11
C PHE A 179 -22.82 -42.15 13.47
N GLY A 180 -22.44 -43.36 13.89
CA GLY A 180 -23.11 -44.55 13.41
C GLY A 180 -24.54 -44.57 13.89
N LEU A 181 -24.70 -44.36 15.19
CA LEU A 181 -26.02 -44.29 15.81
C LEU A 181 -26.84 -43.12 15.26
N ARG A 182 -26.22 -41.95 15.16
CA ARG A 182 -26.89 -40.76 14.62
C ARG A 182 -27.33 -41.00 13.18
N SER A 183 -26.51 -41.76 12.45
CA SER A 183 -26.86 -42.15 11.09
C SER A 183 -28.12 -43.00 11.12
N VAL A 184 -28.08 -44.06 11.91
CA VAL A 184 -29.21 -44.98 12.05
C VAL A 184 -30.50 -44.24 12.38
N LEU A 185 -30.40 -43.24 13.25
CA LEU A 185 -31.53 -42.37 13.57
C LEU A 185 -31.95 -41.54 12.35
N ALA A 186 -30.96 -41.07 11.59
CA ALA A 186 -31.22 -40.26 10.42
C ALA A 186 -31.69 -41.09 9.22
N SER A 187 -31.01 -42.22 8.99
CA SER A 187 -31.28 -43.07 7.84
C SER A 187 -30.55 -44.40 7.93
N GLU A 188 -30.95 -45.37 7.11
CA GLU A 188 -30.33 -46.68 7.10
C GLU A 188 -28.84 -46.62 6.79
N GLU A 189 -28.47 -45.84 5.77
CA GLU A 189 -27.06 -45.66 5.44
C GLU A 189 -26.72 -44.22 5.06
N GLY A 190 -25.53 -43.79 5.44
CA GLY A 190 -25.06 -42.44 5.23
C GLY A 190 -24.07 -42.29 4.10
N TRP A 191 -24.16 -43.18 3.11
CA TRP A 191 -23.07 -43.43 2.16
C TRP A 191 -22.28 -42.21 1.66
N PRO A 192 -22.95 -41.16 1.14
CA PRO A 192 -22.11 -40.06 0.67
C PRO A 192 -21.38 -39.36 1.81
N ILE A 193 -22.07 -39.19 2.93
CA ILE A 193 -21.51 -38.52 4.11
C ILE A 193 -20.42 -39.37 4.75
N LEU A 194 -20.62 -40.70 4.78
CA LEU A 194 -19.61 -41.60 5.34
C LEU A 194 -18.36 -41.68 4.46
N LEU A 195 -18.57 -41.79 3.16
CA LEU A 195 -17.45 -41.83 2.20
C LEU A 195 -16.68 -40.52 2.25
N GLY A 196 -17.41 -39.41 2.39
CA GLY A 196 -16.78 -38.12 2.56
C GLY A 196 -16.01 -38.06 3.85
N LEU A 197 -16.57 -38.64 4.91
CA LEU A 197 -15.97 -38.63 6.23
C LEU A 197 -14.66 -39.42 6.26
N THR A 198 -14.62 -40.53 5.53
CA THR A 198 -13.39 -41.32 5.43
C THR A 198 -12.40 -40.68 4.47
N GLY A 199 -12.92 -39.96 3.48
CA GLY A 199 -12.10 -39.29 2.50
C GLY A 199 -11.35 -38.07 3.03
N VAL A 200 -12.03 -37.30 3.88
CA VAL A 200 -11.50 -36.03 4.38
C VAL A 200 -10.14 -36.11 5.07
N PRO A 201 -9.95 -37.03 6.03
CA PRO A 201 -8.63 -37.05 6.68
C PRO A 201 -7.50 -37.46 5.74
N ALA A 202 -7.76 -38.43 4.88
CA ALA A 202 -6.78 -38.88 3.90
C ALA A 202 -6.50 -37.77 2.88
N GLY A 203 -7.55 -37.05 2.52
CA GLY A 203 -7.42 -35.95 1.57
C GLY A 203 -6.59 -34.81 2.14
N LEU A 204 -6.90 -34.44 3.37
CA LEU A 204 -6.19 -33.37 4.06
C LEU A 204 -4.74 -33.73 4.30
N GLN A 205 -4.48 -34.99 4.62
CA GLN A 205 -3.12 -35.46 4.83
C GLN A 205 -2.34 -35.46 3.52
N LEU A 206 -2.93 -36.05 2.49
CA LEU A 206 -2.26 -36.12 1.19
C LEU A 206 -1.98 -34.74 0.63
N LEU A 207 -2.93 -33.82 0.77
CA LEU A 207 -2.73 -32.44 0.31
C LEU A 207 -1.70 -31.68 1.14
N LEU A 208 -1.94 -31.58 2.45
CA LEU A 208 -1.14 -30.69 3.29
C LEU A 208 0.18 -31.27 3.80
N LEU A 209 0.17 -32.51 4.28
CA LEU A 209 1.33 -33.09 4.97
C LEU A 209 2.64 -33.19 4.16
N PRO A 210 2.57 -33.50 2.85
CA PRO A 210 3.83 -33.54 2.09
C PRO A 210 4.64 -32.24 2.14
N PHE A 211 3.97 -31.14 2.46
CA PHE A 211 4.59 -29.83 2.55
C PHE A 211 5.11 -29.52 3.96
N PHE A 212 5.08 -30.55 4.81
CA PHE A 212 5.53 -30.42 6.19
C PHE A 212 6.84 -31.18 6.35
N PRO A 213 7.68 -30.75 7.30
CA PRO A 213 9.03 -31.31 7.39
C PRO A 213 9.05 -32.81 7.66
N GLU A 214 10.03 -33.50 7.08
CA GLU A 214 10.24 -34.90 7.39
C GLU A 214 10.85 -35.01 8.78
N SER A 215 11.08 -36.24 9.22
CA SER A 215 11.81 -36.44 10.46
C SER A 215 13.23 -35.91 10.28
N PRO A 216 13.61 -34.91 11.09
CA PRO A 216 14.95 -34.32 10.97
C PRO A 216 16.03 -35.36 11.23
N ARG A 217 15.69 -36.35 12.05
CA ARG A 217 16.59 -37.44 12.36
C ARG A 217 16.78 -38.36 11.15
N TYR A 218 15.70 -38.60 10.43
CA TYR A 218 15.75 -39.35 9.17
C TYR A 218 16.63 -38.63 8.16
N LEU A 219 16.49 -37.30 8.12
CA LEU A 219 17.20 -36.48 7.15
C LEU A 219 18.69 -36.44 7.42
N LEU A 220 19.06 -36.18 8.68
CA LEU A 220 20.45 -36.01 9.04
C LEU A 220 21.22 -37.33 9.07
N ILE A 221 20.58 -38.37 9.60
CA ILE A 221 21.26 -39.65 9.77
C ILE A 221 21.08 -40.56 8.54
N GLN A 222 19.85 -41.01 8.33
CA GLN A 222 19.56 -41.97 7.28
C GLN A 222 19.69 -41.39 5.87
N LYS A 223 19.15 -40.19 5.66
CA LYS A 223 19.19 -39.58 4.33
C LYS A 223 20.43 -38.70 4.20
N LYS A 224 21.16 -38.54 5.31
CA LYS A 224 22.45 -37.85 5.33
C LYS A 224 22.39 -36.42 4.79
N ASN A 225 21.31 -35.71 5.07
CA ASN A 225 21.21 -34.32 4.62
C ASN A 225 21.25 -33.37 5.81
N GLU A 226 22.35 -32.63 5.93
CA GLU A 226 22.53 -31.71 7.05
C GLU A 226 21.62 -30.50 6.89
N SER A 227 21.60 -29.95 5.67
CA SER A 227 20.83 -28.74 5.39
C SER A 227 19.33 -28.96 5.56
N ALA A 228 18.81 -30.01 4.95
CA ALA A 228 17.37 -30.32 5.02
C ALA A 228 16.94 -30.56 6.47
N ALA A 229 17.76 -31.27 7.22
CA ALA A 229 17.46 -31.55 8.62
C ALA A 229 17.52 -30.27 9.44
N GLU A 230 18.46 -29.40 9.10
CA GLU A 230 18.62 -28.11 9.78
C GLU A 230 17.38 -27.25 9.59
N LYS A 231 16.95 -27.10 8.35
CA LYS A 231 15.78 -26.29 8.03
C LYS A 231 14.51 -26.91 8.61
N ALA A 232 14.43 -28.24 8.58
CA ALA A 232 13.30 -28.96 9.16
C ALA A 232 13.20 -28.66 10.65
N LEU A 233 14.33 -28.72 11.35
CA LEU A 233 14.37 -28.42 12.77
C LEU A 233 14.07 -26.96 13.05
N GLN A 234 14.48 -26.09 12.14
CA GLN A 234 14.19 -24.67 12.28
C GLN A 234 12.68 -24.44 12.24
N THR A 235 12.02 -24.99 11.23
CA THR A 235 10.57 -24.84 11.08
C THR A 235 9.80 -25.52 12.21
N LEU A 236 10.31 -26.66 12.68
CA LEU A 236 9.63 -27.42 13.73
C LEU A 236 9.72 -26.74 15.10
N ARG A 237 10.94 -26.33 15.46
CA ARG A 237 11.19 -25.76 16.78
C ARG A 237 10.77 -24.30 16.87
N GLY A 238 10.98 -23.55 15.79
CA GLY A 238 10.61 -22.15 15.76
C GLY A 238 11.78 -21.19 15.95
N TRP A 239 13.00 -21.74 15.99
CA TRP A 239 14.19 -20.91 16.13
C TRP A 239 15.25 -21.20 15.07
N LYS A 240 16.18 -20.24 14.90
CA LYS A 240 17.22 -20.34 13.90
C LYS A 240 18.28 -21.38 14.26
N ASP A 241 18.70 -21.37 15.52
CA ASP A 241 19.85 -22.18 15.90
C ASP A 241 19.44 -23.54 16.45
N VAL A 242 19.65 -24.56 15.63
CA VAL A 242 19.36 -25.95 15.96
C VAL A 242 20.60 -26.75 16.33
N ASP A 243 21.75 -26.09 16.36
CA ASP A 243 23.05 -26.74 16.43
C ASP A 243 23.20 -27.80 17.51
N MET A 244 22.72 -27.52 18.71
CA MET A 244 22.88 -28.44 19.83
C MET A 244 22.06 -29.71 19.63
N GLU A 245 20.86 -29.54 19.09
CA GLU A 245 19.98 -30.66 18.82
C GLU A 245 20.51 -31.52 17.69
N MET A 246 21.08 -30.86 16.68
CA MET A 246 21.66 -31.59 15.55
C MET A 246 22.88 -32.39 15.99
N GLU A 247 23.76 -31.77 16.78
CA GLU A 247 24.94 -32.49 17.27
C GLU A 247 24.51 -33.63 18.19
N GLU A 248 23.40 -33.44 18.90
CA GLU A 248 22.82 -34.52 19.71
C GLU A 248 22.37 -35.69 18.81
N ILE A 249 21.73 -35.35 17.70
CA ILE A 249 21.29 -36.34 16.73
C ILE A 249 22.50 -37.08 16.15
N ARG A 250 23.60 -36.36 15.98
CA ARG A 250 24.81 -37.00 15.47
C ARG A 250 25.46 -37.86 16.55
N LYS A 251 25.18 -37.54 17.82
CA LYS A 251 25.62 -38.39 18.91
C LYS A 251 24.88 -39.73 18.78
N GLU A 252 23.58 -39.64 18.46
CA GLU A 252 22.82 -40.86 18.20
C GLU A 252 23.38 -41.60 16.99
N ASP A 253 23.78 -40.83 15.98
CA ASP A 253 24.32 -41.39 14.75
C ASP A 253 25.53 -42.25 15.07
N GLU A 254 26.49 -41.67 15.79
CA GLU A 254 27.73 -42.41 16.11
C GLU A 254 27.46 -43.52 17.12
N ALA A 255 26.35 -43.41 17.85
CA ALA A 255 25.93 -44.49 18.75
C ALA A 255 25.42 -45.70 17.95
N GLU A 256 24.73 -45.43 16.85
CA GLU A 256 24.18 -46.46 15.97
C GLU A 256 25.14 -46.92 14.88
N LYS A 257 26.25 -46.20 14.73
CA LYS A 257 27.23 -46.54 13.71
C LYS A 257 27.97 -47.83 14.08
N ALA A 258 28.13 -48.04 15.38
CA ALA A 258 28.73 -49.26 15.89
C ALA A 258 27.79 -50.45 15.69
N ALA A 259 26.49 -50.18 15.73
CA ALA A 259 25.47 -51.22 15.60
C ALA A 259 25.22 -51.66 14.16
N GLY A 260 25.16 -50.71 13.23
CA GLY A 260 24.92 -51.04 11.83
C GLY A 260 23.46 -51.06 11.44
N PHE A 261 23.13 -51.90 10.45
CA PHE A 261 21.77 -52.01 9.92
C PHE A 261 20.73 -52.36 10.97
N ILE A 262 21.09 -53.28 11.86
CA ILE A 262 20.20 -53.80 12.91
C ILE A 262 18.91 -54.38 12.34
N SER A 263 19.03 -55.50 11.67
CA SER A 263 17.86 -56.28 11.27
C SER A 263 17.22 -56.85 12.52
N VAL A 264 15.94 -57.19 12.44
CA VAL A 264 15.18 -57.73 13.58
C VAL A 264 15.93 -58.87 14.26
N TRP A 265 16.52 -59.74 13.44
CA TRP A 265 17.29 -60.87 13.95
C TRP A 265 18.51 -60.38 14.72
N LYS A 266 19.20 -59.42 14.13
CA LYS A 266 20.37 -58.83 14.75
C LYS A 266 19.96 -58.12 16.02
N LEU A 267 18.75 -57.56 16.02
CA LEU A 267 18.21 -56.91 17.19
C LEU A 267 18.06 -57.95 18.29
N PHE A 268 17.58 -59.13 17.92
CA PHE A 268 17.44 -60.23 18.88
C PHE A 268 18.79 -60.75 19.36
N ARG A 269 19.85 -60.51 18.58
CA ARG A 269 21.18 -60.96 18.96
C ARG A 269 21.92 -59.95 19.84
N MET A 270 21.38 -58.75 19.97
CA MET A 270 22.05 -57.67 20.70
C MET A 270 21.65 -57.60 22.17
N GLN A 271 22.65 -57.68 23.05
CA GLN A 271 22.43 -57.57 24.50
C GLN A 271 22.07 -56.14 24.89
N SER A 272 22.69 -55.17 24.23
CA SER A 272 22.46 -53.76 24.51
C SER A 272 21.00 -53.39 24.35
N LEU A 273 20.33 -54.02 23.38
CA LEU A 273 18.92 -53.76 23.12
C LEU A 273 18.03 -54.82 23.76
N ARG A 274 18.64 -55.74 24.51
CA ARG A 274 17.93 -56.93 24.98
C ARG A 274 16.82 -56.64 25.98
N TRP A 275 17.14 -55.95 27.07
CA TRP A 275 16.12 -55.64 28.07
C TRP A 275 15.10 -54.67 27.51
N GLN A 276 15.51 -53.89 26.52
CA GLN A 276 14.64 -52.97 25.81
C GLN A 276 13.63 -53.75 24.97
N LEU A 277 14.14 -54.80 24.32
CA LEU A 277 13.33 -55.70 23.52
C LEU A 277 12.31 -56.44 24.39
N ILE A 278 12.80 -57.02 25.47
CA ILE A 278 11.94 -57.71 26.44
C ILE A 278 10.88 -56.74 26.96
N SER A 279 11.30 -55.49 27.18
CA SER A 279 10.37 -54.46 27.63
C SER A 279 9.25 -54.23 26.62
N THR A 280 9.61 -54.01 25.36
CA THR A 280 8.62 -53.78 24.32
C THR A 280 7.66 -54.97 24.18
N ILE A 281 8.22 -56.16 24.09
CA ILE A 281 7.42 -57.37 23.96
C ILE A 281 6.46 -57.54 25.13
N VAL A 282 6.98 -57.48 26.35
CA VAL A 282 6.15 -57.63 27.55
C VAL A 282 5.06 -56.56 27.61
N LEU A 283 5.40 -55.35 27.20
CA LEU A 283 4.45 -54.23 27.23
C LEU A 283 3.29 -54.45 26.26
N MET A 284 3.62 -54.74 25.00
CA MET A 284 2.60 -54.92 23.98
C MET A 284 1.75 -56.15 24.26
N ALA A 285 2.43 -57.27 24.50
CA ALA A 285 1.77 -58.53 24.81
C ALA A 285 0.85 -58.37 26.00
N GLY A 286 1.36 -57.79 27.09
CA GLY A 286 0.56 -57.57 28.28
C GLY A 286 -0.64 -56.68 28.01
N GLN A 287 -0.42 -55.64 27.21
CA GLN A 287 -1.48 -54.72 26.83
C GLN A 287 -2.64 -55.44 26.15
N GLN A 288 -2.32 -56.28 25.17
CA GLN A 288 -3.35 -56.98 24.43
C GLN A 288 -3.92 -58.19 25.20
N LEU A 289 -3.13 -58.69 26.15
CA LEU A 289 -3.53 -59.82 26.98
C LEU A 289 -4.23 -59.36 28.24
N SER A 290 -4.47 -58.05 28.33
CA SER A 290 -5.15 -57.48 29.49
C SER A 290 -6.67 -57.65 29.36
N GLY A 291 -7.12 -58.18 28.23
CA GLY A 291 -8.53 -58.47 28.03
C GLY A 291 -9.37 -57.29 27.61
N VAL A 292 -8.78 -56.38 26.82
CA VAL A 292 -9.46 -55.17 26.38
C VAL A 292 -10.72 -55.44 25.56
N ASN A 293 -10.62 -56.33 24.59
CA ASN A 293 -11.73 -56.63 23.69
C ASN A 293 -12.87 -57.35 24.41
N ALA A 294 -12.51 -58.17 25.39
CA ALA A 294 -13.49 -58.84 26.24
C ALA A 294 -14.38 -57.78 26.87
N ILE A 295 -13.75 -56.75 27.41
CA ILE A 295 -14.48 -55.64 28.02
C ILE A 295 -15.28 -54.94 26.94
N TYR A 296 -14.68 -54.83 25.75
CA TYR A 296 -15.29 -54.12 24.64
C TYR A 296 -16.66 -54.66 24.23
N TYR A 297 -16.74 -55.96 23.92
CA TYR A 297 -18.03 -56.46 23.47
C TYR A 297 -18.85 -57.16 24.56
N TYR A 298 -18.28 -57.34 25.75
CA TYR A 298 -19.08 -57.84 26.87
C TYR A 298 -19.57 -56.70 27.76
N ALA A 299 -19.17 -55.48 27.43
CA ALA A 299 -19.68 -54.30 28.11
C ALA A 299 -21.22 -54.31 28.06
N ASP A 300 -21.76 -54.45 26.86
CA ASP A 300 -23.21 -54.50 26.68
C ASP A 300 -23.83 -55.66 27.47
N GLN A 301 -23.07 -56.73 27.64
CA GLN A 301 -23.52 -57.88 28.42
C GLN A 301 -23.66 -57.54 29.90
N ILE A 302 -22.65 -56.85 30.46
CA ILE A 302 -22.73 -56.45 31.86
C ILE A 302 -23.80 -55.37 32.03
N TYR A 303 -24.06 -54.61 30.97
CA TYR A 303 -25.08 -53.58 31.01
C TYR A 303 -26.45 -54.25 31.04
N LEU A 304 -26.56 -55.37 30.34
CA LEU A 304 -27.75 -56.21 30.40
C LEU A 304 -27.90 -56.83 31.79
N SER A 305 -26.77 -57.17 32.40
CA SER A 305 -26.76 -57.70 33.76
C SER A 305 -27.31 -56.64 34.71
N ALA A 306 -27.00 -55.38 34.43
CA ALA A 306 -27.54 -54.26 35.19
C ALA A 306 -29.02 -54.06 34.90
N GLY A 307 -29.45 -54.45 33.70
CA GLY A 307 -30.82 -54.26 33.29
C GLY A 307 -31.00 -53.02 32.43
N VAL A 308 -29.88 -52.44 32.01
CA VAL A 308 -29.87 -51.24 31.19
C VAL A 308 -30.45 -51.46 29.79
N LYS A 309 -31.30 -50.54 29.35
CA LYS A 309 -31.95 -50.59 28.03
C LYS A 309 -30.96 -50.45 26.88
N SER A 310 -31.28 -51.07 25.75
CA SER A 310 -30.39 -51.08 24.58
C SER A 310 -30.03 -49.67 24.11
N ASN A 311 -30.99 -48.77 24.14
CA ASN A 311 -30.71 -47.36 23.85
C ASN A 311 -29.82 -46.79 24.93
N ASP A 312 -30.15 -47.11 26.18
CA ASP A 312 -29.35 -46.68 27.31
C ASP A 312 -27.95 -47.34 27.34
N VAL A 313 -27.83 -48.57 26.87
CA VAL A 313 -26.51 -49.19 26.79
C VAL A 313 -25.72 -48.49 25.68
N GLN A 314 -26.42 -48.08 24.62
CA GLN A 314 -25.79 -47.30 23.56
C GLN A 314 -25.26 -45.98 24.15
N TYR A 315 -26.06 -45.41 25.04
CA TYR A 315 -25.69 -44.16 25.70
C TYR A 315 -24.49 -44.32 26.62
N VAL A 316 -24.42 -45.43 27.34
CA VAL A 316 -23.30 -45.64 28.26
C VAL A 316 -22.05 -46.11 27.52
N THR A 317 -22.21 -46.69 26.34
CA THR A 317 -21.05 -46.97 25.48
C THR A 317 -20.49 -45.66 24.95
N ALA A 318 -21.40 -44.75 24.60
CA ALA A 318 -21.00 -43.40 24.20
C ALA A 318 -20.26 -42.74 25.37
N GLY A 319 -20.78 -42.93 26.57
CA GLY A 319 -20.17 -42.38 27.77
C GLY A 319 -18.80 -42.96 28.06
N THR A 320 -18.63 -44.26 27.84
CA THR A 320 -17.33 -44.90 28.00
C THR A 320 -16.35 -44.36 26.98
N GLY A 321 -16.85 -44.08 25.78
CA GLY A 321 -16.03 -43.47 24.75
C GLY A 321 -15.57 -42.09 25.18
N ALA A 322 -16.49 -41.32 25.75
CA ALA A 322 -16.18 -39.98 26.26
C ALA A 322 -15.14 -40.04 27.37
N VAL A 323 -15.31 -41.02 28.26
CA VAL A 323 -14.35 -41.25 29.34
C VAL A 323 -12.98 -41.57 28.77
N ASN A 324 -12.95 -42.44 27.76
CA ASN A 324 -11.70 -42.84 27.13
C ASN A 324 -10.99 -41.64 26.51
N VAL A 325 -11.71 -40.86 25.73
CA VAL A 325 -11.14 -39.70 25.05
C VAL A 325 -10.64 -38.64 26.06
N PHE A 326 -11.52 -38.26 26.98
CA PHE A 326 -11.17 -37.26 27.99
C PHE A 326 -9.96 -37.69 28.80
N MET A 327 -10.01 -38.90 29.32
CA MET A 327 -8.90 -39.44 30.08
C MET A 327 -7.67 -39.69 29.22
N THR A 328 -7.84 -39.66 27.90
CA THR A 328 -6.70 -39.75 26.99
C THR A 328 -6.04 -38.39 26.81
N MET A 329 -6.82 -37.32 26.84
CA MET A 329 -6.25 -35.97 26.85
C MET A 329 -5.50 -35.77 28.17
N VAL A 330 -6.20 -36.07 29.25
CA VAL A 330 -5.60 -36.12 30.57
C VAL A 330 -4.36 -37.00 30.53
N THR A 331 -4.43 -38.08 29.75
CA THR A 331 -3.30 -38.98 29.60
C THR A 331 -2.16 -38.27 28.88
N VAL A 332 -2.45 -37.36 27.96
CA VAL A 332 -1.39 -36.62 27.29
C VAL A 332 -0.64 -35.77 28.31
N PHE A 333 -1.40 -34.87 28.94
CA PHE A 333 -0.78 -33.91 29.86
C PHE A 333 -0.09 -34.59 31.03
N VAL A 334 -0.72 -35.61 31.58
CA VAL A 334 -0.18 -36.36 32.70
C VAL A 334 1.00 -37.23 32.27
N VAL A 335 0.96 -37.78 31.06
CA VAL A 335 2.12 -38.51 30.52
C VAL A 335 3.32 -37.60 30.49
N GLU A 336 3.10 -36.34 30.14
CA GLU A 336 4.23 -35.42 30.14
C GLU A 336 4.68 -35.01 31.53
N LEU A 337 3.74 -34.73 32.42
CA LEU A 337 4.10 -34.24 33.76
C LEU A 337 4.64 -35.33 34.71
N TRP A 338 3.87 -36.41 34.86
CA TRP A 338 4.20 -37.47 35.82
C TRP A 338 5.25 -38.45 35.28
N GLY A 339 5.25 -38.66 33.96
CA GLY A 339 6.16 -39.62 33.37
C GLY A 339 5.45 -40.86 32.87
N ARG A 340 6.14 -41.63 32.02
CA ARG A 340 5.54 -42.79 31.37
C ARG A 340 5.45 -43.98 32.32
N ARG A 341 6.51 -44.18 33.09
CA ARG A 341 6.60 -45.29 34.05
C ARG A 341 5.44 -45.31 35.03
N ASN A 342 5.33 -44.26 35.82
CA ASN A 342 4.28 -44.14 36.83
C ASN A 342 2.88 -44.33 36.26
N LEU A 343 2.68 -43.90 35.01
CA LEU A 343 1.39 -44.03 34.36
C LEU A 343 1.13 -45.47 33.92
N LEU A 344 2.17 -46.14 33.46
CA LEU A 344 2.08 -47.57 33.16
C LEU A 344 1.68 -48.33 34.41
N LEU A 345 2.37 -48.02 35.51
CA LEU A 345 2.07 -48.62 36.80
C LEU A 345 0.62 -48.38 37.21
N ILE A 346 0.20 -47.11 37.20
CA ILE A 346 -1.16 -46.74 37.57
C ILE A 346 -2.20 -47.48 36.73
N GLY A 347 -2.01 -47.48 35.42
CA GLY A 347 -2.93 -48.13 34.51
C GLY A 347 -3.05 -49.63 34.72
N PHE A 348 -1.92 -50.32 34.69
CA PHE A 348 -1.92 -51.76 34.87
C PHE A 348 -2.42 -52.20 36.24
N SER A 349 -2.11 -51.41 37.27
CA SER A 349 -2.56 -51.72 38.63
C SER A 349 -4.06 -51.53 38.76
N THR A 350 -4.56 -50.41 38.24
CA THR A 350 -5.99 -50.13 38.27
C THR A 350 -6.75 -51.17 37.47
N CYS A 351 -6.14 -51.68 36.40
CA CYS A 351 -6.76 -52.71 35.59
C CYS A 351 -6.72 -54.06 36.29
N LEU A 352 -5.68 -54.28 37.09
CA LEU A 352 -5.57 -55.50 37.89
C LEU A 352 -6.67 -55.54 38.93
N THR A 353 -6.75 -54.48 39.73
CA THR A 353 -7.79 -54.34 40.74
C THR A 353 -9.16 -54.43 40.07
N ALA A 354 -9.30 -53.77 38.93
CA ALA A 354 -10.53 -53.83 38.15
C ALA A 354 -10.90 -55.27 37.83
N CYS A 355 -9.93 -56.05 37.37
CA CYS A 355 -10.15 -57.45 37.03
C CYS A 355 -10.59 -58.28 38.23
N ILE A 356 -9.78 -58.28 39.29
CA ILE A 356 -10.08 -59.10 40.47
C ILE A 356 -11.43 -58.73 41.10
N VAL A 357 -11.60 -57.42 41.35
CA VAL A 357 -12.84 -56.90 41.89
C VAL A 357 -13.98 -57.24 40.95
N LEU A 358 -13.72 -57.28 39.64
CA LEU A 358 -14.75 -57.68 38.68
C LEU A 358 -15.17 -59.12 38.87
N THR A 359 -14.20 -60.01 39.07
CA THR A 359 -14.51 -61.42 39.25
C THR A 359 -15.35 -61.64 40.51
N VAL A 360 -14.93 -61.00 41.61
CA VAL A 360 -15.69 -61.10 42.85
C VAL A 360 -17.06 -60.49 42.65
N ALA A 361 -17.10 -59.42 41.85
CA ALA A 361 -18.32 -58.70 41.57
C ALA A 361 -19.31 -59.59 40.84
N LEU A 362 -18.85 -60.27 39.79
CA LEU A 362 -19.73 -61.12 39.01
C LEU A 362 -20.20 -62.31 39.84
N ALA A 363 -19.33 -62.79 40.74
CA ALA A 363 -19.75 -63.86 41.66
C ALA A 363 -20.90 -63.40 42.57
N LEU A 364 -20.72 -62.20 43.13
CA LEU A 364 -21.66 -61.57 44.05
C LEU A 364 -22.97 -61.01 43.44
N GLN A 365 -22.91 -60.64 42.17
CA GLN A 365 -24.04 -60.07 41.44
C GLN A 365 -25.18 -61.04 41.15
N ASN A 366 -24.87 -62.32 41.05
CA ASN A 366 -25.90 -63.33 40.88
C ASN A 366 -26.60 -63.56 42.21
N THR A 367 -25.83 -63.42 43.29
CA THR A 367 -26.33 -63.49 44.66
C THR A 367 -27.00 -62.22 45.16
N ILE A 368 -26.37 -61.07 44.93
CA ILE A 368 -26.89 -59.80 45.45
C ILE A 368 -26.99 -58.73 44.38
N SER A 369 -28.11 -58.02 44.37
CA SER A 369 -28.38 -57.02 43.34
C SER A 369 -27.54 -55.76 43.48
N TRP A 370 -26.95 -55.54 44.65
CA TRP A 370 -26.20 -54.30 44.81
C TRP A 370 -24.90 -54.35 44.03
N MET A 371 -24.32 -55.54 43.97
CA MET A 371 -23.01 -55.65 43.37
C MET A 371 -22.91 -55.22 41.90
N PRO A 372 -23.82 -55.74 41.02
CA PRO A 372 -23.47 -55.52 39.62
C PRO A 372 -23.23 -54.05 39.26
N TYR A 373 -23.90 -53.16 40.02
CA TYR A 373 -23.72 -51.72 39.89
C TYR A 373 -22.26 -51.38 40.08
N VAL A 374 -21.72 -51.97 41.16
CA VAL A 374 -20.33 -51.81 41.53
C VAL A 374 -19.51 -52.30 40.36
N SER A 375 -19.95 -53.40 39.76
CA SER A 375 -19.19 -53.96 38.65
C SER A 375 -19.13 -52.91 37.55
N ILE A 376 -20.24 -52.20 37.33
CA ILE A 376 -20.26 -51.15 36.31
C ILE A 376 -19.22 -50.07 36.61
N VAL A 377 -19.21 -49.62 37.86
CA VAL A 377 -18.25 -48.59 38.28
C VAL A 377 -16.81 -49.05 38.08
N CYS A 378 -16.57 -50.29 38.45
CA CYS A 378 -15.25 -50.89 38.36
C CYS A 378 -14.84 -51.02 36.89
N VAL A 379 -15.78 -51.36 36.03
CA VAL A 379 -15.52 -51.44 34.60
C VAL A 379 -15.09 -50.07 34.09
N ILE A 380 -15.78 -49.03 34.57
CA ILE A 380 -15.40 -47.67 34.20
C ILE A 380 -13.96 -47.41 34.64
N VAL A 381 -13.63 -47.87 35.85
CA VAL A 381 -12.28 -47.74 36.38
C VAL A 381 -11.28 -48.42 35.46
N TYR A 382 -11.61 -49.63 35.01
CA TYR A 382 -10.79 -50.37 34.06
C TYR A 382 -10.53 -49.56 32.81
N VAL A 383 -11.62 -49.05 32.21
CA VAL A 383 -11.55 -48.25 31.00
C VAL A 383 -10.60 -47.07 31.19
N ILE A 384 -10.70 -46.42 32.34
CA ILE A 384 -9.81 -45.31 32.68
C ILE A 384 -8.36 -45.76 32.74
N GLY A 385 -8.11 -46.77 33.56
CA GLY A 385 -6.77 -47.25 33.82
C GLY A 385 -6.08 -47.59 32.52
N HIS A 386 -6.74 -48.45 31.73
CA HIS A 386 -6.17 -48.89 30.46
C HIS A 386 -6.06 -47.73 29.48
N ALA A 387 -6.89 -46.71 29.65
CA ALA A 387 -6.84 -45.53 28.78
C ALA A 387 -5.61 -44.70 29.10
N VAL A 388 -5.12 -44.82 30.33
CA VAL A 388 -3.97 -44.03 30.76
C VAL A 388 -2.63 -44.73 30.50
N GLY A 389 -2.30 -45.74 31.30
CA GLY A 389 -1.05 -46.46 31.12
C GLY A 389 -0.86 -47.40 29.94
N PRO A 390 -1.69 -48.46 29.86
CA PRO A 390 -1.48 -49.57 28.90
C PRO A 390 -1.64 -49.23 27.42
N SER A 391 -2.69 -48.53 27.02
CA SER A 391 -2.92 -48.29 25.59
C SER A 391 -1.99 -47.26 24.90
N PRO A 392 -1.97 -46.00 25.37
CA PRO A 392 -1.23 -44.98 24.60
C PRO A 392 0.29 -45.07 24.71
N ILE A 393 0.79 -45.43 25.89
CA ILE A 393 2.21 -45.32 26.21
C ILE A 393 3.18 -46.22 25.42
N PRO A 394 2.91 -47.54 25.36
CA PRO A 394 3.95 -48.46 24.88
C PRO A 394 4.51 -48.15 23.49
N ALA A 395 3.71 -47.58 22.59
CA ALA A 395 4.21 -47.24 21.25
C ALA A 395 5.23 -46.09 21.28
N LEU A 396 4.83 -44.98 21.90
CA LEU A 396 5.71 -43.83 22.10
C LEU A 396 6.94 -44.29 22.87
N PHE A 397 6.76 -45.29 23.72
CA PHE A 397 7.84 -45.83 24.54
C PHE A 397 8.79 -46.67 23.67
N ILE A 398 8.24 -47.33 22.66
CA ILE A 398 9.06 -48.04 21.70
C ILE A 398 9.92 -47.02 20.96
N THR A 399 9.32 -45.88 20.62
CA THR A 399 10.07 -44.80 19.98
C THR A 399 11.18 -44.26 20.89
N GLU A 400 10.84 -44.01 22.16
CA GLU A 400 11.76 -43.41 23.12
C GLU A 400 12.95 -44.32 23.43
N ILE A 401 12.65 -45.57 23.74
CA ILE A 401 13.67 -46.53 24.15
C ILE A 401 14.81 -46.68 23.13
N PHE A 402 14.49 -47.17 21.94
CA PHE A 402 15.51 -47.47 20.95
C PHE A 402 16.05 -46.22 20.27
N LEU A 403 17.12 -46.39 19.50
CA LEU A 403 17.70 -45.28 18.76
C LEU A 403 17.21 -45.32 17.31
N GLN A 404 17.78 -44.45 16.48
CA GLN A 404 17.26 -44.21 15.14
C GLN A 404 17.16 -45.46 14.25
N SER A 405 18.27 -46.18 14.12
CA SER A 405 18.32 -47.33 13.23
C SER A 405 17.63 -48.55 13.82
N SER A 406 17.63 -48.67 15.14
CA SER A 406 17.02 -49.82 15.80
C SER A 406 15.53 -49.61 16.09
N ARG A 407 15.04 -48.38 15.93
CA ARG A 407 13.65 -48.07 16.23
C ARG A 407 12.62 -48.77 15.32
N PRO A 408 12.80 -48.68 13.98
CA PRO A 408 11.75 -49.29 13.13
C PRO A 408 11.67 -50.81 13.24
N SER A 409 12.81 -51.49 13.40
CA SER A 409 12.82 -52.93 13.57
C SER A 409 12.14 -53.29 14.89
N ALA A 410 12.39 -52.47 15.89
CA ALA A 410 11.76 -52.65 17.19
C ALA A 410 10.25 -52.45 17.10
N TYR A 411 9.83 -51.58 16.18
CA TYR A 411 8.40 -51.39 15.93
C TYR A 411 7.82 -52.57 15.17
N MET A 412 8.64 -53.20 14.35
CA MET A 412 8.22 -54.42 13.68
C MET A 412 7.96 -55.50 14.71
N ILE A 413 8.91 -55.66 15.63
CA ILE A 413 8.79 -56.67 16.69
C ILE A 413 7.59 -56.39 17.60
N GLY A 414 7.55 -55.20 18.18
CA GLY A 414 6.50 -54.81 19.10
C GLY A 414 5.12 -54.82 18.46
N GLY A 415 5.05 -54.37 17.21
CA GLY A 415 3.80 -54.37 16.48
C GLY A 415 3.35 -55.80 16.20
N SER A 416 4.29 -56.64 15.78
CA SER A 416 4.01 -58.04 15.55
C SER A 416 3.47 -58.71 16.81
N VAL A 417 4.12 -58.47 17.94
CA VAL A 417 3.67 -59.00 19.22
C VAL A 417 2.28 -58.50 19.53
N HIS A 418 2.03 -57.22 19.24
CA HIS A 418 0.73 -56.59 19.47
C HIS A 418 -0.41 -57.27 18.69
N TRP A 419 -0.26 -57.35 17.38
CA TRP A 419 -1.32 -57.90 16.53
C TRP A 419 -1.46 -59.41 16.67
N LEU A 420 -0.34 -60.09 16.92
CA LEU A 420 -0.38 -61.54 17.15
C LEU A 420 -1.04 -61.84 18.50
N SER A 421 -0.83 -60.96 19.48
CA SER A 421 -1.48 -61.11 20.78
C SER A 421 -2.97 -60.86 20.64
N ASN A 422 -3.32 -59.85 19.84
CA ASN A 422 -4.72 -59.55 19.58
C ASN A 422 -5.41 -60.69 18.83
N PHE A 423 -4.65 -61.36 17.97
CA PHE A 423 -5.13 -62.51 17.23
C PHE A 423 -5.35 -63.70 18.17
N ILE A 424 -4.31 -64.01 18.94
CA ILE A 424 -4.35 -65.12 19.89
C ILE A 424 -5.51 -64.96 20.86
N VAL A 425 -5.62 -63.79 21.48
CA VAL A 425 -6.74 -63.50 22.36
C VAL A 425 -8.04 -63.61 21.59
N GLY A 426 -8.05 -63.07 20.37
CA GLY A 426 -9.23 -63.07 19.53
C GLY A 426 -9.84 -64.44 19.32
N LEU A 427 -9.01 -65.41 18.93
CA LEU A 427 -9.52 -66.77 18.71
C LEU A 427 -9.65 -67.60 19.99
N ILE A 428 -8.71 -67.45 20.90
CA ILE A 428 -8.65 -68.32 22.08
C ILE A 428 -9.65 -67.94 23.17
N PHE A 429 -9.80 -66.64 23.41
CA PHE A 429 -10.69 -66.15 24.48
C PHE A 429 -12.14 -66.66 24.42
N PRO A 430 -12.73 -66.82 23.22
CA PRO A 430 -14.08 -67.40 23.23
C PRO A 430 -14.18 -68.76 23.92
N PHE A 431 -13.23 -69.65 23.66
CA PHE A 431 -13.24 -70.98 24.28
C PHE A 431 -13.03 -70.88 25.80
N ILE A 432 -12.14 -69.98 26.21
CA ILE A 432 -11.83 -69.79 27.62
C ILE A 432 -13.04 -69.23 28.36
N GLN A 433 -13.71 -68.26 27.75
CA GLN A 433 -14.87 -67.62 28.34
C GLN A 433 -16.03 -68.61 28.44
N VAL A 434 -16.29 -69.33 27.34
CA VAL A 434 -17.37 -70.30 27.32
C VAL A 434 -17.14 -71.40 28.36
N GLY A 435 -15.91 -71.87 28.46
CA GLY A 435 -15.57 -72.88 29.45
C GLY A 435 -15.54 -72.45 30.91
N LEU A 436 -14.77 -71.40 31.19
CA LEU A 436 -14.48 -70.99 32.57
C LEU A 436 -15.35 -69.86 33.12
N GLY A 437 -16.24 -69.32 32.28
CA GLY A 437 -17.09 -68.21 32.69
C GLY A 437 -16.34 -66.96 33.10
N PRO A 438 -16.67 -66.42 34.28
CA PRO A 438 -16.09 -65.18 34.84
C PRO A 438 -14.61 -65.31 35.19
N TYR A 439 -14.15 -66.51 35.53
CA TYR A 439 -12.75 -66.72 35.91
C TYR A 439 -11.75 -66.29 34.86
N SER A 440 -12.20 -66.19 33.61
CA SER A 440 -11.34 -65.82 32.49
C SER A 440 -10.60 -64.51 32.78
N PHE A 441 -11.27 -63.61 33.49
CA PHE A 441 -10.69 -62.31 33.83
C PHE A 441 -9.55 -62.44 34.83
N ILE A 442 -9.55 -63.50 35.63
CA ILE A 442 -8.48 -63.72 36.60
C ILE A 442 -7.13 -63.92 35.91
N ILE A 443 -7.15 -64.63 34.79
CA ILE A 443 -5.94 -64.79 33.99
C ILE A 443 -5.40 -63.44 33.55
N PHE A 444 -6.30 -62.58 33.08
CA PHE A 444 -5.94 -61.23 32.68
C PHE A 444 -5.37 -60.46 33.86
N ALA A 445 -5.94 -60.70 35.05
CA ALA A 445 -5.44 -60.09 36.27
C ALA A 445 -4.01 -60.53 36.57
N ILE A 446 -3.75 -61.82 36.42
CA ILE A 446 -2.41 -62.36 36.62
C ILE A 446 -1.42 -61.72 35.65
N ILE A 447 -1.84 -61.61 34.39
CA ILE A 447 -1.06 -60.93 33.37
C ILE A 447 -0.76 -59.49 33.77
N CYS A 448 -1.77 -58.79 34.25
CA CYS A 448 -1.64 -57.41 34.70
C CYS A 448 -0.67 -57.27 35.86
N LEU A 449 -0.74 -58.18 36.82
CA LEU A 449 0.13 -58.13 37.99
C LEU A 449 1.57 -58.44 37.62
N LEU A 450 1.77 -59.46 36.79
CA LEU A 450 3.10 -59.82 36.32
C LEU A 450 3.72 -58.64 35.57
N THR A 451 2.92 -58.08 34.66
CA THR A 451 3.32 -56.90 33.89
C THR A 451 3.72 -55.75 34.80
N THR A 452 2.87 -55.46 35.79
CA THR A 452 3.12 -54.39 36.74
C THR A 452 4.45 -54.59 37.47
N ILE A 453 4.69 -55.82 37.91
CA ILE A 453 5.95 -56.17 38.57
C ILE A 453 7.12 -55.89 37.62
N TYR A 454 6.96 -56.30 36.37
CA TYR A 454 7.99 -56.07 35.36
C TYR A 454 8.30 -54.57 35.24
N ILE A 455 7.26 -53.77 35.07
CA ILE A 455 7.41 -52.32 34.95
C ILE A 455 8.09 -51.73 36.19
N PHE A 456 7.82 -52.34 37.34
CA PHE A 456 8.40 -51.88 38.60
C PHE A 456 9.89 -52.16 38.67
N MET A 457 10.29 -53.34 38.22
CA MET A 457 11.69 -53.76 38.33
C MET A 457 12.51 -53.47 37.09
N VAL A 458 11.88 -52.95 36.04
CA VAL A 458 12.57 -52.72 34.78
C VAL A 458 12.44 -51.30 34.22
N VAL A 459 11.22 -50.90 33.89
CA VAL A 459 10.98 -49.66 33.15
C VAL A 459 11.50 -48.40 33.83
N PRO A 460 12.47 -47.73 33.20
CA PRO A 460 13.02 -46.44 33.62
C PRO A 460 12.10 -45.29 33.23
N GLU A 461 12.28 -44.11 33.84
CA GLU A 461 11.48 -42.97 33.43
C GLU A 461 12.18 -42.23 32.29
N THR A 462 11.52 -42.17 31.14
CA THR A 462 12.12 -41.62 29.93
C THR A 462 11.75 -40.15 29.69
N LYS A 463 10.99 -39.56 30.62
CA LYS A 463 10.54 -38.19 30.45
C LYS A 463 11.74 -37.23 30.49
N GLY A 464 11.75 -36.29 29.56
CA GLY A 464 12.79 -35.27 29.53
C GLY A 464 14.19 -35.77 29.20
N ARG A 465 14.31 -37.06 28.88
CA ARG A 465 15.61 -37.64 28.56
C ARG A 465 15.77 -37.83 27.06
N THR A 466 16.97 -37.57 26.56
CA THR A 466 17.28 -37.80 25.15
C THR A 466 17.40 -39.31 24.92
N PHE A 467 17.22 -39.74 23.67
CA PHE A 467 17.34 -41.14 23.32
C PHE A 467 18.69 -41.73 23.76
N VAL A 468 19.74 -40.90 23.72
CA VAL A 468 21.08 -41.34 24.06
C VAL A 468 21.20 -41.65 25.54
N GLU A 469 20.57 -40.82 26.35
CA GLU A 469 20.58 -40.98 27.80
C GLU A 469 19.82 -42.24 28.21
N ILE A 470 18.65 -42.45 27.62
CA ILE A 470 17.85 -43.64 27.92
C ILE A 470 18.60 -44.88 27.45
N ASN A 471 19.28 -44.74 26.33
CA ASN A 471 20.10 -45.82 25.78
C ASN A 471 21.28 -46.12 26.70
N GLN A 472 21.79 -45.10 27.39
CA GLN A 472 22.89 -45.28 28.32
C GLN A 472 22.41 -45.95 29.59
N ILE A 473 21.20 -45.60 30.02
CA ILE A 473 20.59 -46.26 31.17
C ILE A 473 20.37 -47.74 30.90
N PHE A 474 19.72 -48.03 29.78
CA PHE A 474 19.45 -49.41 29.39
C PHE A 474 20.74 -50.19 29.14
N ALA A 475 21.74 -49.54 28.56
CA ALA A 475 23.03 -50.17 28.31
C ALA A 475 23.70 -50.51 29.63
N LYS A 476 23.60 -49.59 30.59
CA LYS A 476 24.14 -49.82 31.93
C LYS A 476 23.46 -51.02 32.56
N LYS A 477 22.14 -51.11 32.42
CA LYS A 477 21.40 -52.24 32.98
C LYS A 477 21.77 -53.57 32.32
N ASN A 478 21.98 -53.52 31.01
CA ASN A 478 22.35 -54.70 30.22
C ASN A 478 23.75 -55.21 30.51
N LYS A 479 24.69 -54.29 30.67
CA LYS A 479 26.08 -54.64 30.96
C LYS A 479 26.21 -55.34 32.31
N VAL A 480 25.61 -54.76 33.34
CA VAL A 480 25.67 -55.31 34.68
C VAL A 480 24.89 -56.62 34.78
N GLU B 7 10.90 36.53 -22.82
CA GLU B 7 10.09 36.13 -21.67
C GLU B 7 9.70 34.65 -21.77
N LYS B 8 9.48 34.04 -20.61
CA LYS B 8 9.12 32.64 -20.51
C LYS B 8 7.61 32.40 -20.68
N THR B 9 7.26 31.55 -21.64
CA THR B 9 5.87 31.32 -22.02
C THR B 9 5.07 30.47 -21.03
N GLY B 10 3.90 30.95 -20.64
CA GLY B 10 3.02 30.25 -19.72
C GLY B 10 2.20 29.16 -20.39
N LYS B 11 1.66 28.25 -19.59
CA LYS B 11 0.88 27.14 -20.12
C LYS B 11 -0.50 27.03 -19.46
N LEU B 12 -1.40 26.28 -20.09
CA LEU B 12 -2.73 26.05 -19.53
C LEU B 12 -2.71 24.85 -18.59
N THR B 13 -3.00 25.11 -17.32
CA THR B 13 -3.01 24.06 -16.33
C THR B 13 -4.44 23.63 -15.98
N LEU B 14 -4.56 22.61 -15.13
CA LEU B 14 -5.85 22.10 -14.73
C LEU B 14 -6.54 23.11 -13.82
N VAL B 15 -5.74 23.73 -12.96
CA VAL B 15 -6.24 24.75 -12.04
C VAL B 15 -6.78 25.95 -12.81
N LEU B 16 -6.02 26.39 -13.81
CA LEU B 16 -6.42 27.54 -14.62
C LEU B 16 -7.61 27.21 -15.50
N ALA B 17 -7.62 26.01 -16.07
CA ALA B 17 -8.72 25.59 -16.94
C ALA B 17 -10.01 25.42 -16.15
N LEU B 18 -9.89 24.93 -14.92
CA LEU B 18 -11.07 24.74 -14.07
C LEU B 18 -11.56 26.06 -13.49
N ALA B 19 -10.64 26.97 -13.18
CA ALA B 19 -11.03 28.30 -12.71
C ALA B 19 -11.77 29.03 -13.81
N THR B 20 -11.17 29.01 -15.00
CA THR B 20 -11.77 29.60 -16.19
C THR B 20 -13.13 28.99 -16.46
N PHE B 21 -13.21 27.67 -16.44
CA PHE B 21 -14.47 27.01 -16.68
C PHE B 21 -15.53 27.39 -15.68
N LEU B 22 -15.20 27.37 -14.38
CA LEU B 22 -16.17 27.67 -13.34
C LEU B 22 -16.69 29.10 -13.49
N ALA B 23 -15.76 30.05 -13.57
CA ALA B 23 -16.12 31.46 -13.71
C ALA B 23 -16.99 31.69 -14.95
N ALA B 24 -16.48 31.29 -16.11
CA ALA B 24 -17.19 31.51 -17.38
C ALA B 24 -18.54 30.81 -17.43
N PHE B 25 -18.57 29.55 -17.00
CA PHE B 25 -19.81 28.78 -16.95
C PHE B 25 -20.83 29.49 -16.08
N GLY B 26 -20.56 29.59 -14.78
CA GLY B 26 -21.56 30.16 -13.91
C GLY B 26 -21.95 31.56 -14.35
N SER B 27 -21.00 32.48 -14.36
CA SER B 27 -21.33 33.87 -14.60
C SER B 27 -21.74 34.16 -16.05
N SER B 28 -20.88 33.82 -17.00
CA SER B 28 -21.11 34.20 -18.39
C SER B 28 -22.10 33.28 -19.11
N PHE B 29 -22.22 32.02 -18.69
CA PHE B 29 -23.23 31.17 -19.30
C PHE B 29 -24.60 31.44 -18.66
N GLN B 30 -24.65 31.82 -17.39
CA GLN B 30 -25.94 32.25 -16.85
C GLN B 30 -26.33 33.61 -17.43
N TYR B 31 -25.34 34.40 -17.80
CA TYR B 31 -25.58 35.67 -18.50
C TYR B 31 -26.11 35.46 -19.90
N GLY B 32 -25.42 34.63 -20.67
CA GLY B 32 -25.80 34.30 -22.03
C GLY B 32 -27.17 33.64 -22.07
N TYR B 33 -27.39 32.71 -21.16
CA TYR B 33 -28.69 32.08 -21.03
C TYR B 33 -29.74 33.12 -20.66
N ASN B 34 -29.36 34.06 -19.79
CA ASN B 34 -30.31 35.06 -19.30
C ASN B 34 -30.82 36.00 -20.38
N VAL B 35 -29.91 36.53 -21.21
CA VAL B 35 -30.32 37.49 -22.23
C VAL B 35 -31.36 36.89 -23.17
N ALA B 36 -31.16 35.62 -23.52
CA ALA B 36 -32.11 34.83 -24.30
C ALA B 36 -33.39 34.57 -23.50
N ALA B 37 -33.21 34.33 -22.21
CA ALA B 37 -34.27 33.99 -21.26
C ALA B 37 -35.25 35.12 -21.03
N VAL B 38 -34.81 36.37 -21.19
CA VAL B 38 -35.64 37.53 -20.93
C VAL B 38 -36.86 37.54 -21.86
N ASN B 39 -36.72 36.91 -23.03
CA ASN B 39 -37.83 36.80 -23.97
C ASN B 39 -38.96 35.88 -23.49
N SER B 40 -38.62 34.89 -22.68
CA SER B 40 -39.53 33.83 -22.18
C SER B 40 -40.67 34.23 -21.18
N PRO B 41 -40.39 35.07 -20.16
CA PRO B 41 -41.30 35.44 -19.05
C PRO B 41 -42.51 36.26 -19.50
N SER B 42 -42.45 36.83 -20.70
CA SER B 42 -43.59 37.58 -21.22
C SER B 42 -44.81 36.68 -21.39
N GLU B 43 -44.63 35.43 -21.79
CA GLU B 43 -45.77 34.53 -21.94
C GLU B 43 -46.35 34.21 -20.55
N PHE B 44 -45.46 34.07 -19.56
CA PHE B 44 -45.85 33.82 -18.18
C PHE B 44 -46.96 34.75 -17.69
N ASN B 57 -62.06 52.59 -27.35
CA ASN B 57 -61.58 53.38 -26.22
C ASN B 57 -60.56 52.62 -25.38
N LYS B 58 -61.04 51.72 -24.52
CA LYS B 58 -60.17 51.00 -23.60
C LYS B 58 -59.19 50.07 -24.31
N GLU B 59 -59.57 49.57 -25.47
CA GLU B 59 -58.70 48.65 -26.22
C GLU B 59 -57.55 49.38 -26.90
N ASN B 60 -57.88 50.46 -27.62
CA ASN B 60 -56.88 51.27 -28.31
C ASN B 60 -55.85 51.82 -27.33
N ILE B 61 -56.34 52.24 -26.16
CA ILE B 61 -55.47 52.65 -25.05
C ILE B 61 -54.65 51.46 -24.56
N GLU B 62 -55.32 50.31 -24.37
CA GLU B 62 -54.68 49.11 -23.85
C GLU B 62 -53.49 48.63 -24.67
N SER B 63 -53.58 48.70 -26.00
CA SER B 63 -52.49 48.26 -26.85
C SER B 63 -51.22 49.09 -26.65
N PHE B 64 -51.39 50.41 -26.69
CA PHE B 64 -50.27 51.33 -26.54
C PHE B 64 -49.72 51.31 -25.11
N THR B 65 -50.62 51.13 -24.15
CA THR B 65 -50.23 50.99 -22.75
C THR B 65 -49.38 49.73 -22.55
N LEU B 66 -49.77 48.66 -23.24
CA LEU B 66 -49.03 47.41 -23.22
C LEU B 66 -47.65 47.61 -23.81
N THR B 67 -47.59 48.33 -24.93
CA THR B 67 -46.31 48.57 -25.58
C THR B 67 -45.38 49.43 -24.72
N LEU B 68 -45.94 50.44 -24.03
CA LEU B 68 -45.13 51.29 -23.15
C LEU B 68 -44.63 50.54 -21.92
N LEU B 69 -45.51 49.74 -21.33
CA LEU B 69 -45.15 48.93 -20.16
C LEU B 69 -44.04 47.96 -20.57
N TRP B 70 -44.26 47.28 -21.70
CA TRP B 70 -43.28 46.36 -22.25
C TRP B 70 -41.94 47.05 -22.49
N SER B 71 -42.01 48.27 -23.01
CA SER B 71 -40.81 49.04 -23.30
C SER B 71 -40.04 49.36 -22.04
N LEU B 72 -40.77 49.75 -20.99
CA LEU B 72 -40.16 50.06 -19.70
C LEU B 72 -39.50 48.82 -19.10
N THR B 73 -40.23 47.69 -19.11
CA THR B 73 -39.72 46.45 -18.54
C THR B 73 -38.50 45.91 -19.28
N VAL B 74 -38.54 45.94 -20.60
CA VAL B 74 -37.38 45.49 -21.39
C VAL B 74 -36.26 46.52 -21.28
N SER B 75 -36.60 47.73 -20.84
CA SER B 75 -35.59 48.75 -20.58
C SER B 75 -34.96 48.54 -19.21
N MET B 76 -35.65 47.82 -18.34
CA MET B 76 -35.15 47.56 -16.99
C MET B 76 -33.88 46.71 -17.01
N PHE B 77 -33.80 45.78 -17.98
CA PHE B 77 -32.65 44.89 -18.06
C PHE B 77 -31.34 45.62 -18.43
N PRO B 78 -31.33 46.42 -19.53
CA PRO B 78 -30.08 47.11 -19.81
C PRO B 78 -29.77 48.17 -18.77
N PHE B 79 -30.82 48.69 -18.14
CA PHE B 79 -30.64 49.62 -17.03
C PHE B 79 -30.02 48.89 -15.86
N GLY B 80 -30.42 47.64 -15.70
CA GLY B 80 -29.83 46.77 -14.70
C GLY B 80 -28.36 46.53 -14.98
N GLY B 81 -28.04 46.27 -16.24
CA GLY B 81 -26.66 46.08 -16.65
C GLY B 81 -25.84 47.34 -16.43
N PHE B 82 -26.49 48.48 -16.58
CA PHE B 82 -25.87 49.78 -16.33
C PHE B 82 -25.52 49.93 -14.86
N ILE B 83 -26.50 49.69 -13.99
CA ILE B 83 -26.30 49.75 -12.54
C ILE B 83 -25.20 48.78 -12.11
N GLY B 84 -25.27 47.56 -12.62
CA GLY B 84 -24.29 46.53 -12.33
C GLY B 84 -22.90 46.94 -12.76
N SER B 85 -22.81 47.58 -13.93
CA SER B 85 -21.53 48.07 -14.43
C SER B 85 -21.00 49.18 -13.54
N LEU B 86 -21.90 49.97 -12.98
CA LEU B 86 -21.50 51.06 -12.09
C LEU B 86 -20.90 50.54 -10.78
N MET B 87 -21.43 49.42 -10.29
CA MET B 87 -21.02 48.89 -9.00
C MET B 87 -19.90 47.85 -9.12
N VAL B 88 -19.39 47.66 -10.33
CA VAL B 88 -18.29 46.72 -10.57
C VAL B 88 -17.04 47.06 -9.76
N GLY B 89 -16.58 48.30 -9.88
CA GLY B 89 -15.36 48.74 -9.21
C GLY B 89 -15.37 48.54 -7.71
N PHE B 90 -16.51 48.82 -7.09
CA PHE B 90 -16.71 48.61 -5.66
C PHE B 90 -16.44 47.16 -5.25
N LEU B 91 -17.27 46.27 -5.80
CA LEU B 91 -17.20 44.85 -5.52
C LEU B 91 -15.82 44.26 -5.83
N VAL B 92 -15.29 44.61 -6.99
CA VAL B 92 -13.99 44.11 -7.42
C VAL B 92 -12.87 44.57 -6.50
N ASN B 93 -12.84 45.86 -6.19
CA ASN B 93 -11.74 46.42 -5.42
C ASN B 93 -11.89 46.21 -3.91
N ASN B 94 -12.99 45.60 -3.51
CA ASN B 94 -13.18 45.24 -2.11
C ASN B 94 -13.12 43.73 -1.90
N LEU B 95 -14.06 43.03 -2.50
CA LEU B 95 -14.16 41.58 -2.36
C LEU B 95 -13.12 40.84 -3.22
N GLY B 96 -12.65 41.48 -4.29
CA GLY B 96 -11.75 40.83 -5.22
C GLY B 96 -12.50 40.40 -6.46
N ARG B 97 -11.78 39.79 -7.41
CA ARG B 97 -12.40 39.35 -8.66
C ARG B 97 -13.38 38.22 -8.39
N LYS B 98 -12.91 37.20 -7.66
CA LYS B 98 -13.75 36.08 -7.27
C LYS B 98 -14.93 36.54 -6.43
N GLY B 99 -14.66 37.37 -5.43
CA GLY B 99 -15.70 37.88 -4.57
C GLY B 99 -16.78 38.60 -5.36
N ALA B 100 -16.34 39.36 -6.36
CA ALA B 100 -17.26 40.05 -7.26
C ALA B 100 -18.10 39.02 -8.03
N LEU B 101 -17.47 37.91 -8.41
CA LEU B 101 -18.19 36.85 -9.12
C LEU B 101 -19.21 36.13 -8.22
N LEU B 102 -18.92 36.07 -6.92
CA LEU B 102 -19.82 35.43 -5.97
C LEU B 102 -21.01 36.33 -5.65
N PHE B 103 -20.78 37.64 -5.61
CA PHE B 103 -21.90 38.57 -5.49
C PHE B 103 -22.72 38.56 -6.78
N ASN B 104 -22.04 38.35 -7.89
CA ASN B 104 -22.74 38.15 -9.15
C ASN B 104 -23.60 36.90 -9.02
N ASN B 105 -23.14 35.95 -8.21
CA ASN B 105 -23.89 34.72 -7.99
C ASN B 105 -25.12 34.91 -7.10
N ILE B 106 -25.05 35.81 -6.11
CA ILE B 106 -26.26 36.07 -5.32
C ILE B 106 -27.25 36.91 -6.13
N PHE B 107 -26.74 37.84 -6.92
CA PHE B 107 -27.58 38.62 -7.81
C PHE B 107 -28.21 37.73 -8.88
N SER B 108 -27.57 36.61 -9.17
CA SER B 108 -28.13 35.63 -10.11
C SER B 108 -29.16 34.70 -9.45
N ILE B 109 -28.86 34.27 -8.23
CA ILE B 109 -29.71 33.31 -7.51
C ILE B 109 -31.03 33.94 -7.03
N LEU B 110 -30.96 35.17 -6.53
CA LEU B 110 -32.15 35.82 -5.96
C LEU B 110 -33.36 35.88 -6.91
N PRO B 111 -33.17 36.18 -8.20
CA PRO B 111 -34.34 36.15 -9.10
C PRO B 111 -34.99 34.77 -9.23
N ALA B 112 -34.20 33.70 -9.17
CA ALA B 112 -34.75 32.35 -9.25
C ALA B 112 -35.61 32.00 -8.03
N ILE B 113 -35.13 32.41 -6.85
CA ILE B 113 -35.89 32.21 -5.62
C ILE B 113 -37.14 33.08 -5.68
N LEU B 114 -37.01 34.24 -6.30
CA LEU B 114 -38.15 35.12 -6.55
C LEU B 114 -39.12 34.48 -7.54
N MET B 115 -38.61 33.57 -8.37
CA MET B 115 -39.46 32.78 -9.26
C MET B 115 -40.18 31.67 -8.52
N GLY B 116 -39.53 31.06 -7.53
CA GLY B 116 -40.21 30.11 -6.67
C GLY B 116 -41.32 30.79 -5.87
N CYS B 117 -40.99 31.96 -5.35
CA CYS B 117 -41.96 32.78 -4.64
C CYS B 117 -43.05 33.23 -5.61
N SER B 118 -42.66 33.43 -6.87
CA SER B 118 -43.59 33.76 -7.93
C SER B 118 -44.57 32.63 -8.12
N LYS B 119 -44.08 31.40 -7.97
CA LYS B 119 -44.93 30.23 -8.02
C LYS B 119 -45.88 30.31 -6.83
N ILE B 120 -45.36 30.75 -5.69
CA ILE B 120 -46.22 30.96 -4.53
C ILE B 120 -47.11 32.19 -4.71
N ALA B 121 -46.50 33.35 -4.97
CA ALA B 121 -47.26 34.57 -5.26
C ALA B 121 -46.54 35.45 -6.29
N LYS B 122 -47.27 35.95 -7.27
CA LYS B 122 -46.64 36.65 -8.39
C LYS B 122 -47.29 38.00 -8.72
N SER B 123 -46.46 39.01 -8.92
CA SER B 123 -46.90 40.33 -9.34
C SER B 123 -46.00 40.83 -10.45
N PHE B 124 -46.51 41.77 -11.24
CA PHE B 124 -45.77 42.32 -12.38
C PHE B 124 -44.59 43.16 -11.90
N GLU B 125 -44.73 43.76 -10.73
CA GLU B 125 -43.65 44.55 -10.14
C GLU B 125 -42.49 43.66 -9.75
N ILE B 126 -42.80 42.46 -9.26
CA ILE B 126 -41.77 41.48 -8.89
C ILE B 126 -41.05 41.02 -10.16
N ILE B 127 -41.78 40.96 -11.27
CA ILE B 127 -41.16 40.64 -12.56
C ILE B 127 -40.16 41.73 -12.92
N ILE B 128 -40.60 42.99 -12.77
CA ILE B 128 -39.72 44.12 -13.05
C ILE B 128 -38.44 44.12 -12.20
N ALA B 129 -38.61 43.93 -10.89
CA ALA B 129 -37.47 43.89 -9.96
C ALA B 129 -36.54 42.71 -10.27
N SER B 130 -37.15 41.59 -10.65
CA SER B 130 -36.42 40.38 -10.98
C SER B 130 -35.55 40.58 -12.21
N ARG B 131 -36.14 41.16 -13.25
CA ARG B 131 -35.41 41.43 -14.48
C ARG B 131 -34.38 42.53 -14.26
N LEU B 132 -34.61 43.36 -13.24
CA LEU B 132 -33.66 44.39 -12.84
C LEU B 132 -32.42 43.77 -12.22
N LEU B 133 -32.63 42.87 -11.27
CA LEU B 133 -31.55 42.14 -10.62
C LEU B 133 -30.79 41.30 -11.63
N VAL B 134 -31.53 40.69 -12.55
CA VAL B 134 -30.93 39.91 -13.63
C VAL B 134 -30.05 40.82 -14.47
N GLY B 135 -30.50 42.06 -14.66
CA GLY B 135 -29.71 43.05 -15.36
C GLY B 135 -28.42 43.37 -14.64
N ILE B 136 -28.50 43.63 -13.35
CA ILE B 136 -27.33 43.90 -12.52
C ILE B 136 -26.32 42.76 -12.62
N CYS B 137 -26.82 41.53 -12.47
CA CYS B 137 -26.04 40.32 -12.64
C CYS B 137 -25.35 40.30 -14.00
N ALA B 138 -26.10 40.69 -15.02
CA ALA B 138 -25.59 40.72 -16.39
C ALA B 138 -24.39 41.66 -16.51
N GLY B 139 -24.56 42.89 -16.04
CA GLY B 139 -23.49 43.87 -16.11
C GLY B 139 -22.26 43.45 -15.34
N ILE B 140 -22.47 43.08 -14.08
CA ILE B 140 -21.36 42.67 -13.21
C ILE B 140 -20.60 41.47 -13.80
N SER B 141 -21.32 40.47 -14.29
CA SER B 141 -20.70 39.31 -14.91
C SER B 141 -19.87 39.73 -16.11
N SER B 142 -20.54 40.39 -17.06
CA SER B 142 -19.91 40.80 -18.32
C SER B 142 -18.64 41.62 -18.10
N ASN B 143 -18.63 42.45 -17.06
CA ASN B 143 -17.45 43.25 -16.77
C ASN B 143 -16.35 42.49 -16.00
N VAL B 144 -16.76 41.72 -15.00
CA VAL B 144 -15.80 41.11 -14.07
C VAL B 144 -15.13 39.86 -14.62
N VAL B 145 -15.89 38.99 -15.30
CA VAL B 145 -15.31 37.73 -15.79
C VAL B 145 -14.07 37.91 -16.69
N PRO B 146 -14.14 38.80 -17.71
CA PRO B 146 -12.92 38.97 -18.51
C PRO B 146 -11.80 39.62 -17.72
N MET B 147 -12.16 40.36 -16.68
CA MET B 147 -11.17 40.99 -15.81
C MET B 147 -10.47 39.93 -14.97
N TYR B 148 -11.28 39.02 -14.40
CA TYR B 148 -10.74 37.93 -13.60
C TYR B 148 -9.85 37.02 -14.41
N LEU B 149 -10.36 36.52 -15.53
CA LEU B 149 -9.60 35.63 -16.40
C LEU B 149 -8.41 36.35 -17.03
N GLY B 150 -8.53 37.68 -17.15
CA GLY B 150 -7.47 38.50 -17.71
C GLY B 150 -6.30 38.65 -16.75
N GLU B 151 -6.61 38.85 -15.47
CA GLU B 151 -5.56 38.99 -14.46
C GLU B 151 -5.02 37.63 -14.03
N LEU B 152 -5.80 36.59 -14.31
CA LEU B 152 -5.44 35.22 -13.96
C LEU B 152 -4.44 34.61 -14.93
N ALA B 153 -4.87 34.48 -16.18
CA ALA B 153 -4.10 33.83 -17.22
C ALA B 153 -2.82 34.57 -17.63
N PRO B 154 -1.84 33.83 -18.18
CA PRO B 154 -0.68 34.40 -18.86
C PRO B 154 -1.10 35.07 -20.17
N LYS B 155 -0.22 35.90 -20.75
CA LYS B 155 -0.60 36.79 -21.85
C LYS B 155 -1.39 36.15 -23.01
N ASN B 156 -0.85 35.03 -23.49
CA ASN B 156 -1.49 34.29 -24.55
C ASN B 156 -2.83 33.79 -24.12
N LEU B 157 -2.80 33.12 -22.98
CA LEU B 157 -3.99 32.58 -22.36
C LEU B 157 -4.84 33.70 -21.83
N ARG B 158 -4.24 34.87 -21.61
CA ARG B 158 -5.01 36.04 -21.23
C ARG B 158 -5.95 36.38 -22.39
N GLY B 159 -5.41 36.32 -23.60
CA GLY B 159 -6.23 36.52 -24.78
C GLY B 159 -7.27 35.42 -25.03
N ALA B 160 -6.82 34.18 -24.97
CA ALA B 160 -7.71 33.05 -25.26
C ALA B 160 -8.82 32.90 -24.22
N LEU B 161 -8.40 32.74 -22.96
CA LEU B 161 -9.35 32.66 -21.85
C LEU B 161 -10.06 33.99 -21.67
N GLY B 162 -9.54 35.03 -22.30
CA GLY B 162 -10.23 36.31 -22.36
C GLY B 162 -11.43 36.28 -23.29
N VAL B 163 -11.30 35.49 -24.37
CA VAL B 163 -12.40 35.31 -25.31
C VAL B 163 -13.42 34.28 -24.78
N VAL B 164 -12.93 33.27 -24.06
CA VAL B 164 -13.76 32.17 -23.55
C VAL B 164 -15.13 32.56 -22.91
N PRO B 165 -15.18 33.61 -22.08
CA PRO B 165 -16.49 33.98 -21.52
C PRO B 165 -17.57 34.28 -22.55
N GLN B 166 -17.20 34.95 -23.64
CA GLN B 166 -18.16 35.26 -24.69
C GLN B 166 -18.58 33.96 -25.39
N LEU B 167 -17.67 32.99 -25.41
CA LEU B 167 -18.00 31.68 -25.94
C LEU B 167 -19.10 31.06 -25.08
N PHE B 168 -18.96 31.19 -23.77
CA PHE B 168 -19.99 30.66 -22.88
C PHE B 168 -21.30 31.46 -22.98
N ILE B 169 -21.20 32.72 -23.36
CA ILE B 169 -22.41 33.52 -23.61
C ILE B 169 -23.16 33.03 -24.85
N THR B 170 -22.40 32.72 -25.91
CA THR B 170 -23.01 32.25 -27.15
C THR B 170 -23.60 30.86 -26.94
N VAL B 171 -22.87 30.04 -26.20
CA VAL B 171 -23.35 28.74 -25.79
C VAL B 171 -24.68 28.95 -25.08
N GLY B 172 -24.67 29.76 -24.02
CA GLY B 172 -25.87 30.03 -23.25
C GLY B 172 -27.08 30.41 -24.09
N ILE B 173 -26.94 31.43 -24.93
CA ILE B 173 -28.00 31.81 -25.87
C ILE B 173 -28.50 30.63 -26.72
N LEU B 174 -27.56 29.79 -27.13
CA LEU B 174 -27.87 28.64 -27.98
C LEU B 174 -28.67 27.60 -27.21
N VAL B 175 -28.10 27.06 -26.15
CA VAL B 175 -28.77 26.07 -25.31
C VAL B 175 -30.13 26.61 -24.83
N ALA B 176 -30.20 27.92 -24.64
CA ALA B 176 -31.43 28.58 -24.21
C ALA B 176 -32.54 28.45 -25.25
N GLN B 177 -32.26 28.85 -26.48
CA GLN B 177 -33.30 28.80 -27.50
C GLN B 177 -33.55 27.37 -27.99
N LEU B 178 -32.48 26.59 -28.10
CA LEU B 178 -32.54 25.18 -28.45
C LEU B 178 -33.45 24.43 -27.48
N PHE B 179 -33.23 24.65 -26.19
CA PHE B 179 -34.05 24.06 -25.14
C PHE B 179 -35.44 24.68 -25.18
N GLY B 180 -35.54 25.89 -25.72
CA GLY B 180 -36.84 26.52 -25.86
C GLY B 180 -37.71 25.72 -26.82
N LEU B 181 -37.14 25.41 -27.99
CA LEU B 181 -37.78 24.53 -28.95
C LEU B 181 -38.00 23.12 -28.42
N ARG B 182 -36.98 22.57 -27.80
CA ARG B 182 -37.05 21.21 -27.26
C ARG B 182 -38.14 21.14 -26.21
N SER B 183 -38.29 22.21 -25.44
CA SER B 183 -39.34 22.30 -24.44
C SER B 183 -40.70 22.29 -25.11
N VAL B 184 -40.88 23.22 -26.05
CA VAL B 184 -42.17 23.35 -26.76
C VAL B 184 -42.59 22.01 -27.34
N LEU B 185 -41.62 21.27 -27.87
CA LEU B 185 -41.86 19.91 -28.34
C LEU B 185 -42.19 18.94 -27.19
N ALA B 186 -41.46 19.07 -26.09
CA ALA B 186 -41.66 18.20 -24.92
C ALA B 186 -42.84 18.59 -24.03
N SER B 187 -42.93 19.87 -23.67
CA SER B 187 -43.97 20.32 -22.75
C SER B 187 -44.13 21.83 -22.76
N GLU B 188 -45.26 22.31 -22.23
CA GLU B 188 -45.49 23.74 -22.17
C GLU B 188 -44.42 24.44 -21.33
N GLU B 189 -44.11 23.87 -20.16
CA GLU B 189 -43.04 24.41 -19.32
C GLU B 189 -42.21 23.31 -18.65
N GLY B 190 -40.92 23.59 -18.49
CA GLY B 190 -39.95 22.65 -17.96
C GLY B 190 -39.54 22.89 -16.52
N TRP B 191 -40.42 23.48 -15.71
CA TRP B 191 -40.05 24.13 -14.44
C TRP B 191 -38.98 23.45 -13.58
N PRO B 192 -39.13 22.14 -13.26
CA PRO B 192 -38.09 21.57 -12.39
C PRO B 192 -36.72 21.50 -13.09
N ILE B 193 -36.75 21.14 -14.37
CA ILE B 193 -35.54 21.02 -15.16
C ILE B 193 -34.92 22.40 -15.40
N LEU B 194 -35.76 23.40 -15.64
CA LEU B 194 -35.27 24.76 -15.86
C LEU B 194 -34.64 25.35 -14.61
N LEU B 195 -35.32 25.17 -13.47
CA LEU B 195 -34.82 25.66 -12.19
C LEU B 195 -33.50 24.96 -11.83
N GLY B 196 -33.43 23.66 -12.13
CA GLY B 196 -32.19 22.92 -11.94
C GLY B 196 -31.10 23.45 -12.85
N LEU B 197 -31.47 23.76 -14.09
CA LEU B 197 -30.54 24.24 -15.10
C LEU B 197 -29.95 25.58 -14.71
N THR B 198 -30.76 26.42 -14.07
CA THR B 198 -30.28 27.71 -13.61
C THR B 198 -29.46 27.55 -12.32
N GLY B 199 -29.80 26.54 -11.53
CA GLY B 199 -29.10 26.27 -10.29
C GLY B 199 -27.71 25.67 -10.41
N VAL B 200 -27.54 24.76 -11.36
CA VAL B 200 -26.29 24.01 -11.51
C VAL B 200 -25.01 24.84 -11.69
N PRO B 201 -24.99 25.82 -12.62
CA PRO B 201 -23.74 26.56 -12.80
C PRO B 201 -23.35 27.39 -11.57
N ALA B 202 -24.35 28.01 -10.95
CA ALA B 202 -24.14 28.80 -9.75
C ALA B 202 -23.71 27.90 -8.61
N GLY B 203 -24.29 26.70 -8.53
CA GLY B 203 -23.97 25.76 -7.47
C GLY B 203 -22.54 25.27 -7.59
N LEU B 204 -22.15 24.87 -8.79
CA LEU B 204 -20.79 24.38 -9.02
C LEU B 204 -19.76 25.49 -8.80
N GLN B 205 -20.12 26.72 -9.18
CA GLN B 205 -19.22 27.84 -8.96
C GLN B 205 -19.07 28.14 -7.47
N LEU B 206 -20.19 28.21 -6.77
CA LEU B 206 -20.18 28.48 -5.33
C LEU B 206 -19.41 27.42 -4.55
N LEU B 207 -19.59 26.16 -4.92
CA LEU B 207 -18.87 25.07 -4.28
C LEU B 207 -17.36 25.08 -4.58
N LEU B 208 -17.03 24.99 -5.86
CA LEU B 208 -15.64 24.78 -6.26
C LEU B 208 -14.76 26.03 -6.34
N LEU B 209 -15.28 27.10 -6.95
CA LEU B 209 -14.46 28.27 -7.27
C LEU B 209 -13.80 28.98 -6.06
N PRO B 210 -14.48 29.08 -4.91
CA PRO B 210 -13.81 29.70 -3.76
C PRO B 210 -12.49 29.04 -3.37
N PHE B 211 -12.30 27.78 -3.78
CA PHE B 211 -11.09 27.05 -3.49
C PHE B 211 -10.04 27.23 -4.60
N PHE B 212 -10.35 28.14 -5.52
CA PHE B 212 -9.46 28.42 -6.64
C PHE B 212 -8.83 29.78 -6.43
N PRO B 213 -7.63 29.99 -6.97
CA PRO B 213 -6.86 31.21 -6.65
C PRO B 213 -7.54 32.52 -7.04
N GLU B 214 -7.32 33.54 -6.23
CA GLU B 214 -7.77 34.87 -6.57
C GLU B 214 -6.85 35.42 -7.65
N SER B 215 -7.13 36.63 -8.12
CA SER B 215 -6.22 37.29 -9.04
C SER B 215 -4.91 37.56 -8.32
N PRO B 216 -3.82 36.96 -8.82
CA PRO B 216 -2.51 37.16 -8.17
C PRO B 216 -2.11 38.64 -8.18
N ARG B 217 -2.57 39.37 -9.19
CA ARG B 217 -2.34 40.80 -9.27
C ARG B 217 -3.14 41.53 -8.19
N TYR B 218 -4.37 41.08 -7.96
CA TYR B 218 -5.18 41.64 -6.87
C TYR B 218 -4.49 41.40 -5.54
N LEU B 219 -3.90 40.22 -5.38
CA LEU B 219 -3.25 39.84 -4.13
C LEU B 219 -1.97 40.63 -3.87
N LEU B 220 -1.12 40.72 -4.88
CA LEU B 220 0.18 41.36 -4.70
C LEU B 220 0.10 42.88 -4.62
N ILE B 221 -0.78 43.46 -5.44
CA ILE B 221 -0.88 44.90 -5.53
C ILE B 221 -1.89 45.50 -4.54
N GLN B 222 -3.17 45.23 -4.79
CA GLN B 222 -4.24 45.83 -4.00
C GLN B 222 -4.32 45.33 -2.57
N LYS B 223 -4.26 44.01 -2.38
CA LYS B 223 -4.39 43.42 -1.05
C LYS B 223 -3.01 43.27 -0.41
N LYS B 224 -1.98 43.59 -1.17
CA LYS B 224 -0.60 43.63 -0.68
C LYS B 224 -0.10 42.33 -0.04
N ASN B 225 -0.50 41.20 -0.60
CA ASN B 225 -0.06 39.90 -0.08
C ASN B 225 0.88 39.23 -1.07
N GLU B 226 2.16 39.15 -0.71
CA GLU B 226 3.17 38.56 -1.57
C GLU B 226 3.04 37.05 -1.64
N SER B 227 2.85 36.43 -0.49
CA SER B 227 2.77 34.97 -0.38
C SER B 227 1.57 34.43 -1.15
N ALA B 228 0.41 35.01 -0.92
CA ALA B 228 -0.82 34.56 -1.56
C ALA B 228 -0.72 34.66 -3.07
N ALA B 229 -0.14 35.76 -3.56
CA ALA B 229 0.04 35.97 -4.99
C ALA B 229 1.03 34.98 -5.56
N GLU B 230 2.08 34.69 -4.80
CA GLU B 230 3.11 33.74 -5.21
C GLU B 230 2.53 32.34 -5.37
N LYS B 231 1.80 31.89 -4.36
CA LYS B 231 1.19 30.57 -4.40
C LYS B 231 0.11 30.49 -5.48
N ALA B 232 -0.65 31.57 -5.63
CA ALA B 232 -1.67 31.65 -6.67
C ALA B 232 -1.06 31.51 -8.05
N LEU B 233 0.05 32.20 -8.28
CA LEU B 233 0.74 32.13 -9.56
C LEU B 233 1.36 30.75 -9.77
N GLN B 234 1.81 30.13 -8.67
CA GLN B 234 2.35 28.78 -8.76
C GLN B 234 1.29 27.79 -9.21
N THR B 235 0.13 27.82 -8.56
CA THR B 235 -0.97 26.91 -8.91
C THR B 235 -1.53 27.19 -10.30
N LEU B 236 -1.57 28.46 -10.68
CA LEU B 236 -2.11 28.86 -11.98
C LEU B 236 -1.19 28.48 -13.13
N ARG B 237 0.09 28.81 -12.99
CA ARG B 237 1.08 28.58 -14.05
C ARG B 237 1.55 27.13 -14.09
N GLY B 238 1.70 26.52 -12.91
CA GLY B 238 2.13 25.15 -12.83
C GLY B 238 3.59 24.97 -12.49
N TRP B 239 4.29 26.07 -12.19
CA TRP B 239 5.70 26.00 -11.84
C TRP B 239 6.05 26.68 -10.53
N LYS B 240 7.21 26.32 -9.96
CA LYS B 240 7.66 26.85 -8.68
C LYS B 240 8.11 28.31 -8.78
N ASP B 241 8.87 28.67 -9.82
CA ASP B 241 9.46 30.00 -9.87
C ASP B 241 8.58 30.99 -10.63
N VAL B 242 7.94 31.87 -9.88
CA VAL B 242 7.09 32.92 -10.43
C VAL B 242 7.78 34.29 -10.42
N ASP B 243 9.03 34.31 -9.97
CA ASP B 243 9.72 35.55 -9.61
C ASP B 243 9.68 36.65 -10.67
N MET B 244 9.90 36.29 -11.94
CA MET B 244 9.96 37.28 -13.00
C MET B 244 8.59 37.89 -13.26
N GLU B 245 7.55 37.08 -13.18
CA GLU B 245 6.18 37.54 -13.38
C GLU B 245 5.77 38.42 -12.20
N MET B 246 6.24 38.07 -11.02
CA MET B 246 5.97 38.86 -9.82
C MET B 246 6.61 40.24 -9.96
N GLU B 247 7.86 40.26 -10.42
CA GLU B 247 8.57 41.51 -10.64
C GLU B 247 7.89 42.32 -11.73
N GLU B 248 7.30 41.63 -12.70
CA GLU B 248 6.50 42.27 -13.73
C GLU B 248 5.27 42.95 -13.13
N ILE B 249 4.61 42.23 -12.23
CA ILE B 249 3.44 42.76 -11.53
C ILE B 249 3.82 43.98 -10.70
N ARG B 250 5.02 43.98 -10.13
CA ARG B 250 5.49 45.12 -9.36
C ARG B 250 5.89 46.29 -10.26
N LYS B 251 6.31 45.98 -11.49
CA LYS B 251 6.59 47.01 -12.48
C LYS B 251 5.29 47.72 -12.88
N GLU B 252 4.26 46.92 -13.12
CA GLU B 252 2.93 47.45 -13.44
C GLU B 252 2.41 48.27 -12.25
N ASP B 253 2.61 47.73 -11.06
CA ASP B 253 2.17 48.37 -9.83
C ASP B 253 2.80 49.74 -9.66
N GLU B 254 4.13 49.77 -9.68
CA GLU B 254 4.86 51.02 -9.45
C GLU B 254 4.68 51.98 -10.62
N ALA B 255 4.31 51.45 -11.78
CA ALA B 255 3.98 52.31 -12.91
C ALA B 255 2.65 53.02 -12.66
N GLU B 256 1.67 52.28 -12.13
CA GLU B 256 0.36 52.87 -11.85
C GLU B 256 0.22 53.41 -10.43
N LYS B 257 1.21 53.14 -9.58
CA LYS B 257 1.15 53.48 -8.15
C LYS B 257 1.21 54.98 -7.91
N ALA B 258 1.84 55.70 -8.84
CA ALA B 258 1.95 57.15 -8.79
C ALA B 258 0.62 57.88 -8.91
N ALA B 259 -0.35 57.30 -9.62
CA ALA B 259 -1.63 57.99 -9.77
C ALA B 259 -2.44 57.88 -8.49
N GLY B 260 -2.43 56.69 -7.87
CA GLY B 260 -3.18 56.46 -6.64
C GLY B 260 -4.57 55.97 -7.01
N PHE B 261 -5.55 56.26 -6.17
CA PHE B 261 -6.91 55.80 -6.41
C PHE B 261 -7.36 56.35 -7.77
N ILE B 262 -7.97 55.52 -8.60
CA ILE B 262 -8.39 55.96 -9.93
C ILE B 262 -9.89 55.76 -10.16
N SER B 263 -10.69 56.59 -9.49
CA SER B 263 -12.11 56.65 -9.77
C SER B 263 -12.36 57.20 -11.17
N VAL B 264 -13.54 56.91 -11.70
CA VAL B 264 -13.94 57.29 -13.05
C VAL B 264 -13.70 58.77 -13.37
N TRP B 265 -14.00 59.64 -12.42
CA TRP B 265 -13.81 61.06 -12.58
C TRP B 265 -12.32 61.40 -12.76
N LYS B 266 -11.48 60.83 -11.93
CA LYS B 266 -10.04 61.03 -12.04
C LYS B 266 -9.51 60.39 -13.33
N LEU B 267 -10.15 59.29 -13.74
CA LEU B 267 -9.79 58.58 -14.95
C LEU B 267 -10.01 59.46 -16.19
N PHE B 268 -11.11 60.19 -16.21
CA PHE B 268 -11.43 61.08 -17.33
C PHE B 268 -10.44 62.26 -17.43
N ARG B 269 -9.75 62.54 -16.34
CA ARG B 269 -8.80 63.65 -16.29
C ARG B 269 -7.40 63.26 -16.75
N MET B 270 -7.18 61.96 -16.94
CA MET B 270 -5.85 61.45 -17.26
C MET B 270 -5.60 61.38 -18.76
N GLN B 271 -4.52 62.04 -19.21
CA GLN B 271 -4.12 62.02 -20.61
C GLN B 271 -3.57 60.65 -20.98
N SER B 272 -2.84 60.04 -20.05
CA SER B 272 -2.25 58.72 -20.25
C SER B 272 -3.28 57.66 -20.58
N LEU B 273 -4.45 57.77 -19.95
CA LEU B 273 -5.53 56.82 -20.17
C LEU B 273 -6.57 57.34 -21.16
N ARG B 274 -6.31 58.53 -21.71
CA ARG B 274 -7.34 59.25 -22.49
C ARG B 274 -7.69 58.54 -23.81
N TRP B 275 -6.67 58.26 -24.63
CA TRP B 275 -6.92 57.59 -25.90
C TRP B 275 -7.45 56.17 -25.66
N GLN B 276 -7.10 55.63 -24.50
CA GLN B 276 -7.58 54.33 -24.05
C GLN B 276 -9.07 54.39 -23.73
N LEU B 277 -9.47 55.49 -23.07
CA LEU B 277 -10.87 55.73 -22.75
C LEU B 277 -11.67 55.88 -24.03
N ILE B 278 -11.18 56.74 -24.92
CA ILE B 278 -11.82 56.94 -26.22
C ILE B 278 -11.94 55.61 -26.94
N SER B 279 -10.90 54.78 -26.83
CA SER B 279 -10.91 53.45 -27.43
C SER B 279 -12.04 52.57 -26.87
N THR B 280 -12.12 52.48 -25.55
CA THR B 280 -13.16 51.67 -24.91
C THR B 280 -14.55 52.14 -25.30
N ILE B 281 -14.78 53.45 -25.18
CA ILE B 281 -16.06 54.04 -25.51
C ILE B 281 -16.45 53.77 -26.97
N VAL B 282 -15.55 54.10 -27.90
CA VAL B 282 -15.82 53.89 -29.31
C VAL B 282 -16.09 52.42 -29.62
N LEU B 283 -15.35 51.53 -28.98
CA LEU B 283 -15.50 50.10 -29.21
C LEU B 283 -16.84 49.56 -28.72
N MET B 284 -17.19 49.85 -27.46
CA MET B 284 -18.45 49.37 -26.89
C MET B 284 -19.65 49.99 -27.60
N ALA B 285 -19.63 51.32 -27.70
CA ALA B 285 -20.69 52.06 -28.37
C ALA B 285 -20.88 51.56 -29.78
N GLY B 286 -19.80 51.45 -30.54
CA GLY B 286 -19.86 50.94 -31.89
C GLY B 286 -20.43 49.53 -31.96
N GLN B 287 -20.00 48.70 -31.01
CA GLN B 287 -20.48 47.32 -30.92
C GLN B 287 -22.00 47.26 -30.78
N GLN B 288 -22.54 48.05 -29.86
CA GLN B 288 -23.99 48.02 -29.63
C GLN B 288 -24.77 48.80 -30.69
N LEU B 289 -24.10 49.74 -31.35
CA LEU B 289 -24.71 50.56 -32.38
C LEU B 289 -24.52 49.92 -33.75
N SER B 290 -23.96 48.72 -33.77
CA SER B 290 -23.73 48.00 -35.02
C SER B 290 -25.01 47.32 -35.49
N GLY B 291 -26.08 47.43 -34.70
CA GLY B 291 -27.36 46.90 -35.07
C GLY B 291 -27.53 45.41 -34.77
N VAL B 292 -26.92 44.98 -33.67
CA VAL B 292 -26.98 43.57 -33.27
C VAL B 292 -28.41 43.12 -33.02
N ASN B 293 -29.15 43.95 -32.28
CA ASN B 293 -30.53 43.62 -31.93
C ASN B 293 -31.42 43.67 -33.16
N ALA B 294 -31.10 44.60 -34.06
CA ALA B 294 -31.79 44.72 -35.33
C ALA B 294 -31.73 43.40 -36.09
N ILE B 295 -30.53 42.84 -36.19
CA ILE B 295 -30.35 41.55 -36.87
C ILE B 295 -31.06 40.47 -36.08
N TYR B 296 -31.00 40.59 -34.75
CA TYR B 296 -31.55 39.61 -33.84
C TYR B 296 -33.05 39.39 -34.07
N TYR B 297 -33.85 40.44 -33.99
CA TYR B 297 -35.30 40.24 -34.12
C TYR B 297 -35.86 40.53 -35.52
N TYR B 298 -35.02 41.01 -36.44
CA TYR B 298 -35.43 41.15 -37.84
C TYR B 298 -34.97 39.95 -38.70
N ALA B 299 -34.23 39.05 -38.04
CA ALA B 299 -33.85 37.78 -38.65
C ALA B 299 -35.08 37.03 -39.18
N ASP B 300 -36.07 36.86 -38.29
CA ASP B 300 -37.32 36.19 -38.63
C ASP B 300 -38.03 36.89 -39.79
N GLN B 301 -37.82 38.19 -39.90
CA GLN B 301 -38.40 38.96 -41.00
C GLN B 301 -37.74 38.55 -42.31
N ILE B 302 -36.41 38.43 -42.31
CA ILE B 302 -35.73 37.99 -43.53
C ILE B 302 -36.06 36.53 -43.87
N TYR B 303 -36.31 35.75 -42.84
CA TYR B 303 -36.63 34.34 -43.03
C TYR B 303 -38.03 34.17 -43.60
N LEU B 304 -38.96 35.02 -43.16
CA LEU B 304 -40.29 35.06 -43.74
C LEU B 304 -40.23 35.58 -45.17
N SER B 305 -39.33 36.54 -45.41
CA SER B 305 -39.11 37.09 -46.74
C SER B 305 -38.60 36.02 -47.72
N ALA B 306 -37.77 35.12 -47.21
CA ALA B 306 -37.25 34.00 -47.99
C ALA B 306 -38.33 32.96 -48.28
N GLY B 307 -39.31 32.87 -47.39
CA GLY B 307 -40.37 31.88 -47.53
C GLY B 307 -40.11 30.64 -46.71
N VAL B 308 -39.08 30.69 -45.87
CA VAL B 308 -38.74 29.59 -44.98
C VAL B 308 -39.83 29.41 -43.93
N LYS B 309 -40.18 28.16 -43.64
CA LYS B 309 -41.24 27.87 -42.68
C LYS B 309 -40.87 28.36 -41.28
N SER B 310 -41.87 28.78 -40.52
CA SER B 310 -41.65 29.38 -39.20
C SER B 310 -40.89 28.47 -38.24
N ASN B 311 -41.21 27.19 -38.27
CA ASN B 311 -40.47 26.21 -37.49
C ASN B 311 -39.05 26.10 -38.02
N ASP B 312 -38.94 26.05 -39.35
CA ASP B 312 -37.65 26.03 -40.00
C ASP B 312 -36.90 27.34 -39.74
N VAL B 313 -37.65 28.41 -39.53
CA VAL B 313 -37.06 29.70 -39.18
C VAL B 313 -36.44 29.66 -37.77
N GLN B 314 -37.16 29.03 -36.85
CA GLN B 314 -36.66 28.85 -35.50
C GLN B 314 -35.42 27.96 -35.50
N TYR B 315 -35.47 26.91 -36.31
CA TYR B 315 -34.35 25.98 -36.45
C TYR B 315 -33.12 26.64 -37.08
N VAL B 316 -33.34 27.53 -38.04
CA VAL B 316 -32.24 28.20 -38.70
C VAL B 316 -31.68 29.31 -37.81
N THR B 317 -32.50 29.81 -36.89
CA THR B 317 -31.98 30.72 -35.86
C THR B 317 -31.09 29.92 -34.91
N ALA B 318 -31.51 28.70 -34.60
CA ALA B 318 -30.68 27.79 -33.80
C ALA B 318 -29.35 27.54 -34.52
N GLY B 319 -29.43 27.35 -35.84
CA GLY B 319 -28.24 27.14 -36.64
C GLY B 319 -27.33 28.35 -36.65
N THR B 320 -27.91 29.55 -36.66
CA THR B 320 -27.12 30.77 -36.58
C THR B 320 -26.42 30.82 -35.23
N GLY B 321 -27.10 30.33 -34.20
CA GLY B 321 -26.50 30.24 -32.88
C GLY B 321 -25.31 29.29 -32.88
N ALA B 322 -25.46 28.16 -33.54
CA ALA B 322 -24.37 27.18 -33.66
C ALA B 322 -23.18 27.79 -34.38
N VAL B 323 -23.48 28.55 -35.43
CA VAL B 323 -22.46 29.27 -36.18
C VAL B 323 -21.73 30.24 -35.26
N ASN B 324 -22.51 30.95 -34.45
CA ASN B 324 -21.95 31.91 -33.49
C ASN B 324 -20.99 31.24 -32.52
N VAL B 325 -21.42 30.13 -31.92
CA VAL B 325 -20.60 29.41 -30.95
C VAL B 325 -19.31 28.88 -31.58
N PHE B 326 -19.46 28.16 -32.70
CA PHE B 326 -18.30 27.58 -33.38
C PHE B 326 -17.31 28.67 -33.78
N MET B 327 -17.81 29.72 -34.42
CA MET B 327 -16.97 30.84 -34.82
C MET B 327 -16.44 31.60 -33.62
N THR B 328 -17.01 31.35 -32.44
CA THR B 328 -16.49 31.95 -31.22
C THR B 328 -15.31 31.13 -30.65
N MET B 329 -15.35 29.82 -30.82
CA MET B 329 -14.19 28.98 -30.48
C MET B 329 -13.05 29.35 -31.42
N VAL B 330 -13.38 29.34 -32.71
CA VAL B 330 -12.48 29.83 -33.74
C VAL B 330 -12.00 31.23 -33.37
N THR B 331 -12.89 32.03 -32.78
CA THR B 331 -12.52 33.37 -32.34
C THR B 331 -11.51 33.32 -31.21
N VAL B 332 -11.58 32.31 -30.36
CA VAL B 332 -10.58 32.16 -29.30
C VAL B 332 -9.20 31.94 -29.90
N PHE B 333 -9.11 30.85 -30.67
CA PHE B 333 -7.82 30.42 -31.22
C PHE B 333 -7.23 31.48 -32.15
N VAL B 334 -8.08 32.07 -32.98
CA VAL B 334 -7.67 33.10 -33.93
C VAL B 334 -7.33 34.42 -33.21
N VAL B 335 -8.06 34.75 -32.14
CA VAL B 335 -7.70 35.90 -31.33
C VAL B 335 -6.28 35.74 -30.84
N GLU B 336 -5.92 34.52 -30.47
CA GLU B 336 -4.54 34.32 -30.01
C GLU B 336 -3.53 34.34 -31.16
N LEU B 337 -3.85 33.72 -32.28
CA LEU B 337 -2.87 33.63 -33.38
C LEU B 337 -2.71 34.92 -34.21
N TRP B 338 -3.82 35.46 -34.71
CA TRP B 338 -3.79 36.60 -35.61
C TRP B 338 -3.66 37.95 -34.90
N GLY B 339 -4.20 38.02 -33.68
CA GLY B 339 -4.18 39.26 -32.92
C GLY B 339 -5.54 39.92 -32.80
N ARG B 340 -5.67 40.82 -31.83
CA ARG B 340 -6.95 41.44 -31.50
C ARG B 340 -7.32 42.57 -32.47
N ARG B 341 -6.33 43.38 -32.83
CA ARG B 341 -6.54 44.49 -33.76
C ARG B 341 -7.14 44.00 -35.08
N ASN B 342 -6.40 43.14 -35.77
CA ASN B 342 -6.82 42.59 -37.05
C ASN B 342 -8.19 41.94 -37.00
N LEU B 343 -8.54 41.36 -35.85
CA LEU B 343 -9.84 40.73 -35.70
C LEU B 343 -10.95 41.75 -35.52
N LEU B 344 -10.67 42.83 -34.79
CA LEU B 344 -11.62 43.94 -34.69
C LEU B 344 -11.90 44.49 -36.07
N LEU B 345 -10.83 44.73 -36.82
CA LEU B 345 -10.93 45.23 -38.19
C LEU B 345 -11.77 44.29 -39.07
N ILE B 346 -11.39 43.01 -39.10
CA ILE B 346 -12.09 42.01 -39.90
C ILE B 346 -13.58 41.91 -39.55
N GLY B 347 -13.87 41.85 -38.26
CA GLY B 347 -15.24 41.73 -37.79
C GLY B 347 -16.10 42.92 -38.17
N PHE B 348 -15.64 44.11 -37.83
CA PHE B 348 -16.40 45.32 -38.13
C PHE B 348 -16.53 45.56 -39.64
N SER B 349 -15.51 45.19 -40.40
CA SER B 349 -15.54 45.35 -41.86
C SER B 349 -16.53 44.38 -42.51
N THR B 350 -16.48 43.11 -42.10
CA THR B 350 -17.39 42.11 -42.62
C THR B 350 -18.82 42.46 -42.24
N CYS B 351 -18.99 43.07 -41.07
CA CYS B 351 -20.32 43.50 -40.64
C CYS B 351 -20.75 44.71 -41.44
N LEU B 352 -19.78 45.52 -41.84
CA LEU B 352 -20.04 46.68 -42.68
C LEU B 352 -20.55 46.27 -44.06
N THR B 353 -19.79 45.41 -44.73
CA THR B 353 -20.20 44.87 -46.02
C THR B 353 -21.54 44.17 -45.93
N ALA B 354 -21.70 43.38 -44.87
CA ALA B 354 -22.96 42.69 -44.60
C ALA B 354 -24.11 43.68 -44.55
N CYS B 355 -23.91 44.77 -43.81
CA CYS B 355 -24.92 45.80 -43.68
C CYS B 355 -25.25 46.45 -45.02
N ILE B 356 -24.24 46.98 -45.71
CA ILE B 356 -24.47 47.68 -46.98
C ILE B 356 -25.18 46.81 -48.03
N VAL B 357 -24.63 45.62 -48.23
CA VAL B 357 -25.22 44.66 -49.16
C VAL B 357 -26.64 44.32 -48.73
N LEU B 358 -26.87 44.27 -47.42
CA LEU B 358 -28.22 44.04 -46.90
C LEU B 358 -29.15 45.20 -47.24
N THR B 359 -28.66 46.42 -47.09
CA THR B 359 -29.47 47.62 -47.33
C THR B 359 -29.94 47.66 -48.77
N VAL B 360 -29.03 47.37 -49.69
CA VAL B 360 -29.40 47.29 -51.10
C VAL B 360 -30.35 46.11 -51.34
N ALA B 361 -30.09 45.04 -50.59
CA ALA B 361 -30.80 43.79 -50.75
C ALA B 361 -32.27 43.92 -50.40
N LEU B 362 -32.61 44.42 -49.22
CA LEU B 362 -34.00 44.43 -48.81
C LEU B 362 -34.86 45.33 -49.70
N ALA B 363 -34.27 46.43 -50.17
CA ALA B 363 -34.96 47.29 -51.11
C ALA B 363 -35.23 46.61 -52.44
N LEU B 364 -34.21 45.97 -53.01
CA LEU B 364 -34.38 45.30 -54.31
C LEU B 364 -35.10 43.94 -54.30
N GLN B 365 -35.10 43.26 -53.15
CA GLN B 365 -35.62 41.90 -53.01
C GLN B 365 -37.12 41.73 -53.20
N ASN B 366 -37.92 42.76 -52.94
CA ASN B 366 -39.34 42.65 -53.20
C ASN B 366 -39.60 42.82 -54.69
N THR B 367 -38.74 43.59 -55.34
CA THR B 367 -38.82 43.81 -56.78
C THR B 367 -38.26 42.61 -57.55
N ILE B 368 -37.13 42.07 -57.07
CA ILE B 368 -36.45 40.98 -57.75
C ILE B 368 -36.26 39.77 -56.82
N SER B 369 -36.56 38.59 -57.34
CA SER B 369 -36.57 37.36 -56.55
C SER B 369 -35.19 36.80 -56.20
N TRP B 370 -34.17 37.24 -56.92
CA TRP B 370 -32.82 36.70 -56.74
C TRP B 370 -32.13 37.17 -55.45
N MET B 371 -32.42 38.41 -55.04
CA MET B 371 -31.73 39.02 -53.91
C MET B 371 -31.87 38.34 -52.52
N PRO B 372 -33.12 38.05 -52.08
CA PRO B 372 -33.28 37.65 -50.67
C PRO B 372 -32.47 36.41 -50.24
N TYR B 373 -32.25 35.51 -51.19
CA TYR B 373 -31.43 34.33 -50.92
C TYR B 373 -30.05 34.81 -50.52
N VAL B 374 -29.51 35.75 -51.31
CA VAL B 374 -28.21 36.33 -51.02
C VAL B 374 -28.24 37.01 -49.66
N SER B 375 -29.35 37.70 -49.38
CA SER B 375 -29.48 38.47 -48.14
C SER B 375 -29.31 37.59 -46.92
N ILE B 376 -29.84 36.37 -46.99
CA ILE B 376 -29.68 35.45 -45.86
C ILE B 376 -28.20 35.20 -45.59
N VAL B 377 -27.46 34.90 -46.65
CA VAL B 377 -26.02 34.66 -46.58
C VAL B 377 -25.25 35.86 -46.05
N CYS B 378 -25.65 37.05 -46.48
CA CYS B 378 -24.98 38.28 -46.06
C CYS B 378 -25.21 38.51 -44.57
N VAL B 379 -26.43 38.21 -44.11
CA VAL B 379 -26.76 38.29 -42.68
C VAL B 379 -25.93 37.29 -41.88
N ILE B 380 -25.76 36.10 -42.42
CA ILE B 380 -24.91 35.10 -41.77
C ILE B 380 -23.50 35.67 -41.66
N VAL B 381 -23.04 36.34 -42.71
CA VAL B 381 -21.75 37.01 -42.71
C VAL B 381 -21.66 38.03 -41.58
N TYR B 382 -22.74 38.81 -41.40
CA TYR B 382 -22.82 39.74 -40.27
C TYR B 382 -22.64 39.01 -38.95
N VAL B 383 -23.40 37.94 -38.75
CA VAL B 383 -23.34 37.16 -37.51
C VAL B 383 -21.92 36.69 -37.24
N ILE B 384 -21.25 36.19 -38.28
CA ILE B 384 -19.87 35.74 -38.17
C ILE B 384 -18.95 36.89 -37.75
N GLY B 385 -19.01 37.98 -38.52
CA GLY B 385 -18.16 39.13 -38.31
C GLY B 385 -18.29 39.65 -36.89
N HIS B 386 -19.52 39.90 -36.47
CA HIS B 386 -19.76 40.43 -35.14
C HIS B 386 -19.39 39.42 -34.06
N ALA B 387 -19.44 38.13 -34.41
CA ALA B 387 -19.06 37.08 -33.47
C ALA B 387 -17.55 37.07 -33.27
N VAL B 388 -16.82 37.54 -34.28
CA VAL B 388 -15.37 37.54 -34.20
C VAL B 388 -14.80 38.81 -33.57
N GLY B 389 -14.81 39.92 -34.30
CA GLY B 389 -14.29 41.18 -33.80
C GLY B 389 -15.09 41.95 -32.75
N PRO B 390 -16.30 42.39 -33.10
CA PRO B 390 -17.08 43.31 -32.26
C PRO B 390 -17.55 42.80 -30.90
N SER B 391 -18.13 41.61 -30.81
CA SER B 391 -18.70 41.15 -29.54
C SER B 391 -17.68 40.71 -28.46
N PRO B 392 -16.84 39.69 -28.76
CA PRO B 392 -16.01 39.15 -27.66
C PRO B 392 -14.84 40.05 -27.24
N ILE B 393 -14.21 40.71 -28.21
CA ILE B 393 -12.94 41.38 -28.00
C ILE B 393 -12.97 42.58 -27.03
N PRO B 394 -13.88 43.54 -27.22
CA PRO B 394 -13.74 44.83 -26.51
C PRO B 394 -13.64 44.70 -24.99
N ALA B 395 -14.25 43.68 -24.39
CA ALA B 395 -14.15 43.46 -22.95
C ALA B 395 -12.71 43.09 -22.62
N LEU B 396 -12.21 42.09 -23.35
CA LEU B 396 -10.82 41.68 -23.24
C LEU B 396 -9.84 42.81 -23.44
N PHE B 397 -10.20 43.71 -24.34
CA PHE B 397 -9.33 44.82 -24.65
C PHE B 397 -9.38 45.83 -23.52
N ILE B 398 -10.53 45.95 -22.88
CA ILE B 398 -10.65 46.80 -21.70
C ILE B 398 -9.75 46.27 -20.58
N THR B 399 -9.74 44.95 -20.42
CA THR B 399 -8.86 44.33 -19.44
C THR B 399 -7.39 44.56 -19.77
N GLU B 400 -7.02 44.33 -21.03
CA GLU B 400 -5.62 44.45 -21.46
C GLU B 400 -5.07 45.85 -21.36
N ILE B 401 -5.80 46.82 -21.92
CA ILE B 401 -5.33 48.20 -21.99
C ILE B 401 -4.95 48.80 -20.63
N PHE B 402 -5.92 48.91 -19.75
CA PHE B 402 -5.69 49.59 -18.47
C PHE B 402 -4.88 48.73 -17.51
N LEU B 403 -4.37 49.39 -16.47
CA LEU B 403 -3.59 48.70 -15.44
C LEU B 403 -4.49 48.33 -14.27
N GLN B 404 -3.88 47.85 -13.19
CA GLN B 404 -4.63 47.26 -12.08
C GLN B 404 -5.70 48.18 -11.48
N SER B 405 -5.32 49.39 -11.10
CA SER B 405 -6.25 50.31 -10.43
C SER B 405 -7.24 50.96 -11.40
N SER B 406 -6.82 51.15 -12.64
CA SER B 406 -7.67 51.82 -13.63
C SER B 406 -8.58 50.86 -14.41
N ARG B 407 -8.33 49.56 -14.28
CA ARG B 407 -9.11 48.55 -15.01
C ARG B 407 -10.60 48.49 -14.60
N PRO B 408 -10.88 48.39 -13.28
CA PRO B 408 -12.30 48.26 -12.93
C PRO B 408 -13.14 49.52 -13.23
N SER B 409 -12.56 50.70 -13.05
CA SER B 409 -13.26 51.94 -13.37
C SER B 409 -13.49 52.04 -14.87
N ALA B 410 -12.51 51.58 -15.64
CA ALA B 410 -12.63 51.54 -17.10
C ALA B 410 -13.72 50.55 -17.51
N TYR B 411 -13.91 49.51 -16.73
CA TYR B 411 -14.99 48.56 -16.98
C TYR B 411 -16.33 49.16 -16.59
N MET B 412 -16.32 50.06 -15.60
CA MET B 412 -17.52 50.81 -15.25
C MET B 412 -17.93 51.68 -16.42
N ILE B 413 -16.95 52.40 -16.99
CA ILE B 413 -17.20 53.27 -18.13
C ILE B 413 -17.64 52.49 -19.37
N GLY B 414 -16.84 51.53 -19.78
CA GLY B 414 -17.14 50.73 -20.97
C GLY B 414 -18.45 49.97 -20.82
N GLY B 415 -18.70 49.46 -19.61
CA GLY B 415 -19.93 48.76 -19.33
C GLY B 415 -21.13 49.68 -19.41
N SER B 416 -21.00 50.86 -18.81
CA SER B 416 -22.05 51.88 -18.86
C SER B 416 -22.37 52.25 -20.29
N VAL B 417 -21.34 52.49 -21.09
CA VAL B 417 -21.50 52.82 -22.50
C VAL B 417 -22.21 51.68 -23.23
N HIS B 418 -21.82 50.46 -22.90
CA HIS B 418 -22.40 49.26 -23.51
C HIS B 418 -23.91 49.15 -23.26
N TRP B 419 -24.29 49.16 -21.98
CA TRP B 419 -25.69 48.96 -21.61
C TRP B 419 -26.56 50.16 -21.94
N LEU B 420 -25.99 51.36 -21.86
CA LEU B 420 -26.71 52.56 -22.25
C LEU B 420 -26.93 52.60 -23.75
N SER B 421 -25.97 52.08 -24.51
CA SER B 421 -26.11 52.00 -25.95
C SER B 421 -27.16 50.96 -26.32
N ASN B 422 -27.16 49.84 -25.60
CA ASN B 422 -28.16 48.79 -25.82
C ASN B 422 -29.55 49.30 -25.47
N PHE B 423 -29.61 50.17 -24.47
CA PHE B 423 -30.86 50.79 -24.03
C PHE B 423 -31.38 51.76 -25.08
N ILE B 424 -30.52 52.69 -25.47
CA ILE B 424 -30.84 53.72 -26.46
C ILE B 424 -31.28 53.08 -27.77
N VAL B 425 -30.48 52.16 -28.29
CA VAL B 425 -30.85 51.43 -29.50
C VAL B 425 -32.15 50.67 -29.26
N GLY B 426 -32.27 50.06 -28.09
CA GLY B 426 -33.43 49.28 -27.73
C GLY B 426 -34.75 50.03 -27.89
N LEU B 427 -34.83 51.23 -27.32
CA LEU B 427 -36.06 52.01 -27.45
C LEU B 427 -36.17 52.77 -28.77
N ILE B 428 -35.07 53.33 -29.25
CA ILE B 428 -35.10 54.24 -30.39
C ILE B 428 -35.22 53.53 -31.74
N PHE B 429 -34.52 52.41 -31.90
CA PHE B 429 -34.52 51.67 -33.17
C PHE B 429 -35.90 51.35 -33.75
N PRO B 430 -36.89 51.00 -32.91
CA PRO B 430 -38.22 50.83 -33.51
C PRO B 430 -38.71 52.06 -34.28
N PHE B 431 -38.53 53.24 -33.71
CA PHE B 431 -38.92 54.49 -34.35
C PHE B 431 -38.13 54.76 -35.63
N ILE B 432 -36.84 54.45 -35.59
CA ILE B 432 -35.95 54.66 -36.74
C ILE B 432 -36.34 53.71 -37.86
N GLN B 433 -36.59 52.45 -37.51
CA GLN B 433 -36.92 51.42 -38.49
C GLN B 433 -38.26 51.76 -39.10
N VAL B 434 -39.24 52.11 -38.28
CA VAL B 434 -40.56 52.44 -38.78
C VAL B 434 -40.47 53.63 -39.74
N GLY B 435 -39.59 54.59 -39.41
CA GLY B 435 -39.37 55.73 -40.28
C GLY B 435 -38.68 55.48 -41.62
N LEU B 436 -37.52 54.81 -41.57
CA LEU B 436 -36.65 54.62 -42.73
C LEU B 436 -36.85 53.29 -43.45
N GLY B 437 -37.73 52.46 -42.91
CA GLY B 437 -37.99 51.14 -43.44
C GLY B 437 -36.74 50.28 -43.44
N PRO B 438 -36.43 49.64 -44.58
CA PRO B 438 -35.24 48.81 -44.73
C PRO B 438 -33.94 49.61 -44.71
N TYR B 439 -34.04 50.87 -45.12
CA TYR B 439 -32.89 51.78 -45.23
C TYR B 439 -32.16 52.00 -43.90
N SER B 440 -32.83 51.70 -42.78
CA SER B 440 -32.28 51.95 -41.44
C SER B 440 -30.88 51.39 -41.20
N PHE B 441 -30.56 50.28 -41.86
CA PHE B 441 -29.28 49.61 -41.69
C PHE B 441 -28.08 50.40 -42.22
N ILE B 442 -28.33 51.36 -43.11
CA ILE B 442 -27.27 52.18 -43.66
C ILE B 442 -26.57 52.93 -42.52
N ILE B 443 -27.34 53.36 -41.53
CA ILE B 443 -26.79 53.99 -40.35
C ILE B 443 -25.81 53.06 -39.63
N PHE B 444 -26.21 51.81 -39.47
CA PHE B 444 -25.35 50.79 -38.86
C PHE B 444 -24.07 50.61 -39.68
N ALA B 445 -24.20 50.68 -41.00
CA ALA B 445 -23.04 50.58 -41.88
C ALA B 445 -22.08 51.73 -41.64
N ILE B 446 -22.62 52.93 -41.52
CA ILE B 446 -21.81 54.12 -41.26
C ILE B 446 -21.07 54.00 -39.94
N ILE B 447 -21.80 53.56 -38.90
CA ILE B 447 -21.20 53.31 -37.58
C ILE B 447 -20.07 52.29 -37.64
N CYS B 448 -20.31 51.18 -38.33
CA CYS B 448 -19.30 50.15 -38.51
C CYS B 448 -18.07 50.68 -39.23
N LEU B 449 -18.29 51.53 -40.24
CA LEU B 449 -17.19 52.09 -41.01
C LEU B 449 -16.36 53.05 -40.17
N LEU B 450 -17.03 53.92 -39.41
CA LEU B 450 -16.35 54.85 -38.51
C LEU B 450 -15.53 54.10 -37.46
N THR B 451 -16.15 53.11 -36.84
CA THR B 451 -15.47 52.27 -35.86
C THR B 451 -14.23 51.63 -36.47
N THR B 452 -14.39 51.04 -37.65
CA THR B 452 -13.30 50.40 -38.37
C THR B 452 -12.15 51.36 -38.61
N ILE B 453 -12.48 52.56 -39.06
CA ILE B 453 -11.48 53.60 -39.28
C ILE B 453 -10.73 53.93 -37.98
N TYR B 454 -11.49 54.05 -36.90
CA TYR B 454 -10.90 54.31 -35.58
C TYR B 454 -9.89 53.23 -35.21
N ILE B 455 -10.33 51.97 -35.28
CA ILE B 455 -9.48 50.83 -34.95
C ILE B 455 -8.25 50.80 -35.85
N PHE B 456 -8.40 51.25 -37.08
CA PHE B 456 -7.30 51.27 -38.04
C PHE B 456 -6.26 52.34 -37.67
N MET B 457 -6.72 53.52 -37.27
CA MET B 457 -5.81 54.63 -36.99
C MET B 457 -5.41 54.76 -35.53
N VAL B 458 -6.00 53.94 -34.66
CA VAL B 458 -5.75 54.07 -33.22
C VAL B 458 -5.33 52.76 -32.56
N VAL B 459 -6.24 51.78 -32.58
CA VAL B 459 -6.08 50.55 -31.80
C VAL B 459 -4.82 49.75 -32.13
N PRO B 460 -3.91 49.62 -31.15
CA PRO B 460 -2.68 48.82 -31.23
C PRO B 460 -2.93 47.32 -31.04
N GLU B 461 -1.95 46.50 -31.43
CA GLU B 461 -2.02 45.06 -31.21
C GLU B 461 -1.43 44.69 -29.85
N THR B 462 -2.26 44.12 -28.98
CA THR B 462 -1.85 43.84 -27.61
C THR B 462 -1.40 42.40 -27.36
N LYS B 463 -1.38 41.57 -28.40
CA LYS B 463 -1.04 40.16 -28.22
C LYS B 463 0.41 39.94 -27.79
N GLY B 464 0.58 39.05 -26.80
CA GLY B 464 1.91 38.69 -26.33
C GLY B 464 2.64 39.79 -25.59
N ARG B 465 1.97 40.91 -25.38
CA ARG B 465 2.57 42.06 -24.72
C ARG B 465 2.12 42.20 -23.27
N THR B 466 3.05 42.65 -22.44
CA THR B 466 2.76 42.93 -21.04
C THR B 466 1.90 44.20 -20.94
N PHE B 467 1.15 44.34 -19.85
CA PHE B 467 0.34 45.53 -19.63
C PHE B 467 1.19 46.80 -19.70
N VAL B 468 2.42 46.69 -19.22
CA VAL B 468 3.33 47.82 -19.17
C VAL B 468 3.74 48.22 -20.58
N GLU B 469 3.95 47.22 -21.43
CA GLU B 469 4.38 47.46 -22.80
C GLU B 469 3.30 48.16 -23.64
N ILE B 470 2.07 47.65 -23.56
CA ILE B 470 0.96 48.26 -24.28
C ILE B 470 0.64 49.64 -23.71
N ASN B 471 0.78 49.79 -22.39
CA ASN B 471 0.58 51.08 -21.74
C ASN B 471 1.63 52.09 -22.21
N GLN B 472 2.82 51.58 -22.52
CA GLN B 472 3.91 52.41 -23.01
C GLN B 472 3.62 52.82 -24.46
N ILE B 473 3.02 51.89 -25.22
CA ILE B 473 2.59 52.19 -26.58
C ILE B 473 1.56 53.32 -26.56
N PHE B 474 0.55 53.15 -25.72
CA PHE B 474 -0.50 54.14 -25.57
C PHE B 474 0.08 55.47 -25.08
N ALA B 475 1.11 55.40 -24.25
CA ALA B 475 1.77 56.62 -23.77
C ALA B 475 2.44 57.35 -24.94
N LYS B 476 3.06 56.58 -25.83
CA LYS B 476 3.64 57.14 -27.05
C LYS B 476 2.58 57.83 -27.89
N LYS B 477 1.44 57.17 -28.03
CA LYS B 477 0.33 57.73 -28.80
C LYS B 477 -0.26 58.99 -28.17
N ASN B 478 -0.32 58.99 -26.84
CA ASN B 478 -0.83 60.13 -26.08
C ASN B 478 0.07 61.37 -26.17
N LYS B 479 1.38 61.16 -26.09
CA LYS B 479 2.30 62.30 -26.16
C LYS B 479 2.22 62.99 -27.52
N VAL B 480 2.30 62.20 -28.60
CA VAL B 480 2.24 62.74 -29.95
C VAL B 480 0.85 63.27 -30.26
N GLU C 1 10.56 20.43 12.22
CA GLU C 1 10.95 20.77 10.86
C GLU C 1 10.60 19.60 9.94
N LEU C 2 10.34 19.88 8.66
CA LEU C 2 9.93 18.80 7.75
C LEU C 2 11.12 18.25 6.97
N ASP C 3 11.48 17.00 7.26
CA ASP C 3 12.58 16.31 6.60
C ASP C 3 12.13 15.15 5.71
N ILE C 4 12.03 15.38 4.41
CA ILE C 4 11.59 14.31 3.51
C ILE C 4 12.73 13.33 3.25
N VAL C 5 12.54 12.06 3.63
CA VAL C 5 13.54 11.02 3.35
C VAL C 5 13.17 10.19 2.12
N LEU C 6 14.12 10.07 1.18
CA LEU C 6 13.95 9.22 0.01
C LEU C 6 14.75 7.92 0.04
N THR C 7 14.03 6.80 -0.05
CA THR C 7 14.63 5.48 -0.04
C THR C 7 14.64 4.74 -1.37
N GLN C 8 15.83 4.48 -1.91
CA GLN C 8 15.93 3.71 -3.14
C GLN C 8 16.13 2.24 -2.83
N SER C 9 15.61 1.37 -3.68
CA SER C 9 15.86 -0.07 -3.56
C SER C 9 15.88 -0.74 -4.94
N PRO C 10 16.75 -1.74 -5.13
CA PRO C 10 17.77 -2.21 -4.18
C PRO C 10 18.98 -1.28 -4.15
N LEU C 11 19.96 -1.59 -3.31
CA LEU C 11 21.17 -0.79 -3.26
C LEU C 11 22.07 -1.13 -4.45
N SER C 12 22.07 -2.40 -4.84
CA SER C 12 22.87 -2.85 -5.97
C SER C 12 22.03 -3.71 -6.91
N LEU C 13 22.10 -3.42 -8.21
CA LEU C 13 21.33 -4.18 -9.18
C LEU C 13 22.22 -4.77 -10.28
N PRO C 14 22.59 -6.04 -10.14
CA PRO C 14 23.41 -6.63 -11.21
C PRO C 14 22.53 -7.05 -12.39
N VAL C 15 22.96 -6.75 -13.60
CA VAL C 15 22.18 -7.03 -14.80
C VAL C 15 23.05 -7.52 -15.95
N SER C 16 22.44 -8.21 -16.91
CA SER C 16 23.06 -8.41 -18.21
C SER C 16 22.42 -7.42 -19.18
N LEU C 17 23.17 -7.00 -20.20
CA LEU C 17 22.61 -6.15 -21.24
C LEU C 17 21.39 -6.79 -21.89
N GLY C 18 20.32 -6.01 -22.03
CA GLY C 18 19.08 -6.52 -22.58
C GLY C 18 18.03 -6.81 -21.53
N ASP C 19 18.46 -6.91 -20.27
CA ASP C 19 17.55 -7.19 -19.16
C ASP C 19 16.59 -6.03 -18.94
N GLN C 20 15.39 -6.35 -18.45
CA GLN C 20 14.52 -5.34 -17.86
C GLN C 20 15.01 -5.05 -16.44
N ALA C 21 14.85 -3.81 -16.00
CA ALA C 21 15.23 -3.45 -14.64
C ALA C 21 14.31 -2.40 -14.02
N SER C 22 13.99 -2.59 -12.74
CA SER C 22 13.15 -1.64 -12.02
C SER C 22 13.79 -1.14 -10.73
N ILE C 23 13.60 0.15 -10.45
CA ILE C 23 14.18 0.77 -9.27
C ILE C 23 13.08 1.44 -8.45
N SER C 24 13.06 1.23 -7.13
CA SER C 24 11.99 1.80 -6.32
C SER C 24 12.50 2.99 -5.52
N CYS C 25 11.63 3.98 -5.30
CA CYS C 25 11.92 5.12 -4.45
C CYS C 25 10.71 5.43 -3.58
N ARG C 26 10.89 5.41 -2.26
CA ARG C 26 9.80 5.72 -1.34
C ARG C 26 10.08 6.94 -0.47
N SER C 27 9.10 7.82 -0.37
CA SER C 27 9.20 9.01 0.47
C SER C 27 8.49 8.71 1.79
N SER C 28 9.02 9.24 2.89
CA SER C 28 8.45 8.95 4.20
C SER C 28 7.04 9.53 4.38
N GLN C 29 6.79 10.68 3.76
CA GLN C 29 5.44 11.23 3.67
C GLN C 29 5.17 11.62 2.22
N SER C 30 3.90 11.89 1.90
CA SER C 30 3.54 12.34 0.56
C SER C 30 4.37 13.56 0.16
N ILE C 31 4.88 13.51 -1.07
CA ILE C 31 5.61 14.61 -1.71
C ILE C 31 4.81 15.35 -2.79
N VAL C 32 3.49 15.35 -2.66
CA VAL C 32 2.71 16.26 -3.50
C VAL C 32 2.81 17.70 -2.99
N HIS C 33 3.39 18.54 -3.85
CA HIS C 33 3.56 19.97 -3.63
C HIS C 33 2.24 20.71 -3.61
N SER C 34 2.23 21.86 -2.96
CA SER C 34 1.05 22.72 -2.89
C SER C 34 0.55 23.19 -4.25
N ASN C 35 1.40 23.12 -5.26
CA ASN C 35 1.01 23.46 -6.62
C ASN C 35 0.19 22.35 -7.30
N GLY C 36 0.07 21.22 -6.63
CA GLY C 36 -0.77 20.13 -7.10
C GLY C 36 0.10 19.12 -7.84
N ASN C 37 1.31 19.56 -8.15
CA ASN C 37 2.30 18.74 -8.84
C ASN C 37 3.14 17.92 -7.89
N THR C 38 3.64 16.80 -8.38
CA THR C 38 4.56 16.00 -7.59
C THR C 38 5.93 15.98 -8.25
N TYR C 39 6.90 16.59 -7.59
CA TYR C 39 8.23 16.75 -8.17
C TYR C 39 9.18 15.66 -7.74
N LEU C 40 8.94 14.47 -8.26
CA LEU C 40 9.79 13.33 -8.00
C LEU C 40 10.51 13.16 -9.32
N GLU C 41 11.83 13.14 -9.25
CA GLU C 41 12.68 13.12 -10.41
C GLU C 41 13.68 11.99 -10.34
N TRP C 42 14.14 11.57 -11.50
CA TRP C 42 15.19 10.57 -11.57
C TRP C 42 16.34 11.13 -12.37
N TYR C 43 17.54 10.91 -11.82
CA TYR C 43 18.79 11.34 -12.41
C TYR C 43 19.73 10.17 -12.59
N LEU C 44 20.52 10.22 -13.65
CA LEU C 44 21.55 9.21 -13.91
C LEU C 44 22.93 9.86 -13.85
N GLN C 45 23.84 9.20 -13.14
CA GLN C 45 25.23 9.62 -13.10
C GLN C 45 26.11 8.44 -13.49
N LYS C 46 27.00 8.68 -14.44
CA LYS C 46 27.98 7.67 -14.80
C LYS C 46 29.28 8.00 -14.10
N PRO C 47 30.15 6.99 -13.90
CA PRO C 47 31.40 7.26 -13.15
C PRO C 47 32.27 8.34 -13.79
N GLY C 48 32.79 9.24 -12.96
CA GLY C 48 33.60 10.36 -13.40
C GLY C 48 32.81 11.37 -14.23
N GLN C 49 31.50 11.23 -14.30
CA GLN C 49 30.68 12.17 -15.04
C GLN C 49 29.68 12.91 -14.14
N SER C 50 29.19 14.07 -14.59
CA SER C 50 28.12 14.79 -13.92
C SER C 50 26.75 14.11 -14.12
N PRO C 51 25.84 14.30 -13.15
CA PRO C 51 24.47 13.79 -13.29
C PRO C 51 23.73 14.39 -14.48
N LYS C 52 22.78 13.65 -15.01
CA LYS C 52 21.88 14.13 -16.05
C LYS C 52 20.44 13.83 -15.71
N LEU C 53 19.55 14.71 -16.11
CA LEU C 53 18.13 14.53 -15.84
C LEU C 53 17.57 13.43 -16.73
N LEU C 54 16.87 12.47 -16.12
CA LEU C 54 16.17 11.45 -16.88
C LEU C 54 14.67 11.66 -16.84
N ILE C 55 14.14 11.83 -15.63
CA ILE C 55 12.69 11.84 -15.43
C ILE C 55 12.29 12.98 -14.52
N TYR C 56 11.19 13.66 -14.88
CA TYR C 56 10.65 14.69 -14.01
C TYR C 56 9.15 14.51 -13.84
N LYS C 57 8.61 15.12 -12.80
CA LYS C 57 7.19 15.02 -12.44
C LYS C 57 6.68 13.57 -12.47
N VAL C 58 7.43 12.68 -11.83
CA VAL C 58 7.11 11.24 -11.64
C VAL C 58 7.23 10.40 -12.92
N SER C 59 6.64 10.83 -14.05
CA SER C 59 6.49 9.95 -15.20
C SER C 59 6.87 10.53 -16.56
N ASN C 60 7.32 11.78 -16.56
CA ASN C 60 7.67 12.47 -17.79
C ASN C 60 9.14 12.29 -18.20
N ARG C 61 9.39 11.86 -19.44
CA ARG C 61 10.79 11.78 -19.88
C ARG C 61 11.32 13.15 -20.28
N PHE C 62 12.51 13.46 -19.78
CA PHE C 62 13.25 14.65 -20.17
C PHE C 62 13.72 14.57 -21.62
N SER C 63 13.88 15.72 -22.25
CA SER C 63 14.41 15.80 -23.61
C SER C 63 15.67 14.95 -23.79
N GLY C 64 15.67 14.07 -24.78
CA GLY C 64 16.84 13.29 -25.10
C GLY C 64 16.86 11.91 -24.46
N VAL C 65 15.96 11.70 -23.51
CA VAL C 65 15.86 10.42 -22.82
C VAL C 65 15.12 9.43 -23.70
N PRO C 66 15.74 8.27 -23.97
CA PRO C 66 15.13 7.29 -24.89
C PRO C 66 13.89 6.66 -24.27
N ASP C 67 12.96 6.21 -25.10
CA ASP C 67 11.67 5.70 -24.61
C ASP C 67 11.75 4.42 -23.79
N ARG C 68 12.93 3.79 -23.75
CA ARG C 68 13.12 2.63 -22.88
C ARG C 68 13.04 3.02 -21.41
N PHE C 69 13.18 4.31 -21.13
CA PHE C 69 13.04 4.81 -19.77
C PHE C 69 11.60 5.23 -19.51
N SER C 70 11.03 4.77 -18.41
CA SER C 70 9.70 5.20 -18.00
C SER C 70 9.58 5.35 -16.49
N GLY C 71 8.84 6.37 -16.07
CA GLY C 71 8.66 6.61 -14.65
C GLY C 71 7.20 6.44 -14.27
N SER C 72 6.96 5.93 -13.07
CA SER C 72 5.62 5.72 -12.56
C SER C 72 5.58 5.91 -11.06
N GLY C 73 4.38 5.91 -10.48
CA GLY C 73 4.25 6.01 -9.04
C GLY C 73 3.07 6.82 -8.55
N SER C 74 2.79 6.69 -7.26
CA SER C 74 1.70 7.40 -6.60
C SER C 74 1.98 7.59 -5.11
N GLY C 75 1.74 8.80 -4.63
CA GLY C 75 1.70 9.12 -3.22
C GLY C 75 3.03 9.07 -2.51
N THR C 76 3.43 7.89 -2.07
CA THR C 76 4.73 7.71 -1.41
C THR C 76 5.60 6.68 -2.14
N ASP C 77 5.05 6.07 -3.18
CA ASP C 77 5.71 4.94 -3.82
C ASP C 77 5.97 5.23 -5.29
N PHE C 78 7.23 5.13 -5.70
CA PHE C 78 7.60 5.52 -7.07
C PHE C 78 8.57 4.51 -7.68
N THR C 79 8.49 4.34 -9.00
CA THR C 79 9.31 3.36 -9.69
C THR C 79 9.86 3.89 -11.01
N LEU C 80 11.15 3.63 -11.26
CA LEU C 80 11.73 3.83 -12.58
C LEU C 80 12.00 2.50 -13.29
N LYS C 81 11.44 2.34 -14.48
CA LYS C 81 11.63 1.12 -15.26
C LYS C 81 12.42 1.33 -16.56
N ILE C 82 13.36 0.42 -16.78
CA ILE C 82 14.15 0.33 -18.01
C ILE C 82 13.82 -0.97 -18.74
N SER C 83 13.18 -0.86 -19.90
CA SER C 83 12.63 -2.00 -20.60
C SER C 83 13.73 -2.95 -21.08
N ARG C 84 14.90 -2.38 -21.39
CA ARG C 84 16.03 -3.15 -21.91
C ARG C 84 17.31 -2.40 -21.60
N VAL C 85 18.10 -2.93 -20.68
CA VAL C 85 19.28 -2.21 -20.21
C VAL C 85 20.38 -2.23 -21.26
N GLU C 86 20.81 -1.05 -21.66
CA GLU C 86 21.91 -0.94 -22.60
C GLU C 86 23.18 -0.55 -21.86
N ALA C 87 24.33 -0.75 -22.50
CA ALA C 87 25.62 -0.46 -21.89
C ALA C 87 25.70 0.98 -21.37
N GLU C 88 25.14 1.92 -22.12
CA GLU C 88 25.19 3.33 -21.73
C GLU C 88 24.29 3.68 -20.55
N ASP C 89 23.50 2.73 -20.09
CA ASP C 89 22.56 2.98 -18.98
C ASP C 89 23.20 2.65 -17.64
N LEU C 90 24.34 1.98 -17.67
CA LEU C 90 25.02 1.53 -16.45
C LEU C 90 25.57 2.72 -15.67
N GLY C 91 25.35 2.71 -14.36
CA GLY C 91 25.73 3.86 -13.55
C GLY C 91 24.91 3.93 -12.28
N VAL C 92 24.95 5.06 -11.58
CA VAL C 92 24.20 5.19 -10.35
C VAL C 92 22.99 6.12 -10.57
N TYR C 93 21.83 5.63 -10.15
CA TYR C 93 20.56 6.35 -10.28
C TYR C 93 20.12 6.97 -8.96
N TYR C 94 19.73 8.24 -9.02
CA TYR C 94 19.26 8.93 -7.82
C TYR C 94 17.84 9.43 -8.04
N CYS C 95 16.95 9.20 -7.07
CA CYS C 95 15.69 9.93 -7.09
C CYS C 95 15.85 11.23 -6.31
N PHE C 96 14.98 12.19 -6.58
CA PHE C 96 15.08 13.50 -5.96
C PHE C 96 13.70 14.13 -5.83
N GLN C 97 13.40 14.72 -4.67
CA GLN C 97 12.15 15.43 -4.52
C GLN C 97 12.40 16.93 -4.41
N GLY C 98 11.68 17.70 -5.23
CA GLY C 98 11.78 19.15 -5.16
C GLY C 98 10.48 19.75 -4.67
N SER C 99 9.71 18.96 -3.94
CA SER C 99 8.41 19.42 -3.47
C SER C 99 8.51 20.18 -2.14
N HIS C 100 9.24 19.59 -1.20
CA HIS C 100 9.32 20.13 0.15
C HIS C 100 10.75 20.46 0.55
N VAL C 101 10.98 21.70 0.93
CA VAL C 101 12.26 22.14 1.46
C VAL C 101 12.46 21.59 2.87
N PRO C 102 13.68 21.12 3.19
CA PRO C 102 14.84 21.03 2.30
C PRO C 102 14.73 19.89 1.30
N TYR C 103 15.18 20.14 0.08
CA TYR C 103 15.13 19.14 -0.97
C TYR C 103 16.11 18.03 -0.66
N THR C 104 15.84 16.83 -1.15
CA THR C 104 16.62 15.66 -0.76
C THR C 104 16.77 14.65 -1.89
N PHE C 105 17.94 14.04 -1.96
CA PHE C 105 18.21 12.91 -2.83
C PHE C 105 18.03 11.60 -2.08
N GLY C 106 17.66 10.55 -2.81
CA GLY C 106 17.78 9.20 -2.30
C GLY C 106 19.25 8.79 -2.17
N GLY C 107 19.48 7.64 -1.55
CA GLY C 107 20.84 7.20 -1.28
C GLY C 107 21.53 6.62 -2.50
N GLY C 108 20.77 6.43 -3.58
CA GLY C 108 21.32 5.91 -4.81
C GLY C 108 21.12 4.43 -5.03
N THR C 109 21.03 4.05 -6.30
CA THR C 109 20.95 2.64 -6.69
C THR C 109 21.96 2.38 -7.81
N LYS C 110 22.84 1.41 -7.60
CA LYS C 110 23.87 1.14 -8.60
C LYS C 110 23.44 0.08 -9.63
N LEU C 111 23.31 0.52 -10.88
CA LEU C 111 22.99 -0.37 -11.99
C LEU C 111 24.29 -0.85 -12.59
N GLU C 112 24.60 -2.13 -12.41
CA GLU C 112 25.90 -2.66 -12.77
C GLU C 112 25.79 -3.97 -13.56
N ILE C 113 26.79 -4.25 -14.39
CA ILE C 113 26.79 -5.45 -15.22
C ILE C 113 27.13 -6.68 -14.36
N LYS C 114 26.50 -7.82 -14.64
CA LYS C 114 26.93 -9.05 -13.99
C LYS C 114 28.28 -9.49 -14.57
N THR C 115 29.13 -10.06 -13.72
CA THR C 115 30.35 -10.69 -14.17
C THR C 115 30.47 -12.13 -13.69
N LEU D 1 23.89 29.68 -28.87
CA LEU D 1 24.88 28.68 -28.49
C LEU D 1 24.33 27.70 -27.46
N GLU D 2 25.17 26.77 -27.03
CA GLU D 2 24.75 25.68 -26.15
C GLU D 2 24.84 26.06 -24.67
N VAL D 3 24.06 25.36 -23.85
CA VAL D 3 24.01 25.66 -22.42
C VAL D 3 25.25 25.11 -21.73
N ASN D 4 25.96 26.00 -21.02
CA ASN D 4 27.11 25.60 -20.22
C ASN D 4 27.08 26.16 -18.81
N LEU D 5 27.49 25.33 -17.85
CA LEU D 5 27.69 25.76 -16.47
C LEU D 5 29.08 25.35 -16.02
N VAL D 6 29.88 26.32 -15.61
CA VAL D 6 31.26 26.05 -15.23
C VAL D 6 31.58 26.61 -13.84
N GLU D 7 31.82 25.70 -12.90
CA GLU D 7 32.07 26.04 -11.51
C GLU D 7 33.54 26.31 -11.24
N SER D 8 33.80 27.19 -10.28
CA SER D 8 35.16 27.50 -9.86
C SER D 8 35.22 27.90 -8.40
N GLY D 9 36.44 28.04 -7.85
CA GLY D 9 36.60 28.48 -6.49
C GLY D 9 36.96 27.39 -5.49
N GLY D 10 36.94 26.14 -5.93
CA GLY D 10 37.26 25.00 -5.08
C GLY D 10 38.70 24.89 -4.64
N GLY D 11 39.04 23.75 -4.03
CA GLY D 11 40.40 23.46 -3.57
C GLY D 11 40.49 22.95 -2.15
N LEU D 12 41.71 22.97 -1.60
CA LEU D 12 41.97 22.51 -0.24
C LEU D 12 41.82 23.59 0.83
N VAL D 13 41.10 23.25 1.91
CA VAL D 13 40.82 24.21 2.97
C VAL D 13 40.78 23.57 4.36
N GLN D 14 41.21 24.34 5.36
CA GLN D 14 41.23 23.88 6.75
C GLN D 14 39.84 23.98 7.37
N PRO D 15 39.57 23.14 8.40
CA PRO D 15 38.37 23.28 9.24
C PRO D 15 38.25 24.64 9.90
N GLY D 16 37.03 25.17 9.95
CA GLY D 16 36.79 26.51 10.46
C GLY D 16 37.02 27.60 9.41
N GLY D 17 37.57 27.21 8.26
CA GLY D 17 37.90 28.15 7.22
C GLY D 17 36.69 28.56 6.39
N SER D 18 36.92 29.40 5.38
CA SER D 18 35.85 29.89 4.52
C SER D 18 36.22 29.71 3.05
N ARG D 19 35.23 29.62 2.18
CA ARG D 19 35.49 29.52 0.74
C ARG D 19 34.27 29.93 -0.10
N LYS D 20 34.51 30.64 -1.19
CA LYS D 20 33.44 31.07 -2.10
C LYS D 20 33.44 30.39 -3.48
N LEU D 21 32.40 29.61 -3.75
CA LEU D 21 32.26 28.94 -5.04
C LEU D 21 31.50 29.84 -6.03
N SER D 22 31.82 29.69 -7.31
CA SER D 22 31.10 30.36 -8.38
C SER D 22 30.64 29.37 -9.44
N CYS D 23 29.64 29.79 -10.22
CA CYS D 23 29.11 29.03 -11.34
C CYS D 23 28.78 29.97 -12.49
N ALA D 24 29.56 29.87 -13.56
CA ALA D 24 29.37 30.71 -14.73
C ALA D 24 28.42 30.05 -15.73
N ALA D 25 27.37 30.78 -16.10
CA ALA D 25 26.34 30.24 -16.98
C ALA D 25 26.40 30.86 -18.37
N SER D 26 26.13 30.05 -19.39
CA SER D 26 25.99 30.57 -20.75
C SER D 26 25.02 29.74 -21.57
N GLY D 27 24.53 30.35 -22.65
CA GLY D 27 23.71 29.66 -23.64
C GLY D 27 22.23 29.72 -23.31
N PHE D 28 21.90 30.39 -22.20
CA PHE D 28 20.51 30.62 -21.85
C PHE D 28 20.36 31.91 -21.05
N THR D 29 19.12 32.38 -20.95
CA THR D 29 18.82 33.57 -20.14
C THR D 29 18.85 33.19 -18.67
N PHE D 30 19.98 33.44 -18.02
CA PHE D 30 20.21 33.03 -16.64
C PHE D 30 19.14 33.54 -15.67
N SER D 31 18.67 34.77 -15.88
CA SER D 31 17.70 35.37 -14.97
C SER D 31 16.30 34.76 -15.06
N SER D 32 16.08 33.89 -16.04
CA SER D 32 14.78 33.23 -16.19
C SER D 32 14.70 31.89 -15.45
N PHE D 33 15.82 31.49 -14.84
CA PHE D 33 15.92 30.15 -14.24
C PHE D 33 16.39 30.21 -12.79
N GLY D 34 15.75 29.42 -11.94
CA GLY D 34 16.26 29.12 -10.62
C GLY D 34 17.54 28.32 -10.71
N MET D 35 18.30 28.30 -9.61
CA MET D 35 19.59 27.60 -9.59
C MET D 35 19.80 26.83 -8.30
N HIS D 36 20.51 25.70 -8.38
CA HIS D 36 20.74 24.87 -7.21
C HIS D 36 22.22 24.56 -7.03
N TRP D 37 22.63 24.34 -5.78
CA TRP D 37 23.89 23.68 -5.50
C TRP D 37 23.60 22.30 -4.93
N VAL D 38 24.31 21.32 -5.49
CA VAL D 38 24.24 19.92 -5.05
C VAL D 38 25.66 19.43 -4.85
N ARG D 39 25.92 18.67 -3.79
CA ARG D 39 27.28 18.18 -3.58
C ARG D 39 27.33 16.65 -3.51
N GLN D 40 28.54 16.12 -3.60
CA GLN D 40 28.76 14.67 -3.57
C GLN D 40 30.10 14.35 -2.94
N ALA D 41 30.06 13.80 -1.73
CA ALA D 41 31.27 13.39 -1.02
C ALA D 41 31.90 12.17 -1.67
N PRO D 42 33.22 11.99 -1.51
CA PRO D 42 33.92 10.83 -2.08
C PRO D 42 33.27 9.48 -1.75
N GLU D 43 32.99 8.72 -2.79
CA GLU D 43 32.38 7.39 -2.71
C GLU D 43 31.01 7.41 -2.05
N LYS D 44 30.32 8.55 -2.18
CA LYS D 44 29.02 8.74 -1.55
C LYS D 44 27.98 9.16 -2.59
N GLY D 45 26.73 9.27 -2.17
CA GLY D 45 25.66 9.66 -3.07
C GLY D 45 25.52 11.16 -3.17
N LEU D 46 24.58 11.62 -4.00
CA LEU D 46 24.34 13.05 -4.16
C LEU D 46 23.60 13.63 -2.96
N GLU D 47 23.97 14.85 -2.60
CA GLU D 47 23.34 15.57 -1.50
C GLU D 47 22.99 16.99 -1.92
N TRP D 48 21.70 17.32 -1.89
CA TRP D 48 21.24 18.67 -2.21
C TRP D 48 21.73 19.65 -1.16
N VAL D 49 22.22 20.79 -1.61
CA VAL D 49 22.83 21.77 -0.71
C VAL D 49 21.99 23.03 -0.58
N ALA D 50 21.58 23.61 -1.70
CA ALA D 50 20.86 24.87 -1.63
C ALA D 50 20.15 25.23 -2.92
N HIS D 51 19.18 26.14 -2.81
CA HIS D 51 18.44 26.61 -3.98
C HIS D 51 18.23 28.11 -3.88
N ILE D 52 18.25 28.77 -5.03
CA ILE D 52 17.89 30.17 -5.11
C ILE D 52 17.02 30.43 -6.33
N SER D 53 15.90 31.13 -6.12
CA SER D 53 14.98 31.41 -7.20
C SER D 53 15.60 32.41 -8.19
N SER D 54 14.94 32.58 -9.33
CA SER D 54 15.47 33.39 -10.42
C SER D 54 15.71 34.84 -9.98
N GLY D 55 14.80 35.37 -9.17
CA GLY D 55 14.92 36.73 -8.67
C GLY D 55 15.45 36.85 -7.26
N SER D 56 15.97 35.75 -6.73
CA SER D 56 16.57 35.71 -5.38
C SER D 56 15.56 35.92 -4.26
N ARG D 57 14.27 35.93 -4.60
CA ARG D 57 13.23 36.09 -3.59
C ARG D 57 13.04 34.81 -2.77
N THR D 58 13.37 33.67 -3.37
CA THR D 58 13.26 32.39 -2.68
C THR D 58 14.63 31.76 -2.53
N ILE D 59 15.00 31.48 -1.29
CA ILE D 59 16.30 30.89 -0.97
C ILE D 59 16.07 29.78 0.04
N ASP D 60 16.63 28.60 -0.25
CA ASP D 60 16.48 27.48 0.67
C ASP D 60 17.77 26.70 0.87
N TYR D 61 17.91 26.09 2.06
CA TYR D 61 19.13 25.41 2.45
C TYR D 61 18.87 23.99 2.95
N ALA D 62 19.85 23.12 2.73
CA ALA D 62 19.87 21.80 3.36
C ALA D 62 20.07 21.99 4.86
N ASP D 63 19.53 21.07 5.66
CA ASP D 63 19.60 21.17 7.10
C ASP D 63 21.05 21.25 7.56
N THR D 64 21.89 20.52 6.86
CA THR D 64 23.30 20.37 7.21
C THR D 64 24.12 21.63 6.96
N VAL D 65 23.53 22.61 6.28
CA VAL D 65 24.24 23.86 6.00
C VAL D 65 23.60 25.15 6.52
N LYS D 66 22.40 25.06 7.08
CA LYS D 66 21.74 26.27 7.61
C LYS D 66 22.62 26.97 8.63
N GLY D 67 22.77 28.29 8.49
CA GLY D 67 23.58 29.07 9.40
C GLY D 67 25.05 29.12 9.03
N ARG D 68 25.46 28.32 8.06
CA ARG D 68 26.85 28.30 7.65
C ARG D 68 27.06 28.66 6.18
N PHE D 69 26.10 28.29 5.33
CA PHE D 69 26.21 28.54 3.90
C PHE D 69 25.23 29.60 3.42
N THR D 70 25.65 30.35 2.41
CA THR D 70 24.79 31.35 1.82
C THR D 70 24.83 31.24 0.30
N ILE D 71 23.67 31.00 -0.31
CA ILE D 71 23.58 30.93 -1.76
C ILE D 71 23.18 32.30 -2.30
N SER D 72 23.77 32.71 -3.41
CA SER D 72 23.38 33.98 -4.01
C SER D 72 23.55 33.96 -5.51
N ARG D 73 23.05 34.98 -6.18
CA ARG D 73 23.22 35.07 -7.63
C ARG D 73 23.32 36.51 -8.11
N ASP D 74 24.02 36.71 -9.21
CA ASP D 74 24.10 37.99 -9.87
C ASP D 74 23.65 37.76 -11.31
N ASN D 75 22.38 38.05 -11.57
CA ASN D 75 21.76 37.80 -12.86
C ASN D 75 22.38 38.60 -14.02
N PRO D 76 22.64 39.92 -13.83
CA PRO D 76 23.32 40.65 -14.92
C PRO D 76 24.70 40.10 -15.25
N LYS D 77 25.38 39.54 -14.26
CA LYS D 77 26.71 39.00 -14.47
C LYS D 77 26.65 37.50 -14.79
N ASN D 78 25.43 36.99 -14.91
CA ASN D 78 25.20 35.58 -15.22
C ASN D 78 25.95 34.62 -14.31
N THR D 79 25.98 34.91 -13.02
CA THR D 79 26.83 34.12 -12.12
C THR D 79 26.13 33.66 -10.86
N LEU D 80 26.27 32.38 -10.52
CA LEU D 80 25.76 31.86 -9.26
C LEU D 80 26.89 31.76 -8.24
N PHE D 81 26.60 32.02 -6.97
CA PHE D 81 27.63 31.90 -5.94
C PHE D 81 27.17 31.05 -4.76
N LEU D 82 28.14 30.41 -4.09
CA LEU D 82 27.89 29.76 -2.81
C LEU D 82 29.00 30.11 -1.81
N GLN D 83 28.68 30.95 -0.83
CA GLN D 83 29.62 31.27 0.25
C GLN D 83 29.56 30.27 1.41
N MET D 84 30.68 29.60 1.68
CA MET D 84 30.75 28.62 2.75
C MET D 84 31.62 29.11 3.91
N THR D 85 31.15 28.91 5.14
CA THR D 85 31.92 29.26 6.33
C THR D 85 31.88 28.12 7.35
N SER D 86 32.79 28.17 8.32
CA SER D 86 32.88 27.17 9.39
C SER D 86 32.89 25.73 8.85
N LEU D 87 33.71 25.52 7.82
CA LEU D 87 33.80 24.25 7.11
C LEU D 87 34.25 23.08 7.99
N ARG D 88 33.69 21.89 7.71
CA ARG D 88 34.01 20.69 8.46
C ARG D 88 34.45 19.56 7.51
N SER D 89 34.88 18.44 8.08
CA SER D 89 35.20 17.25 7.29
C SER D 89 34.01 16.71 6.48
N GLU D 90 32.82 16.75 7.04
CA GLU D 90 31.59 16.36 6.32
C GLU D 90 31.45 17.05 4.96
N ASP D 91 31.98 18.25 4.84
CA ASP D 91 31.77 19.10 3.67
C ASP D 91 32.72 18.82 2.51
N THR D 92 33.73 17.96 2.71
CA THR D 92 34.61 17.59 1.61
C THR D 92 33.77 16.84 0.57
N ALA D 93 33.76 17.38 -0.66
CA ALA D 93 32.90 16.88 -1.72
C ALA D 93 33.14 17.62 -3.04
N ILE D 94 32.65 17.03 -4.13
CA ILE D 94 32.50 17.77 -5.38
C ILE D 94 31.21 18.56 -5.37
N TYR D 95 31.32 19.85 -5.69
CA TYR D 95 30.18 20.75 -5.73
C TYR D 95 29.72 21.09 -7.15
N TYR D 96 28.49 20.73 -7.44
CA TYR D 96 27.84 20.94 -8.73
C TYR D 96 26.85 22.10 -8.61
N CYS D 97 26.84 22.98 -9.60
CA CYS D 97 25.73 23.92 -9.77
C CYS D 97 24.81 23.35 -10.83
N ALA D 98 23.51 23.53 -10.65
CA ALA D 98 22.54 22.94 -11.57
C ALA D 98 21.41 23.90 -11.90
N ARG D 99 20.97 23.85 -13.15
CA ARG D 99 19.89 24.69 -13.64
C ARG D 99 18.49 24.19 -13.30
N GLY D 100 17.71 25.11 -12.74
CA GLY D 100 16.30 24.90 -12.46
C GLY D 100 15.54 25.30 -13.70
N ASN D 101 15.05 24.30 -14.42
CA ASN D 101 14.27 24.47 -15.63
C ASN D 101 12.84 24.72 -15.19
N GLY D 102 12.37 25.96 -15.36
CA GLY D 102 11.06 26.30 -14.86
C GLY D 102 9.81 25.72 -15.49
N TYR D 103 9.84 25.18 -16.70
CA TYR D 103 8.62 24.52 -17.15
C TYR D 103 8.46 23.22 -16.39
N TYR D 104 9.59 22.55 -16.11
CA TYR D 104 9.53 21.30 -15.37
C TYR D 104 9.74 21.46 -13.86
N ASP D 105 10.39 22.55 -13.43
CA ASP D 105 11.05 22.54 -12.11
C ASP D 105 11.91 21.32 -11.77
N ALA D 106 13.02 21.15 -12.49
CA ALA D 106 13.88 19.99 -12.31
C ALA D 106 15.29 20.36 -12.76
N LEU D 107 16.29 19.60 -12.32
CA LEU D 107 17.65 19.92 -12.72
C LEU D 107 18.09 19.27 -14.02
N ASP D 108 17.93 20.04 -15.08
CA ASP D 108 18.09 19.59 -16.44
C ASP D 108 19.53 19.75 -16.93
N TYR D 109 20.25 20.71 -16.34
CA TYR D 109 21.66 20.93 -16.70
C TYR D 109 22.56 20.98 -15.46
N TRP D 110 23.70 20.30 -15.55
CA TRP D 110 24.66 20.27 -14.46
C TRP D 110 26.04 20.72 -14.94
N GLY D 111 26.78 21.42 -14.09
CA GLY D 111 28.17 21.74 -14.40
C GLY D 111 29.06 20.53 -14.22
N GLN D 112 30.34 20.69 -14.52
CA GLN D 112 31.29 19.59 -14.33
C GLN D 112 31.67 19.44 -12.87
N GLY D 113 31.41 20.48 -12.07
CA GLY D 113 31.67 20.42 -10.65
C GLY D 113 33.03 20.99 -10.29
N THR D 114 33.16 21.47 -9.05
CA THR D 114 34.47 21.88 -8.54
C THR D 114 34.75 21.12 -7.25
N SER D 115 35.97 20.60 -7.12
CA SER D 115 36.27 19.75 -5.97
C SER D 115 36.74 20.54 -4.75
N VAL D 116 36.11 20.30 -3.61
CA VAL D 116 36.51 20.92 -2.35
C VAL D 116 36.98 19.85 -1.35
N THR D 117 38.21 19.99 -0.88
CA THR D 117 38.77 19.04 0.08
C THR D 117 39.07 19.73 1.41
N VAL D 118 38.44 19.23 2.47
CA VAL D 118 38.64 19.80 3.82
C VAL D 118 39.50 18.92 4.72
N SER D 119 40.76 19.30 4.90
CA SER D 119 41.67 18.58 5.80
C SER D 119 42.96 19.35 6.06
N SER D 120 43.77 18.81 6.98
CA SER D 120 45.05 19.41 7.36
C SER D 120 45.96 19.68 6.17
N GLU E 1 24.62 -8.89 -5.64
CA GLU E 1 24.64 -9.30 -4.24
C GLU E 1 23.25 -9.06 -3.65
N LEU E 2 22.84 -9.83 -2.65
CA LEU E 2 21.50 -9.64 -2.11
C LEU E 2 21.58 -8.75 -0.87
N ASP E 3 21.03 -7.54 -1.01
CA ASP E 3 21.03 -6.55 0.07
C ASP E 3 19.69 -6.20 0.71
N ILE E 4 19.34 -6.76 1.87
CA ILE E 4 18.05 -6.39 2.44
C ILE E 4 18.27 -5.01 3.07
N VAL E 5 17.57 -4.00 2.57
CA VAL E 5 17.65 -2.65 3.15
C VAL E 5 16.53 -2.25 4.11
N LEU E 6 16.90 -1.77 5.30
CA LEU E 6 15.90 -1.25 6.24
C LEU E 6 15.90 0.27 6.36
N THR E 7 14.75 0.88 6.06
CA THR E 7 14.58 2.33 6.13
C THR E 7 13.70 2.82 7.27
N GLN E 8 14.27 3.57 8.20
CA GLN E 8 13.48 4.14 9.27
C GLN E 8 13.01 5.52 8.87
N SER E 9 11.82 5.90 9.33
CA SER E 9 11.33 7.27 9.14
C SER E 9 10.46 7.72 10.31
N PRO E 10 10.55 9.00 10.67
CA PRO E 10 11.49 9.99 10.14
C PRO E 10 12.88 9.79 10.71
N LEU E 11 13.85 10.59 10.29
CA LEU E 11 15.19 10.50 10.84
C LEU E 11 15.22 11.13 12.22
N SER E 12 14.45 12.21 12.40
CA SER E 12 14.39 12.90 13.68
C SER E 12 12.96 13.17 14.12
N LEU E 13 12.66 12.85 15.37
CA LEU E 13 11.32 13.04 15.94
C LEU E 13 11.33 13.88 17.20
N PRO E 14 11.04 15.18 17.08
CA PRO E 14 11.01 15.97 18.30
C PRO E 14 9.68 15.76 19.03
N VAL E 15 9.73 15.58 20.34
CA VAL E 15 8.53 15.29 21.13
C VAL E 15 8.57 16.00 22.46
N SER E 16 7.40 16.18 23.07
CA SER E 16 7.32 16.49 24.49
C SER E 16 6.99 15.23 25.26
N LEU E 17 7.42 15.15 26.51
CA LEU E 17 7.08 14.04 27.38
C LEU E 17 5.57 13.90 27.50
N GLY E 18 5.08 12.67 27.35
CA GLY E 18 3.66 12.40 27.39
C GLY E 18 3.07 12.22 26.00
N ASP E 19 3.80 12.67 24.98
CA ASP E 19 3.37 12.54 23.60
C ASP E 19 3.31 11.09 23.14
N GLN E 20 2.40 10.80 22.23
CA GLN E 20 2.47 9.58 21.46
C GLN E 20 3.51 9.75 20.36
N ALA E 21 4.22 8.68 20.02
CA ALA E 21 5.20 8.75 18.94
C ALA E 21 5.24 7.46 18.14
N SER E 22 5.35 7.57 16.83
CA SER E 22 5.46 6.39 15.98
C SER E 22 6.67 6.45 15.06
N ILE E 23 7.32 5.30 14.87
CA ILE E 23 8.51 5.21 14.05
C ILE E 23 8.27 4.13 13.01
N SER E 24 8.59 4.41 11.76
CA SER E 24 8.33 3.45 10.69
C SER E 24 9.61 2.78 10.22
N CYS E 25 9.51 1.51 9.83
CA CYS E 25 10.62 0.79 9.23
C CYS E 25 10.12 -0.01 8.04
N ARG E 26 10.70 0.27 6.88
CA ARG E 26 10.32 -0.43 5.64
C ARG E 26 11.51 -1.21 5.05
N SER E 27 11.26 -2.46 4.67
CA SER E 27 12.28 -3.29 4.04
C SER E 27 12.16 -3.31 2.52
N SER E 28 13.29 -3.37 1.82
CA SER E 28 13.25 -3.32 0.36
C SER E 28 12.57 -4.55 -0.26
N GLN E 29 12.72 -5.70 0.38
CA GLN E 29 11.96 -6.91 0.04
C GLN E 29 11.35 -7.52 1.30
N SER E 30 10.42 -8.46 1.12
CA SER E 30 9.84 -9.17 2.26
C SER E 30 10.94 -9.79 3.11
N ILE E 31 10.82 -9.61 4.43
CA ILE E 31 11.70 -10.23 5.42
C ILE E 31 11.12 -11.40 6.20
N VAL E 32 10.16 -12.12 5.62
CA VAL E 32 9.77 -13.40 6.21
C VAL E 32 10.77 -14.53 5.95
N HIS E 33 11.35 -15.02 7.04
CA HIS E 33 12.30 -16.13 7.04
C HIS E 33 11.67 -17.45 6.65
N SER E 34 12.50 -18.36 6.15
CA SER E 34 12.11 -19.71 5.78
C SER E 34 11.51 -20.49 6.95
N ASN E 35 11.80 -20.05 8.18
CA ASN E 35 11.22 -20.69 9.35
C ASN E 35 9.76 -20.28 9.61
N GLY E 36 9.26 -19.35 8.81
CA GLY E 36 7.86 -18.98 8.88
C GLY E 36 7.72 -17.75 9.77
N ASN E 37 8.79 -17.47 10.49
CA ASN E 37 8.88 -16.32 11.39
C ASN E 37 9.36 -15.06 10.69
N THR E 38 8.95 -13.92 11.22
CA THR E 38 9.45 -12.65 10.71
C THR E 38 10.27 -11.96 11.79
N TYR E 39 11.56 -11.83 11.53
CA TYR E 39 12.49 -11.31 12.53
C TYR E 39 12.77 -9.82 12.38
N LEU E 40 11.78 -9.02 12.73
CA LEU E 40 11.96 -7.58 12.68
C LEU E 40 12.00 -7.20 14.15
N GLU E 41 13.06 -6.51 14.53
CA GLU E 41 13.32 -6.20 15.91
C GLU E 41 13.55 -4.71 16.08
N TRP E 42 13.29 -4.22 17.29
CA TRP E 42 13.59 -2.83 17.59
C TRP E 42 14.52 -2.78 18.79
N TYR E 43 15.53 -1.93 18.64
CA TYR E 43 16.54 -1.69 19.66
C TYR E 43 16.61 -0.21 19.99
N LEU E 44 16.89 0.09 21.24
CA LEU E 44 17.09 1.46 21.70
C LEU E 44 18.53 1.65 22.17
N GLN E 45 19.14 2.75 21.73
CA GLN E 45 20.47 3.11 22.24
C GLN E 45 20.44 4.54 22.75
N LYS E 46 20.91 4.71 23.98
CA LYS E 46 21.06 6.03 24.58
C LYS E 46 22.52 6.48 24.48
N PRO E 47 22.78 7.79 24.53
CA PRO E 47 24.16 8.25 24.36
C PRO E 47 25.15 7.70 25.40
N GLY E 48 26.32 7.27 24.92
CA GLY E 48 27.36 6.67 25.73
C GLY E 48 26.98 5.31 26.31
N GLN E 49 25.84 4.76 25.89
CA GLN E 49 25.41 3.45 26.37
C GLN E 49 25.30 2.42 25.23
N SER E 50 25.35 1.15 25.58
CA SER E 50 25.10 0.06 24.63
C SER E 50 23.61 -0.05 24.30
N PRO E 51 23.30 -0.54 23.08
CA PRO E 51 21.91 -0.81 22.69
C PRO E 51 21.24 -1.86 23.57
N LYS E 52 19.92 -1.78 23.68
CA LYS E 52 19.13 -2.80 24.36
C LYS E 52 17.94 -3.24 23.52
N LEU E 53 17.57 -4.51 23.63
CA LEU E 53 16.46 -5.05 22.86
C LEU E 53 15.14 -4.51 23.42
N LEU E 54 14.30 -4.00 22.53
CA LEU E 54 12.96 -3.59 22.90
C LEU E 54 11.92 -4.56 22.36
N ILE E 55 12.00 -4.85 21.08
CA ILE E 55 10.93 -5.63 20.44
C ILE E 55 11.53 -6.72 19.59
N TYR E 56 10.93 -7.91 19.67
CA TYR E 56 11.34 -9.01 18.81
C TYR E 56 10.11 -9.64 18.16
N LYS E 57 10.36 -10.39 17.09
CA LYS E 57 9.31 -11.03 16.29
C LYS E 57 8.13 -10.10 16.01
N VAL E 58 8.46 -8.89 15.54
CA VAL E 58 7.53 -7.82 15.11
C VAL E 58 6.74 -7.15 16.24
N SER E 59 6.10 -7.93 17.13
CA SER E 59 5.13 -7.34 18.05
C SER E 59 5.26 -7.78 19.51
N ASN E 60 6.26 -8.59 19.79
CA ASN E 60 6.47 -9.12 21.14
C ASN E 60 7.39 -8.23 21.95
N ARG E 61 6.96 -7.82 23.14
CA ARG E 61 7.85 -7.05 24.00
C ARG E 61 8.84 -7.97 24.69
N PHE E 62 10.10 -7.57 24.65
CA PHE E 62 11.16 -8.26 25.39
C PHE E 62 10.99 -8.07 26.89
N SER E 63 11.48 -9.04 27.66
CA SER E 63 11.46 -8.96 29.12
C SER E 63 11.99 -7.61 29.60
N GLY E 64 11.21 -6.94 30.44
CA GLY E 64 11.64 -5.69 31.04
C GLY E 64 11.21 -4.44 30.28
N VAL E 65 10.74 -4.64 29.05
CA VAL E 65 10.28 -3.53 28.22
C VAL E 65 8.87 -3.13 28.67
N PRO E 66 8.67 -1.85 29.01
CA PRO E 66 7.36 -1.44 29.54
C PRO E 66 6.27 -1.49 28.47
N ASP E 67 5.03 -1.68 28.89
CA ASP E 67 3.93 -1.87 27.96
C ASP E 67 3.58 -0.65 27.10
N ARG E 68 4.17 0.50 27.41
CA ARG E 68 3.99 1.69 26.57
C ARG E 68 4.62 1.48 25.19
N PHE E 69 5.50 0.49 25.09
CA PHE E 69 6.10 0.12 23.81
C PHE E 69 5.27 -0.97 23.16
N SER E 70 4.94 -0.78 21.89
CA SER E 70 4.25 -1.81 21.13
C SER E 70 4.74 -1.84 19.70
N GLY E 71 4.86 -3.05 19.15
CA GLY E 71 5.32 -3.21 17.80
C GLY E 71 4.24 -3.80 16.92
N SER E 72 4.20 -3.37 15.66
CA SER E 72 3.23 -3.87 14.72
C SER E 72 3.83 -3.88 13.31
N GLY E 73 3.09 -4.46 12.38
CA GLY E 73 3.52 -4.48 10.99
C GLY E 73 3.19 -5.76 10.26
N SER E 74 3.31 -5.71 8.94
CA SER E 74 3.05 -6.85 8.10
C SER E 74 3.82 -6.77 6.79
N GLY E 75 4.44 -7.88 6.43
CA GLY E 75 5.01 -8.05 5.10
C GLY E 75 6.23 -7.22 4.79
N THR E 76 6.00 -5.98 4.37
CA THR E 76 7.08 -5.08 4.09
C THR E 76 7.03 -3.80 4.90
N ASP E 77 5.98 -3.65 5.70
CA ASP E 77 5.70 -2.38 6.39
C ASP E 77 5.66 -2.57 7.91
N PHE E 78 6.48 -1.85 8.67
CA PHE E 78 6.54 -2.11 10.10
C PHE E 78 6.57 -0.82 10.90
N THR E 79 5.99 -0.86 12.11
CA THR E 79 5.88 0.31 12.95
C THR E 79 6.16 0.02 14.43
N LEU E 80 6.93 0.89 15.07
CA LEU E 80 7.06 0.88 16.52
C LEU E 80 6.31 2.08 17.11
N LYS E 81 5.38 1.80 18.02
CA LYS E 81 4.60 2.84 18.67
C LYS E 81 4.87 2.97 20.18
N ILE E 82 5.02 4.22 20.61
CA ILE E 82 5.15 4.59 22.01
C ILE E 82 3.95 5.42 22.45
N SER E 83 3.11 4.86 23.33
CA SER E 83 1.83 5.47 23.68
C SER E 83 2.03 6.80 24.41
N ARG E 84 3.12 6.89 25.17
CA ARG E 84 3.40 8.08 25.97
C ARG E 84 4.90 8.14 26.23
N VAL E 85 5.56 9.11 25.60
CA VAL E 85 7.02 9.18 25.67
C VAL E 85 7.48 9.65 27.04
N GLU E 86 8.30 8.84 27.69
CA GLU E 86 8.87 9.22 28.96
C GLU E 86 10.32 9.65 28.76
N ALA E 87 10.87 10.36 29.74
CA ALA E 87 12.23 10.87 29.65
C ALA E 87 13.24 9.76 29.35
N GLU E 88 13.04 8.59 29.94
CA GLU E 88 13.96 7.47 29.75
C GLU E 88 13.86 6.82 28.38
N ASP E 89 12.91 7.24 27.55
CA ASP E 89 12.72 6.65 26.23
C ASP E 89 13.51 7.38 25.14
N LEU E 90 14.04 8.54 25.49
CA LEU E 90 14.76 9.38 24.53
C LEU E 90 16.10 8.76 24.13
N GLY E 91 16.39 8.77 22.83
CA GLY E 91 17.56 8.09 22.31
C GLY E 91 17.38 7.73 20.85
N VAL E 92 18.24 6.88 20.31
CA VAL E 92 18.13 6.51 18.90
C VAL E 92 17.61 5.08 18.79
N TYR E 93 16.57 4.93 17.96
CA TYR E 93 15.94 3.64 17.73
C TYR E 93 16.37 3.04 16.41
N TYR E 94 16.73 1.76 16.45
CA TYR E 94 17.13 1.05 15.24
C TYR E 94 16.20 -0.14 15.03
N CYS E 95 15.71 -0.32 13.80
CA CYS E 95 15.10 -1.60 13.47
C CYS E 95 16.16 -2.54 12.91
N PHE E 96 15.90 -3.84 12.97
CA PHE E 96 16.87 -4.84 12.53
C PHE E 96 16.17 -6.07 12.00
N GLN E 97 16.64 -6.60 10.87
CA GLN E 97 16.10 -7.85 10.36
C GLN E 97 17.15 -8.97 10.47
N GLY E 98 16.75 -10.09 11.05
CA GLY E 98 17.62 -11.23 11.15
C GLY E 98 17.14 -12.40 10.31
N SER E 99 16.35 -12.11 9.28
CA SER E 99 15.77 -13.16 8.45
C SER E 99 16.72 -13.57 7.32
N HIS E 100 17.25 -12.57 6.62
CA HIS E 100 18.08 -12.83 5.44
C HIS E 100 19.48 -12.25 5.59
N VAL E 101 20.47 -13.12 5.43
CA VAL E 101 21.87 -12.73 5.43
C VAL E 101 22.21 -12.01 4.13
N PRO E 102 23.01 -10.93 4.22
CA PRO E 102 23.53 -10.33 5.46
C PRO E 102 22.50 -9.56 6.25
N TYR E 103 22.56 -9.68 7.57
CA TYR E 103 21.62 -8.99 8.45
C TYR E 103 21.92 -7.50 8.39
N THR E 104 20.91 -6.67 8.64
CA THR E 104 21.04 -5.23 8.45
C THR E 104 20.24 -4.43 9.46
N PHE E 105 20.83 -3.31 9.88
CA PHE E 105 20.14 -2.30 10.68
C PHE E 105 19.58 -1.20 9.78
N GLY E 106 18.50 -0.57 10.22
CA GLY E 106 18.09 0.70 9.66
C GLY E 106 19.07 1.80 9.99
N GLY E 107 18.88 2.97 9.38
CA GLY E 107 19.82 4.05 9.56
C GLY E 107 19.61 4.75 10.88
N GLY E 108 18.54 4.40 11.58
CA GLY E 108 18.27 4.99 12.87
C GLY E 108 17.27 6.13 12.87
N THR E 109 16.55 6.26 13.97
CA THR E 109 15.64 7.39 14.17
C THR E 109 15.90 8.01 15.52
N LYS E 110 16.17 9.31 15.54
CA LYS E 110 16.47 9.94 16.83
C LYS E 110 15.22 10.50 17.50
N LEU E 111 14.85 9.91 18.63
CA LEU E 111 13.73 10.35 19.44
C LEU E 111 14.24 11.35 20.47
N GLU E 112 13.86 12.61 20.31
CA GLU E 112 14.43 13.66 21.13
C GLU E 112 13.37 14.60 21.68
N ILE E 113 13.67 15.21 22.83
CA ILE E 113 12.75 16.13 23.48
C ILE E 113 12.73 17.45 22.71
N LYS E 114 11.57 18.09 22.59
CA LYS E 114 11.56 19.44 22.04
C LYS E 114 12.13 20.49 22.97
N THR E 115 12.80 21.46 22.37
CA THR E 115 13.27 22.66 23.06
C THR E 115 12.78 23.93 22.36
N GLU F 2 24.39 -11.99 37.69
CA GLU F 2 23.81 -11.39 36.49
C GLU F 2 24.64 -11.70 35.24
N VAL F 3 23.98 -11.61 34.09
CA VAL F 3 24.57 -11.93 32.80
C VAL F 3 25.51 -10.81 32.37
N ASN F 4 26.76 -11.15 32.08
CA ASN F 4 27.72 -10.17 31.57
C ASN F 4 28.49 -10.59 30.32
N LEU F 5 28.68 -9.62 29.42
CA LEU F 5 29.54 -9.80 28.25
C LEU F 5 30.55 -8.66 28.19
N VAL F 6 31.84 -9.03 28.21
CA VAL F 6 32.91 -8.04 28.23
C VAL F 6 33.95 -8.26 27.13
N GLU F 7 33.98 -7.32 26.19
CA GLU F 7 34.85 -7.38 25.03
C GLU F 7 36.24 -6.78 25.31
N SER F 8 37.26 -7.30 24.64
CA SER F 8 38.63 -6.78 24.77
C SER F 8 39.42 -6.98 23.48
N GLY F 9 40.62 -6.39 23.41
CA GLY F 9 41.48 -6.59 22.26
C GLY F 9 41.56 -5.43 21.29
N GLY F 10 40.72 -4.42 21.50
CA GLY F 10 40.66 -3.23 20.65
C GLY F 10 41.86 -2.31 20.73
N GLY F 11 41.72 -1.12 20.14
CA GLY F 11 42.78 -0.13 20.16
C GLY F 11 43.14 0.49 18.82
N LEU F 12 44.29 1.16 18.77
CA LEU F 12 44.75 1.82 17.56
C LEU F 12 45.58 0.93 16.64
N VAL F 13 45.24 0.95 15.35
CA VAL F 13 45.87 0.10 14.35
C VAL F 13 45.95 0.87 13.03
N GLN F 14 47.01 0.66 12.26
CA GLN F 14 47.18 1.34 10.98
C GLN F 14 46.31 0.66 9.91
N PRO F 15 45.95 1.42 8.87
CA PRO F 15 45.31 0.82 7.70
C PRO F 15 46.17 -0.28 7.07
N GLY F 16 45.52 -1.36 6.67
CA GLY F 16 46.19 -2.54 6.17
C GLY F 16 46.64 -3.43 7.32
N GLY F 17 46.51 -2.93 8.54
CA GLY F 17 46.96 -3.66 9.71
C GLY F 17 45.97 -4.72 10.12
N SER F 18 46.27 -5.43 11.20
CA SER F 18 45.40 -6.50 11.69
C SER F 18 45.13 -6.36 13.19
N ARG F 19 44.00 -6.90 13.65
CA ARG F 19 43.68 -6.89 15.07
C ARG F 19 42.66 -7.98 15.39
N LYS F 20 42.85 -8.68 16.50
CA LYS F 20 41.92 -9.72 16.93
C LYS F 20 41.13 -9.37 18.21
N LEU F 21 39.80 -9.24 18.06
CA LEU F 21 38.92 -8.96 19.19
C LEU F 21 38.39 -10.20 19.90
N SER F 22 38.13 -10.06 21.20
CA SER F 22 37.51 -11.12 21.99
C SER F 22 36.29 -10.60 22.77
N CYS F 23 35.42 -11.52 23.18
CA CYS F 23 34.25 -11.22 24.00
C CYS F 23 34.05 -12.33 25.04
N ALA F 24 34.27 -11.99 26.30
CA ALA F 24 34.12 -12.95 27.40
C ALA F 24 32.71 -12.95 27.97
N ALA F 25 32.11 -14.14 28.04
CA ALA F 25 30.73 -14.29 28.49
C ALA F 25 30.62 -14.94 29.86
N SER F 26 29.65 -14.47 30.65
CA SER F 26 29.32 -15.11 31.93
C SER F 26 27.85 -14.96 32.29
N GLY F 27 27.40 -15.83 33.19
CA GLY F 27 26.07 -15.76 33.77
C GLY F 27 25.03 -16.53 32.98
N PHE F 28 25.47 -17.19 31.90
CA PHE F 28 24.58 -18.08 31.15
C PHE F 28 25.36 -19.20 30.49
N THR F 29 24.66 -20.24 30.04
CA THR F 29 25.30 -21.34 29.33
C THR F 29 25.61 -20.85 27.91
N PHE F 30 26.84 -20.40 27.71
CA PHE F 30 27.27 -19.78 26.45
C PHE F 30 27.06 -20.64 25.21
N SER F 31 27.28 -21.95 25.34
CA SER F 31 27.19 -22.86 24.20
C SER F 31 25.77 -23.12 23.69
N SER F 32 24.75 -22.64 24.41
CA SER F 32 23.36 -22.81 23.99
C SER F 32 22.85 -21.64 23.16
N PHE F 33 23.70 -20.63 22.98
CA PHE F 33 23.26 -19.39 22.33
C PHE F 33 24.17 -19.01 21.17
N GLY F 34 23.57 -18.57 20.07
CA GLY F 34 24.28 -17.89 19.00
C GLY F 34 24.83 -16.54 19.41
N MET F 35 25.79 -16.05 18.64
CA MET F 35 26.47 -14.80 18.96
C MET F 35 26.69 -13.91 17.72
N HIS F 36 26.63 -12.61 17.93
CA HIS F 36 26.78 -11.64 16.85
C HIS F 36 27.84 -10.58 17.14
N TRP F 37 28.44 -10.04 16.08
CA TRP F 37 29.19 -8.80 16.18
C TRP F 37 28.41 -7.72 15.43
N VAL F 38 28.29 -6.57 16.10
CA VAL F 38 27.63 -5.37 15.60
C VAL F 38 28.55 -4.15 15.78
N ARG F 39 28.61 -3.27 14.79
CA ARG F 39 29.47 -2.09 14.92
C ARG F 39 28.77 -0.75 14.82
N GLN F 40 29.51 0.28 15.23
CA GLN F 40 28.98 1.63 15.20
C GLN F 40 30.11 2.64 14.96
N ALA F 41 30.12 3.21 13.76
CA ALA F 41 31.08 4.23 13.39
C ALA F 41 30.78 5.55 14.10
N PRO F 42 31.79 6.41 14.31
CA PRO F 42 31.59 7.71 14.95
C PRO F 42 30.47 8.52 14.28
N GLU F 43 29.49 8.97 15.06
CA GLU F 43 28.37 9.76 14.54
C GLU F 43 27.54 9.00 13.51
N LYS F 44 27.53 7.68 13.60
CA LYS F 44 26.83 6.85 12.61
C LYS F 44 25.83 5.92 13.28
N GLY F 45 25.05 5.22 12.46
CA GLY F 45 24.07 4.29 12.98
C GLY F 45 24.71 2.94 13.22
N LEU F 46 23.94 1.99 13.73
CA LEU F 46 24.48 0.65 13.96
C LEU F 46 24.62 -0.09 12.65
N GLU F 47 25.69 -0.88 12.54
CA GLU F 47 25.93 -1.69 11.35
C GLU F 47 26.26 -3.11 11.79
N TRP F 48 25.44 -4.06 11.37
CA TRP F 48 25.67 -5.47 11.66
C TRP F 48 26.91 -5.98 10.95
N VAL F 49 27.73 -6.74 11.67
CA VAL F 49 29.00 -7.20 11.14
C VAL F 49 29.05 -8.69 10.87
N ALA F 50 28.66 -9.51 11.85
CA ALA F 50 28.80 -10.96 11.66
C ALA F 50 28.01 -11.81 12.66
N HIS F 51 27.78 -13.07 12.30
CA HIS F 51 27.08 -13.99 13.19
C HIS F 51 27.72 -15.38 13.19
N ILE F 52 27.68 -16.03 14.36
CA ILE F 52 28.08 -17.42 14.48
C ILE F 52 27.11 -18.19 15.37
N SER F 53 26.66 -19.34 14.89
CA SER F 53 25.73 -20.18 15.63
C SER F 53 26.43 -20.79 16.84
N SER F 54 25.65 -21.41 17.73
CA SER F 54 26.18 -21.93 19.00
C SER F 54 27.29 -22.95 18.77
N GLY F 55 27.13 -23.80 17.77
CA GLY F 55 28.11 -24.83 17.46
C GLY F 55 29.05 -24.50 16.32
N SER F 56 29.05 -23.23 15.88
CA SER F 56 29.94 -22.75 14.83
C SER F 56 29.63 -23.34 13.45
N ARG F 57 28.52 -24.04 13.35
CA ARG F 57 28.11 -24.62 12.06
C ARG F 57 27.56 -23.55 11.12
N THR F 58 27.03 -22.47 11.68
CA THR F 58 26.50 -21.38 10.87
C THR F 58 27.28 -20.10 11.11
N ILE F 59 27.84 -19.56 10.03
CA ILE F 59 28.64 -18.35 10.08
C ILE F 59 28.25 -17.42 8.95
N ASP F 60 27.97 -16.16 9.27
CA ASP F 60 27.60 -15.19 8.24
C ASP F 60 28.27 -13.83 8.43
N TYR F 61 28.49 -13.13 7.32
CA TYR F 61 29.23 -11.88 7.32
C TYR F 61 28.47 -10.76 6.61
N ALA F 62 28.68 -9.53 7.05
CA ALA F 62 28.22 -8.36 6.31
C ALA F 62 29.00 -8.24 5.00
N ASP F 63 28.36 -7.69 3.97
CA ASP F 63 28.98 -7.58 2.64
C ASP F 63 30.29 -6.78 2.71
N THR F 64 30.32 -5.78 3.57
CA THR F 64 31.45 -4.87 3.66
C THR F 64 32.68 -5.53 4.29
N VAL F 65 32.49 -6.73 4.85
CA VAL F 65 33.59 -7.46 5.49
C VAL F 65 33.90 -8.84 4.91
N LYS F 66 33.07 -9.32 3.98
CA LYS F 66 33.30 -10.64 3.39
C LYS F 66 34.70 -10.72 2.78
N GLY F 67 35.42 -11.80 3.09
CA GLY F 67 36.76 -11.96 2.56
C GLY F 67 37.83 -11.28 3.39
N ARG F 68 37.41 -10.50 4.38
CA ARG F 68 38.34 -9.77 5.24
C ARG F 68 38.26 -10.11 6.73
N PHE F 69 37.06 -10.43 7.21
CA PHE F 69 36.88 -10.71 8.63
C PHE F 69 36.58 -12.18 8.86
N THR F 70 37.02 -12.71 9.99
CA THR F 70 36.71 -14.09 10.31
C THR F 70 36.22 -14.16 11.75
N ILE F 71 35.00 -14.64 11.90
CA ILE F 71 34.40 -14.82 13.20
C ILE F 71 34.62 -16.25 13.69
N SER F 72 34.90 -16.41 14.98
CA SER F 72 35.05 -17.76 15.51
C SER F 72 34.60 -17.76 16.96
N ARG F 73 34.47 -18.95 17.54
CA ARG F 73 34.10 -19.03 18.94
C ARG F 73 34.70 -20.26 19.62
N ASP F 74 34.94 -20.14 20.92
CA ASP F 74 35.38 -21.26 21.74
C ASP F 74 34.42 -21.46 22.92
N ASN F 75 33.49 -22.40 22.76
CA ASN F 75 32.45 -22.68 23.75
C ASN F 75 32.97 -23.14 25.12
N PRO F 76 33.93 -24.10 25.15
CA PRO F 76 34.48 -24.46 26.47
C PRO F 76 35.14 -23.31 27.21
N LYS F 77 35.72 -22.37 26.47
CA LYS F 77 36.39 -21.23 27.11
C LYS F 77 35.44 -20.05 27.25
N ASN F 78 34.18 -20.26 26.88
CA ASN F 78 33.14 -19.24 26.96
C ASN F 78 33.53 -17.95 26.27
N THR F 79 34.16 -18.05 25.10
CA THR F 79 34.71 -16.84 24.48
C THR F 79 34.35 -16.70 23.00
N LEU F 80 33.91 -15.51 22.60
CA LEU F 80 33.69 -15.24 21.19
C LEU F 80 34.86 -14.45 20.63
N PHE F 81 35.25 -14.72 19.38
CA PHE F 81 36.33 -13.97 18.77
C PHE F 81 35.96 -13.40 17.40
N LEU F 82 36.62 -12.30 17.06
CA LEU F 82 36.58 -11.76 15.71
C LEU F 82 37.99 -11.38 15.27
N GLN F 83 38.57 -12.18 14.39
CA GLN F 83 39.86 -11.87 13.80
C GLN F 83 39.71 -10.97 12.59
N MET F 84 40.30 -9.78 12.68
CA MET F 84 40.24 -8.81 11.59
C MET F 84 41.59 -8.62 10.90
N THR F 85 41.57 -8.59 9.57
CA THR F 85 42.78 -8.35 8.78
C THR F 85 42.49 -7.32 7.69
N SER F 86 43.56 -6.77 7.12
CA SER F 86 43.49 -5.77 6.05
C SER F 86 42.54 -4.62 6.40
N LEU F 87 42.67 -4.13 7.62
CA LEU F 87 41.81 -3.08 8.17
C LEU F 87 41.88 -1.76 7.39
N ARG F 88 40.75 -1.06 7.28
CA ARG F 88 40.72 0.21 6.56
C ARG F 88 40.09 1.30 7.44
N SER F 89 40.12 2.53 6.94
CA SER F 89 39.44 3.66 7.61
C SER F 89 37.94 3.48 7.79
N GLU F 90 37.29 2.87 6.80
CA GLU F 90 35.86 2.54 6.88
C GLU F 90 35.51 1.78 8.17
N ASP F 91 36.49 1.03 8.65
CA ASP F 91 36.33 0.08 9.75
C ASP F 91 36.48 0.66 11.16
N THR F 92 36.88 1.94 11.25
CA THR F 92 36.97 2.60 12.56
C THR F 92 35.60 2.68 13.19
N ALA F 93 35.47 2.09 14.38
CA ALA F 93 34.15 1.95 15.02
C ALA F 93 34.26 1.33 16.40
N ILE F 94 33.17 1.45 17.16
CA ILE F 94 32.97 0.64 18.35
C ILE F 94 32.39 -0.72 17.97
N TYR F 95 33.03 -1.78 18.47
CA TYR F 95 32.63 -3.16 18.22
C TYR F 95 31.93 -3.80 19.42
N TYR F 96 30.68 -4.18 19.21
CA TYR F 96 29.84 -4.81 20.22
C TYR F 96 29.72 -6.31 19.95
N CYS F 97 29.83 -7.13 21.00
CA CYS F 97 29.43 -8.52 20.89
C CYS F 97 28.03 -8.63 21.50
N ALA F 98 27.17 -9.46 20.91
CA ALA F 98 25.79 -9.56 21.36
C ALA F 98 25.29 -11.01 21.42
N ARG F 99 24.48 -11.31 22.44
CA ARG F 99 23.91 -12.65 22.62
C ARG F 99 22.68 -12.92 21.78
N GLY F 100 22.72 -14.03 21.09
CA GLY F 100 21.60 -14.55 20.33
C GLY F 100 20.74 -15.41 21.26
N ASN F 101 19.59 -14.88 21.66
CA ASN F 101 18.64 -15.58 22.51
C ASN F 101 17.77 -16.45 21.64
N GLY F 102 17.97 -17.76 21.75
CA GLY F 102 17.26 -18.68 20.86
C GLY F 102 15.76 -18.88 20.98
N TYR F 103 15.13 -18.53 22.09
CA TYR F 103 13.67 -18.65 22.07
C TYR F 103 13.11 -17.52 21.21
N TYR F 104 13.76 -16.36 21.27
CA TYR F 104 13.32 -15.24 20.47
C TYR F 104 14.05 -15.09 19.14
N ASP F 105 15.25 -15.65 19.02
CA ASP F 105 16.20 -15.17 17.99
C ASP F 105 16.40 -13.66 17.88
N ALA F 106 16.98 -13.04 18.90
CA ALA F 106 17.15 -11.59 18.92
C ALA F 106 18.31 -11.27 19.84
N LEU F 107 18.88 -10.07 19.69
CA LEU F 107 20.00 -9.70 20.54
C LEU F 107 19.55 -9.02 21.83
N ASP F 108 19.44 -9.86 22.85
CA ASP F 108 18.85 -9.50 24.12
C ASP F 108 19.89 -8.95 25.09
N TYR F 109 21.15 -9.33 24.89
CA TYR F 109 22.25 -8.83 25.72
C TYR F 109 23.41 -8.29 24.89
N TRP F 110 23.93 -7.12 25.29
CA TRP F 110 25.05 -6.49 24.61
C TRP F 110 26.19 -6.21 25.58
N GLY F 111 27.43 -6.32 25.09
CA GLY F 111 28.59 -5.92 25.86
C GLY F 111 28.75 -4.41 25.92
N GLN F 112 29.75 -3.93 26.65
CA GLN F 112 30.00 -2.49 26.69
C GLN F 112 30.71 -2.02 25.43
N GLY F 113 31.28 -2.97 24.70
CA GLY F 113 31.93 -2.67 23.43
C GLY F 113 33.42 -2.41 23.58
N THR F 114 34.17 -2.64 22.50
CA THR F 114 35.58 -2.27 22.49
C THR F 114 35.85 -1.39 21.27
N SER F 115 36.59 -0.30 21.48
CA SER F 115 36.80 0.67 20.42
C SER F 115 37.99 0.32 19.53
N VAL F 116 37.76 0.29 18.22
CA VAL F 116 38.86 0.07 17.27
C VAL F 116 39.05 1.29 16.38
N THR F 117 40.26 1.85 16.41
CA THR F 117 40.56 3.02 15.59
C THR F 117 41.63 2.72 14.54
N VAL F 118 41.26 2.91 13.28
CA VAL F 118 42.15 2.69 12.14
C VAL F 118 42.64 3.98 11.47
N SER F 119 43.89 4.38 11.74
CA SER F 119 44.44 5.56 11.08
C SER F 119 45.95 5.72 11.29
N SER F 120 46.52 6.69 10.58
CA SER F 120 47.96 7.00 10.64
C SER F 120 48.45 7.19 12.06
#